data_7CSA
#
_entry.id   7CSA
#
_cell.length_a   74.265
_cell.length_b   144.311
_cell.length_c   77.260
_cell.angle_alpha   90.000
_cell.angle_beta   116.278
_cell.angle_gamma   90.000
#
_symmetry.space_group_name_H-M   'P 1 21 1'
#
loop_
_entity.id
_entity.type
_entity.pdbx_description
1 polymer 'Pinoresinol reductase 1'
2 non-polymer 'NADPH DIHYDRO-NICOTINAMIDE-ADENINE-DINUCLEOTIDE PHOSPHATE'
3 water water
#
_entity_poly.entity_id   1
_entity_poly.type   'polypeptide(L)'
_entity_poly.pdbx_seq_one_letter_code
;MGESKRTEKTRVLVVGATGYIGKRIVRACLAEGHETYVLQRPEIGLEIEKVQLFLSFKKLGARIVEGSFSDHQSLVSAVK
LVDVVVSAMSGVHFRSHNILVQLKLVEAIKEAGNVKRFLPSEFGMDPPRMGHALPPGRETFDQKMEVRQAIEAAGIPYTY
VVGACFAAYFAGNLSQMVTLLPPKEKVNIYGDGNVKVVFADEDDIAKYTAKTLNDPRTLNKTVNIRPPDNVLTQLELVQI
WEKLTGKELEKTNIAAQDFLANIEQMEIPHQAGIGHFYHIFYEGCLTDHEVGEDEEASSLYPDVKYKRMDDYLRMFL
;
_entity_poly.pdbx_strand_id   A,B,C,D
#
loop_
_chem_comp.id
_chem_comp.type
_chem_comp.name
_chem_comp.formula
NDP non-polymer 'NADPH DIHYDRO-NICOTINAMIDE-ADENINE-DINUCLEOTIDE PHOSPHATE' 'C21 H30 N7 O17 P3'
#
# COMPACT_ATOMS: atom_id res chain seq x y z
N GLU A 8 -32.97 -7.14 -35.96
CA GLU A 8 -33.58 -5.92 -35.44
C GLU A 8 -33.37 -5.78 -33.94
N LYS A 9 -32.52 -6.63 -33.37
CA LYS A 9 -32.03 -6.41 -32.02
C LYS A 9 -31.06 -5.24 -32.03
N THR A 10 -31.17 -4.37 -31.03
CA THR A 10 -30.16 -3.34 -30.82
C THR A 10 -28.87 -3.99 -30.34
N ARG A 11 -27.75 -3.66 -30.97
CA ARG A 11 -26.44 -4.16 -30.52
C ARG A 11 -25.83 -3.17 -29.52
N VAL A 12 -25.49 -3.67 -28.34
CA VAL A 12 -25.03 -2.84 -27.23
C VAL A 12 -23.67 -3.33 -26.78
N LEU A 13 -22.73 -2.41 -26.59
CA LEU A 13 -21.46 -2.73 -25.94
C LEU A 13 -21.45 -2.13 -24.54
N VAL A 14 -21.21 -2.97 -23.53
CA VAL A 14 -21.05 -2.51 -22.15
C VAL A 14 -19.57 -2.47 -21.83
N VAL A 15 -19.08 -1.29 -21.42
CA VAL A 15 -17.69 -1.10 -21.01
C VAL A 15 -17.70 -0.79 -19.51
N GLY A 16 -16.98 -1.59 -18.74
CA GLY A 16 -17.22 -1.68 -17.32
C GLY A 16 -18.15 -2.81 -16.93
N ALA A 17 -18.15 -3.90 -17.70
CA ALA A 17 -19.13 -4.97 -17.59
C ALA A 17 -19.05 -5.74 -16.28
N THR A 18 -17.91 -5.72 -15.57
CA THR A 18 -17.85 -6.39 -14.28
C THR A 18 -17.98 -5.43 -13.12
N GLY A 19 -18.35 -4.18 -13.39
CA GLY A 19 -18.55 -3.22 -12.32
C GLY A 19 -19.81 -3.50 -11.49
N TYR A 20 -19.97 -2.69 -10.43
CA TYR A 20 -21.10 -2.88 -9.53
C TYR A 20 -22.42 -2.61 -10.24
N ILE A 21 -22.57 -1.42 -10.81
CA ILE A 21 -23.74 -1.22 -11.67
C ILE A 21 -23.52 -1.87 -13.05
N GLY A 22 -22.27 -2.03 -13.48
CA GLY A 22 -22.05 -2.51 -14.84
C GLY A 22 -22.53 -3.94 -15.03
N LYS A 23 -22.30 -4.80 -14.04
CA LYS A 23 -22.69 -6.19 -14.22
C LYS A 23 -24.21 -6.31 -14.26
N ARG A 24 -24.90 -5.45 -13.49
CA ARG A 24 -26.36 -5.43 -13.52
C ARG A 24 -26.88 -4.94 -14.85
N ILE A 25 -26.18 -3.97 -15.46
CA ILE A 25 -26.59 -3.51 -16.79
C ILE A 25 -26.40 -4.61 -17.82
N VAL A 26 -25.30 -5.37 -17.74
CA VAL A 26 -25.11 -6.48 -18.67
C VAL A 26 -26.30 -7.42 -18.61
N ARG A 27 -26.67 -7.87 -17.41
CA ARG A 27 -27.75 -8.84 -17.29
C ARG A 27 -29.09 -8.25 -17.69
N ALA A 28 -29.30 -6.96 -17.42
CA ALA A 28 -30.54 -6.33 -17.83
C ALA A 28 -30.60 -6.19 -19.35
N CYS A 29 -29.47 -5.92 -20.00
CA CYS A 29 -29.49 -5.86 -21.48
C CYS A 29 -29.80 -7.23 -22.07
N LEU A 30 -29.22 -8.29 -21.50
CA LEU A 30 -29.55 -9.63 -21.97
C LEU A 30 -31.03 -9.92 -21.79
N ALA A 31 -31.56 -9.74 -20.57
CA ALA A 31 -32.98 -9.98 -20.35
C ALA A 31 -33.83 -9.17 -21.33
N GLU A 32 -33.40 -7.95 -21.63
CA GLU A 32 -34.24 -7.08 -22.45
C GLU A 32 -34.27 -7.52 -23.91
N GLY A 33 -33.32 -8.32 -24.33
CA GLY A 33 -33.28 -8.81 -25.70
C GLY A 33 -32.22 -8.17 -26.57
N HIS A 34 -31.51 -7.18 -26.07
CA HIS A 34 -30.40 -6.59 -26.81
C HIS A 34 -29.34 -7.63 -27.13
N GLU A 35 -28.69 -7.47 -28.29
CA GLU A 35 -27.51 -8.25 -28.62
C GLU A 35 -26.35 -7.63 -27.86
N THR A 36 -25.93 -8.28 -26.79
CA THR A 36 -25.15 -7.65 -25.74
C THR A 36 -23.69 -8.05 -25.87
N TYR A 37 -22.83 -7.05 -26.05
CA TYR A 37 -21.39 -7.21 -26.18
C TYR A 37 -20.73 -6.67 -24.92
N VAL A 38 -19.69 -7.36 -24.42
CA VAL A 38 -19.00 -6.87 -23.23
C VAL A 38 -17.50 -6.76 -23.48
N LEU A 39 -16.91 -5.66 -23.04
CA LEU A 39 -15.48 -5.42 -23.23
C LEU A 39 -14.70 -6.15 -22.15
N GLN A 40 -13.95 -7.16 -22.53
CA GLN A 40 -13.07 -7.87 -21.60
C GLN A 40 -11.67 -7.32 -21.79
N ARG A 41 -11.12 -6.65 -20.70
CA ARG A 41 -9.80 -6.02 -20.87
C ARG A 41 -8.72 -7.01 -20.46
N PRO A 42 -7.59 -7.03 -21.20
CA PRO A 42 -6.52 -7.94 -20.83
C PRO A 42 -5.96 -7.67 -19.44
N GLU A 43 -6.07 -6.42 -18.94
CA GLU A 43 -5.47 -6.09 -17.66
C GLU A 43 -6.12 -6.80 -16.46
N ILE A 44 -7.32 -7.36 -16.59
CA ILE A 44 -7.97 -8.04 -15.47
C ILE A 44 -7.84 -9.56 -15.57
N GLY A 45 -6.89 -10.05 -16.36
CA GLY A 45 -6.78 -11.47 -16.63
C GLY A 45 -6.40 -12.32 -15.42
N LEU A 46 -5.98 -11.71 -14.32
CA LEU A 46 -5.67 -12.47 -13.12
C LEU A 46 -6.66 -12.20 -11.99
N GLU A 47 -7.71 -11.44 -12.25
CA GLU A 47 -8.78 -11.20 -11.28
C GLU A 47 -9.87 -12.24 -11.48
N ILE A 48 -9.84 -13.30 -10.67
CA ILE A 48 -10.66 -14.48 -10.93
C ILE A 48 -12.15 -14.11 -10.96
N GLU A 49 -12.59 -13.22 -10.08
CA GLU A 49 -14.03 -12.90 -10.08
C GLU A 49 -14.44 -12.16 -11.35
N LYS A 50 -13.57 -11.32 -11.91
CA LYS A 50 -13.92 -10.70 -13.19
C LYS A 50 -13.90 -11.71 -14.33
N VAL A 51 -12.87 -12.57 -14.37
CA VAL A 51 -12.79 -13.59 -15.43
C VAL A 51 -14.01 -14.50 -15.40
N GLN A 52 -14.44 -14.94 -14.21
CA GLN A 52 -15.59 -15.84 -14.16
C GLN A 52 -16.92 -15.11 -14.39
N LEU A 53 -17.02 -13.84 -13.99
CA LEU A 53 -18.17 -13.07 -14.42
C LEU A 53 -18.32 -13.13 -15.93
N PHE A 54 -17.24 -12.83 -16.67
CA PHE A 54 -17.29 -12.86 -18.12
C PHE A 54 -17.72 -14.23 -18.62
N LEU A 55 -17.22 -15.31 -17.99
CA LEU A 55 -17.66 -16.63 -18.42
C LEU A 55 -19.15 -16.80 -18.20
N SER A 56 -19.68 -16.24 -17.11
CA SER A 56 -21.12 -16.36 -16.85
C SER A 56 -21.92 -15.54 -17.86
N PHE A 57 -21.46 -14.33 -18.20
CA PHE A 57 -22.13 -13.55 -19.24
C PHE A 57 -22.22 -14.33 -20.55
N LYS A 58 -21.15 -15.06 -20.90
CA LYS A 58 -21.16 -15.84 -22.14
C LYS A 58 -22.25 -16.89 -22.12
N LYS A 59 -22.41 -17.59 -20.98
CA LYS A 59 -23.44 -18.61 -20.87
C LYS A 59 -24.85 -18.06 -21.07
N LEU A 60 -25.06 -16.76 -20.88
CA LEU A 60 -26.36 -16.13 -21.12
C LEU A 60 -26.46 -15.50 -22.48
N GLY A 61 -25.45 -15.62 -23.33
CA GLY A 61 -25.52 -15.08 -24.67
C GLY A 61 -24.71 -13.84 -24.92
N ALA A 62 -24.00 -13.32 -23.93
CA ALA A 62 -23.18 -12.14 -24.19
C ALA A 62 -22.01 -12.51 -25.11
N ARG A 63 -21.60 -11.55 -25.93
CA ARG A 63 -20.47 -11.73 -26.82
C ARG A 63 -19.25 -10.99 -26.24
N ILE A 64 -18.16 -11.72 -26.03
CA ILE A 64 -16.93 -11.15 -25.48
C ILE A 64 -16.22 -10.35 -26.56
N VAL A 65 -15.82 -9.12 -26.23
CA VAL A 65 -15.02 -8.27 -27.10
C VAL A 65 -13.74 -7.92 -26.35
N GLU A 66 -12.60 -8.35 -26.86
CA GLU A 66 -11.34 -8.02 -26.21
C GLU A 66 -10.90 -6.63 -26.63
N GLY A 67 -10.46 -5.84 -25.66
CA GLY A 67 -9.90 -4.53 -25.93
C GLY A 67 -9.29 -3.95 -24.68
N SER A 68 -8.42 -2.96 -24.89
CA SER A 68 -7.71 -2.29 -23.80
C SER A 68 -7.74 -0.78 -23.98
N PHE A 69 -7.97 -0.06 -22.89
CA PHE A 69 -7.98 1.39 -22.96
C PHE A 69 -6.62 1.98 -23.34
N SER A 70 -5.55 1.18 -23.30
CA SER A 70 -4.28 1.67 -23.80
C SER A 70 -4.10 1.40 -25.29
N ASP A 71 -5.00 0.65 -25.90
CA ASP A 71 -4.95 0.29 -27.32
C ASP A 71 -6.12 1.00 -28.01
N HIS A 72 -5.85 2.19 -28.56
CA HIS A 72 -6.91 2.97 -29.17
C HIS A 72 -7.59 2.22 -30.33
N GLN A 73 -6.83 1.48 -31.12
CA GLN A 73 -7.46 0.74 -32.21
C GLN A 73 -8.33 -0.39 -31.70
N SER A 74 -8.00 -0.96 -30.54
CA SER A 74 -8.86 -1.99 -29.97
C SER A 74 -10.21 -1.40 -29.55
N LEU A 75 -10.21 -0.18 -29.01
CA LEU A 75 -11.47 0.47 -28.68
C LEU A 75 -12.26 0.83 -29.92
N VAL A 76 -11.58 1.19 -31.01
CA VAL A 76 -12.28 1.53 -32.25
C VAL A 76 -12.93 0.30 -32.86
N SER A 77 -12.19 -0.82 -32.91
CA SER A 77 -12.77 -2.08 -33.34
C SER A 77 -13.96 -2.45 -32.48
N ALA A 78 -13.84 -2.31 -31.15
CA ALA A 78 -14.92 -2.72 -30.26
C ALA A 78 -16.21 -1.97 -30.59
N VAL A 79 -16.15 -0.64 -30.60
CA VAL A 79 -17.38 0.12 -30.79
C VAL A 79 -17.94 0.02 -32.21
N LYS A 80 -17.14 -0.40 -33.20
CA LYS A 80 -17.67 -0.58 -34.54
C LYS A 80 -18.61 -1.78 -34.64
N LEU A 81 -18.65 -2.65 -33.63
CA LEU A 81 -19.51 -3.82 -33.66
C LEU A 81 -20.94 -3.54 -33.23
N VAL A 82 -21.24 -2.37 -32.68
CA VAL A 82 -22.51 -2.17 -31.99
C VAL A 82 -23.15 -0.85 -32.41
N ASP A 83 -24.40 -0.69 -31.98
CA ASP A 83 -25.23 0.50 -32.19
C ASP A 83 -25.14 1.46 -31.02
N VAL A 84 -25.06 0.94 -29.79
CA VAL A 84 -25.10 1.75 -28.58
C VAL A 84 -23.96 1.31 -27.68
N VAL A 85 -23.30 2.27 -27.04
CA VAL A 85 -22.27 1.97 -26.04
C VAL A 85 -22.76 2.47 -24.70
N VAL A 86 -22.63 1.64 -23.67
CA VAL A 86 -22.90 2.08 -22.30
C VAL A 86 -21.63 1.92 -21.48
N SER A 87 -21.21 3.00 -20.82
CA SER A 87 -20.04 2.99 -19.97
C SER A 87 -20.48 2.99 -18.49
N ALA A 88 -19.97 2.04 -17.74
CA ALA A 88 -20.15 1.97 -16.30
C ALA A 88 -18.82 2.17 -15.59
N MET A 89 -17.95 3.00 -16.16
CA MET A 89 -16.65 3.27 -15.56
C MET A 89 -16.79 3.66 -14.09
N SER A 90 -15.84 3.22 -13.28
CA SER A 90 -15.86 3.53 -11.85
C SER A 90 -15.78 5.03 -11.59
N GLY A 91 -16.37 5.44 -10.47
CA GLY A 91 -16.20 6.77 -9.93
C GLY A 91 -15.38 6.88 -8.66
N VAL A 92 -14.76 5.79 -8.17
CA VAL A 92 -14.26 5.87 -6.80
C VAL A 92 -12.90 6.60 -6.72
N HIS A 93 -12.01 6.44 -7.69
CA HIS A 93 -10.68 7.05 -7.60
C HIS A 93 -10.61 8.33 -8.41
N PHE A 94 -11.31 9.35 -7.89
CA PHE A 94 -11.39 10.63 -8.58
C PHE A 94 -10.04 11.32 -8.68
N ARG A 95 -9.19 11.18 -7.66
CA ARG A 95 -7.88 11.83 -7.72
C ARG A 95 -7.02 11.25 -8.84
N SER A 96 -7.20 9.97 -9.19
CA SER A 96 -6.54 9.39 -10.36
C SER A 96 -7.44 9.41 -11.59
N HIS A 97 -8.56 10.13 -11.52
CA HIS A 97 -9.33 10.53 -12.71
C HIS A 97 -9.83 9.32 -13.51
N ASN A 98 -10.37 8.30 -12.81
CA ASN A 98 -10.86 7.17 -13.59
C ASN A 98 -12.11 7.53 -14.41
N ILE A 99 -12.94 8.49 -13.95
CA ILE A 99 -14.03 8.94 -14.82
C ILE A 99 -13.47 9.44 -16.16
N LEU A 100 -12.31 10.11 -16.13
CA LEU A 100 -11.72 10.69 -17.33
C LEU A 100 -11.16 9.64 -18.27
N VAL A 101 -10.87 8.44 -17.78
CA VAL A 101 -10.48 7.37 -18.68
C VAL A 101 -11.48 7.22 -19.80
N GLN A 102 -12.75 7.57 -19.53
CA GLN A 102 -13.77 7.49 -20.57
C GLN A 102 -13.43 8.34 -21.79
N LEU A 103 -12.59 9.37 -21.63
CA LEU A 103 -12.25 10.22 -22.76
C LEU A 103 -11.58 9.41 -23.86
N LYS A 104 -10.85 8.36 -23.50
CA LYS A 104 -10.26 7.52 -24.54
C LYS A 104 -11.35 6.75 -25.29
N LEU A 105 -12.45 6.45 -24.61
CA LEU A 105 -13.56 5.78 -25.29
C LEU A 105 -14.30 6.75 -26.19
N VAL A 106 -14.54 7.97 -25.71
CA VAL A 106 -15.18 8.99 -26.55
C VAL A 106 -14.38 9.21 -27.84
N GLU A 107 -13.05 9.34 -27.74
CA GLU A 107 -12.24 9.47 -28.96
C GLU A 107 -12.44 8.29 -29.88
N ALA A 108 -12.44 7.07 -29.35
CA ALA A 108 -12.66 5.90 -30.19
C ALA A 108 -14.02 5.96 -30.87
N ILE A 109 -15.05 6.42 -30.16
CA ILE A 109 -16.40 6.48 -30.72
C ILE A 109 -16.46 7.50 -31.86
N LYS A 110 -15.86 8.67 -31.63
CA LYS A 110 -15.75 9.67 -32.69
C LYS A 110 -15.14 9.08 -33.95
N GLU A 111 -13.96 8.47 -33.83
CA GLU A 111 -13.30 7.95 -35.02
C GLU A 111 -14.12 6.87 -35.69
N ALA A 112 -14.87 6.08 -34.92
CA ALA A 112 -15.55 4.93 -35.52
C ALA A 112 -16.74 5.36 -36.35
N GLY A 113 -17.45 6.41 -35.92
CA GLY A 113 -18.50 7.03 -36.70
C GLY A 113 -19.86 6.35 -36.66
N ASN A 114 -19.93 5.06 -36.31
CA ASN A 114 -21.16 4.29 -36.46
C ASN A 114 -22.08 4.30 -35.24
N VAL A 115 -21.64 4.76 -34.08
CA VAL A 115 -22.43 4.58 -32.87
C VAL A 115 -23.66 5.49 -32.89
N LYS A 116 -24.84 4.90 -32.67
CA LYS A 116 -26.09 5.64 -32.67
C LYS A 116 -26.37 6.34 -31.34
N ARG A 117 -25.80 5.86 -30.24
CA ARG A 117 -26.03 6.49 -28.94
C ARG A 117 -24.97 6.03 -27.95
N PHE A 118 -24.55 6.94 -27.08
CA PHE A 118 -23.55 6.65 -26.06
C PHE A 118 -24.12 7.07 -24.71
N LEU A 119 -24.11 6.14 -23.75
CA LEU A 119 -24.47 6.42 -22.36
C LEU A 119 -23.20 6.45 -21.51
N PRO A 120 -22.70 7.62 -21.13
CA PRO A 120 -21.51 7.67 -20.27
C PRO A 120 -21.85 7.26 -18.84
N SER A 121 -20.81 7.10 -18.03
CA SER A 121 -20.97 6.62 -16.66
C SER A 121 -21.50 7.74 -15.77
N GLU A 122 -22.82 7.83 -15.68
CA GLU A 122 -23.47 8.86 -14.88
C GLU A 122 -24.07 8.19 -13.66
N PHE A 123 -25.37 7.86 -13.66
CA PHE A 123 -25.99 6.98 -12.68
C PHE A 123 -25.93 7.53 -11.26
N GLY A 124 -25.85 8.84 -11.11
CA GLY A 124 -25.83 9.44 -9.79
C GLY A 124 -26.47 10.83 -9.82
N MET A 125 -25.94 11.73 -8.98
CA MET A 125 -26.35 13.12 -9.00
C MET A 125 -26.10 13.73 -10.38
N ASP A 126 -26.88 14.77 -10.69
CA ASP A 126 -26.93 15.40 -12.01
C ASP A 126 -25.79 16.41 -12.13
N PRO A 127 -24.73 16.08 -12.85
CA PRO A 127 -23.47 16.84 -12.77
C PRO A 127 -23.67 18.34 -12.98
N PRO A 128 -24.38 18.77 -14.03
CA PRO A 128 -24.49 20.23 -14.25
C PRO A 128 -25.19 20.96 -13.11
N ARG A 129 -25.95 20.26 -12.28
CA ARG A 129 -26.58 20.89 -11.12
C ARG A 129 -25.66 20.98 -9.91
N MET A 130 -24.42 20.49 -10.00
CA MET A 130 -23.55 20.39 -8.84
C MET A 130 -22.42 21.42 -8.88
N GLY A 131 -22.68 22.59 -9.47
CA GLY A 131 -21.62 23.55 -9.71
C GLY A 131 -20.99 24.08 -8.44
N HIS A 132 -21.74 24.14 -7.35
CA HIS A 132 -21.25 24.67 -6.08
C HIS A 132 -21.07 23.58 -5.04
N ALA A 133 -20.76 22.37 -5.47
CA ALA A 133 -20.61 21.26 -4.53
C ALA A 133 -19.33 21.42 -3.70
N LEU A 134 -19.36 20.83 -2.51
CA LEU A 134 -18.20 20.80 -1.61
C LEU A 134 -17.03 20.06 -2.26
N PRO A 135 -15.81 20.66 -2.30
CA PRO A 135 -14.58 19.90 -2.57
C PRO A 135 -14.15 19.02 -1.38
N PRO A 136 -13.47 17.89 -1.64
CA PRO A 136 -13.09 17.35 -2.96
C PRO A 136 -14.21 16.60 -3.70
N GLY A 137 -15.35 16.38 -3.04
CA GLY A 137 -16.44 15.65 -3.68
C GLY A 137 -16.87 16.27 -5.00
N ARG A 138 -16.74 17.58 -5.12
CA ARG A 138 -16.97 18.30 -6.36
C ARG A 138 -16.25 17.67 -7.56
N GLU A 139 -15.12 16.97 -7.33
CA GLU A 139 -14.29 16.55 -8.45
C GLU A 139 -15.00 15.54 -9.35
N THR A 140 -15.83 14.68 -8.76
CA THR A 140 -16.60 13.72 -9.55
C THR A 140 -17.41 14.41 -10.64
N PHE A 141 -18.06 15.51 -10.28
CA PHE A 141 -18.94 16.18 -11.23
C PHE A 141 -18.16 16.90 -12.33
N ASP A 142 -17.04 17.56 -11.98
CA ASP A 142 -16.19 18.15 -13.01
C ASP A 142 -15.83 17.13 -14.08
N GLN A 143 -15.39 15.95 -13.64
CA GLN A 143 -14.89 14.97 -14.59
C GLN A 143 -16.03 14.45 -15.47
N LYS A 144 -17.18 14.18 -14.87
CA LYS A 144 -18.33 13.78 -15.68
C LYS A 144 -18.71 14.91 -16.65
N MET A 145 -18.64 16.16 -16.18
CA MET A 145 -18.90 17.30 -17.06
C MET A 145 -17.86 17.37 -18.18
N GLU A 146 -16.59 17.11 -17.86
CA GLU A 146 -15.59 17.10 -18.92
C GLU A 146 -15.87 16.00 -19.95
N VAL A 147 -16.40 14.85 -19.49
CA VAL A 147 -16.79 13.79 -20.43
C VAL A 147 -18.03 14.20 -21.22
N ARG A 148 -19.01 14.82 -20.55
CA ARG A 148 -20.17 15.32 -21.27
C ARG A 148 -19.75 16.28 -22.39
N GLN A 149 -18.80 17.18 -22.10
CA GLN A 149 -18.39 18.14 -23.10
C GLN A 149 -17.63 17.46 -24.23
N ALA A 150 -16.84 16.45 -23.91
CA ALA A 150 -16.21 15.68 -24.96
C ALA A 150 -17.26 15.05 -25.87
N ILE A 151 -18.37 14.59 -25.28
CA ILE A 151 -19.45 14.02 -26.06
C ILE A 151 -20.08 15.08 -26.97
N GLU A 152 -20.44 16.23 -26.39
CA GLU A 152 -21.08 17.29 -27.17
C GLU A 152 -20.20 17.72 -28.35
N ALA A 153 -18.91 17.96 -28.07
CA ALA A 153 -17.99 18.45 -29.11
C ALA A 153 -17.86 17.45 -30.26
N ALA A 154 -17.87 16.16 -29.97
CA ALA A 154 -17.76 15.16 -31.02
C ALA A 154 -19.07 14.96 -31.77
N GLY A 155 -20.16 15.53 -31.28
CA GLY A 155 -21.46 15.27 -31.88
C GLY A 155 -21.99 13.85 -31.69
N ILE A 156 -21.64 13.20 -30.60
CA ILE A 156 -22.11 11.84 -30.36
C ILE A 156 -23.48 11.91 -29.71
N PRO A 157 -24.49 11.23 -30.25
CA PRO A 157 -25.80 11.22 -29.57
C PRO A 157 -25.67 10.45 -28.27
N TYR A 158 -26.45 10.88 -27.28
CA TYR A 158 -26.19 10.51 -25.89
C TYR A 158 -27.49 10.33 -25.14
N THR A 159 -27.41 9.65 -24.01
CA THR A 159 -28.42 9.69 -22.97
C THR A 159 -27.72 9.70 -21.63
N TYR A 160 -28.11 10.62 -20.75
CA TYR A 160 -27.56 10.74 -19.41
C TYR A 160 -28.58 10.20 -18.40
N VAL A 161 -28.23 9.11 -17.73
CA VAL A 161 -29.08 8.49 -16.71
C VAL A 161 -28.63 8.99 -15.35
N VAL A 162 -29.54 9.62 -14.60
CA VAL A 162 -29.21 10.34 -13.37
C VAL A 162 -30.37 10.18 -12.40
N GLY A 163 -30.09 10.47 -11.12
CA GLY A 163 -31.12 10.93 -10.20
C GLY A 163 -31.40 10.09 -8.97
N ALA A 164 -30.82 8.91 -8.79
CA ALA A 164 -31.22 8.06 -7.67
C ALA A 164 -30.02 7.52 -6.90
N CYS A 165 -30.17 7.45 -5.58
CA CYS A 165 -29.23 6.75 -4.72
C CYS A 165 -29.28 5.25 -4.96
N PHE A 166 -28.11 4.63 -5.10
CA PHE A 166 -28.02 3.17 -5.11
C PHE A 166 -28.53 2.63 -3.78
N ALA A 167 -29.47 1.67 -3.82
CA ALA A 167 -30.16 1.27 -2.59
C ALA A 167 -29.23 0.62 -1.57
N ALA A 168 -28.26 -0.18 -2.04
CA ALA A 168 -27.36 -0.86 -1.10
C ALA A 168 -26.54 0.13 -0.28
N TYR A 169 -26.19 1.27 -0.86
CA TYR A 169 -25.28 2.22 -0.22
C TYR A 169 -25.99 3.27 0.62
N PHE A 170 -27.30 3.44 0.45
CA PHE A 170 -28.02 4.50 1.17
C PHE A 170 -29.35 4.05 1.78
N ALA A 171 -29.95 2.94 1.35
CA ALA A 171 -31.17 2.45 1.99
C ALA A 171 -30.95 1.23 2.88
N GLY A 172 -30.18 0.25 2.39
CA GLY A 172 -29.92 -0.94 3.17
C GLY A 172 -29.30 -0.64 4.52
N ASN A 173 -28.60 0.48 4.64
CA ASN A 173 -27.95 0.82 5.90
C ASN A 173 -28.68 1.95 6.62
N LEU A 174 -29.89 2.29 6.19
CA LEU A 174 -30.60 3.43 6.79
C LEU A 174 -29.74 4.69 6.75
N SER A 175 -28.94 4.81 5.69
CA SER A 175 -28.10 5.98 5.45
C SER A 175 -27.01 6.15 6.52
N GLN A 176 -26.69 5.09 7.27
CA GLN A 176 -25.74 5.23 8.36
C GLN A 176 -24.27 5.22 7.93
N MET A 177 -23.97 4.89 6.68
CA MET A 177 -22.62 5.14 6.15
C MET A 177 -21.58 4.14 6.63
N VAL A 178 -21.55 3.85 7.94
CA VAL A 178 -20.46 3.07 8.50
C VAL A 178 -20.56 1.58 8.21
N THR A 179 -21.73 1.07 7.83
CA THR A 179 -21.83 -0.30 7.34
C THR A 179 -22.80 -0.33 6.16
N LEU A 180 -23.08 -1.52 5.70
CA LEU A 180 -24.01 -1.74 4.61
C LEU A 180 -25.23 -2.51 5.08
N LEU A 181 -25.42 -2.62 6.40
CA LEU A 181 -26.56 -3.28 7.03
C LEU A 181 -27.29 -2.29 7.93
N PRO A 182 -28.57 -2.52 8.20
CA PRO A 182 -29.30 -1.67 9.15
C PRO A 182 -28.63 -1.69 10.51
N PRO A 183 -28.60 -0.56 11.21
CA PRO A 183 -28.09 -0.55 12.59
C PRO A 183 -28.98 -1.37 13.52
N LYS A 184 -28.39 -1.78 14.65
CA LYS A 184 -29.05 -2.71 15.55
C LYS A 184 -29.97 -2.02 16.55
N GLU A 185 -29.51 -0.93 17.16
CA GLU A 185 -30.33 -0.34 18.21
C GLU A 185 -30.42 1.17 18.12
N LYS A 186 -29.34 1.83 17.74
CA LYS A 186 -29.31 3.28 17.62
C LYS A 186 -29.14 3.66 16.15
N VAL A 187 -29.65 4.84 15.80
CA VAL A 187 -29.57 5.36 14.44
C VAL A 187 -29.35 6.86 14.51
N ASN A 188 -28.55 7.38 13.57
CA ASN A 188 -28.35 8.80 13.43
C ASN A 188 -29.30 9.36 12.40
N ILE A 189 -29.98 10.44 12.75
CA ILE A 189 -30.87 11.17 11.83
C ILE A 189 -30.14 12.42 11.38
N TYR A 190 -29.98 12.61 10.07
CA TYR A 190 -29.17 13.69 9.55
C TYR A 190 -30.04 14.92 9.30
N GLY A 191 -29.70 16.02 9.97
CA GLY A 191 -30.66 17.10 10.07
C GLY A 191 -31.85 16.65 10.89
N ASP A 192 -33.03 17.13 10.53
CA ASP A 192 -34.23 16.62 11.15
C ASP A 192 -34.76 15.37 10.44
N GLY A 193 -34.15 14.98 9.33
CA GLY A 193 -34.55 13.77 8.64
C GLY A 193 -35.79 13.94 7.79
N ASN A 194 -36.06 15.15 7.34
CA ASN A 194 -37.30 15.46 6.63
C ASN A 194 -37.00 15.98 5.23
N VAL A 195 -35.82 15.66 4.70
CA VAL A 195 -35.38 16.06 3.37
C VAL A 195 -35.59 14.88 2.42
N LYS A 196 -36.27 15.13 1.31
CA LYS A 196 -36.65 14.03 0.41
C LYS A 196 -35.44 13.50 -0.34
N VAL A 197 -35.29 12.17 -0.36
CA VAL A 197 -34.20 11.50 -1.06
C VAL A 197 -34.79 10.47 -2.03
N VAL A 198 -34.10 10.25 -3.14
CA VAL A 198 -34.54 9.29 -4.16
C VAL A 198 -33.72 8.01 -3.99
N PHE A 199 -34.39 6.89 -3.75
CA PHE A 199 -33.73 5.59 -3.61
C PHE A 199 -34.19 4.66 -4.72
N ALA A 200 -33.25 3.91 -5.32
CA ALA A 200 -33.62 2.90 -6.32
C ALA A 200 -32.76 1.66 -6.21
N ASP A 201 -33.40 0.50 -6.10
CA ASP A 201 -32.75 -0.80 -6.32
C ASP A 201 -31.92 -0.74 -7.60
N GLU A 202 -30.63 -1.08 -7.48
CA GLU A 202 -29.73 -0.99 -8.62
C GLU A 202 -30.15 -1.88 -9.78
N ASP A 203 -30.81 -3.00 -9.49
CA ASP A 203 -31.34 -3.83 -10.59
C ASP A 203 -32.42 -3.08 -11.37
N ASP A 204 -33.20 -2.22 -10.69
CA ASP A 204 -34.14 -1.35 -11.41
C ASP A 204 -33.40 -0.30 -12.24
N ILE A 205 -32.39 0.36 -11.66
CA ILE A 205 -31.59 1.29 -12.46
C ILE A 205 -31.07 0.60 -13.71
N ALA A 206 -30.67 -0.67 -13.58
CA ALA A 206 -30.15 -1.41 -14.74
C ALA A 206 -31.26 -1.69 -15.75
N LYS A 207 -32.42 -2.16 -15.28
CA LYS A 207 -33.57 -2.36 -16.18
C LYS A 207 -33.93 -1.07 -16.91
N TYR A 208 -34.02 0.05 -16.18
CA TYR A 208 -34.34 1.32 -16.83
C TYR A 208 -33.32 1.69 -17.89
N THR A 209 -32.04 1.44 -17.59
CA THR A 209 -30.97 1.74 -18.55
C THR A 209 -31.14 0.92 -19.81
N ALA A 210 -31.50 -0.36 -19.66
CA ALA A 210 -31.67 -1.20 -20.83
C ALA A 210 -32.91 -0.80 -21.62
N LYS A 211 -33.94 -0.31 -20.94
CA LYS A 211 -35.12 0.13 -21.67
C LYS A 211 -34.86 1.44 -22.41
N THR A 212 -34.05 2.33 -21.84
CA THR A 212 -33.98 3.68 -22.38
C THR A 212 -32.97 3.84 -23.49
N LEU A 213 -32.02 2.92 -23.64
CA LEU A 213 -30.87 3.17 -24.50
C LEU A 213 -31.22 3.12 -25.98
N ASN A 214 -32.38 2.58 -26.35
CA ASN A 214 -32.83 2.66 -27.74
C ASN A 214 -34.24 3.25 -27.81
N ASP A 215 -34.63 3.99 -26.78
CA ASP A 215 -35.89 4.72 -26.76
C ASP A 215 -35.73 6.06 -27.47
N PRO A 216 -36.41 6.30 -28.59
CA PRO A 216 -36.26 7.60 -29.27
C PRO A 216 -36.62 8.76 -28.36
N ARG A 217 -37.55 8.56 -27.42
CA ARG A 217 -37.95 9.63 -26.52
C ARG A 217 -36.78 10.16 -25.69
N THR A 218 -35.71 9.37 -25.51
CA THR A 218 -34.57 9.79 -24.67
C THR A 218 -33.30 10.02 -25.48
N LEU A 219 -33.40 10.12 -26.80
CA LEU A 219 -32.23 10.44 -27.60
C LEU A 219 -31.80 11.87 -27.31
N ASN A 220 -30.53 12.04 -26.96
CA ASN A 220 -29.97 13.34 -26.60
C ASN A 220 -30.69 13.98 -25.41
N LYS A 221 -31.07 13.16 -24.44
CA LYS A 221 -31.78 13.64 -23.26
C LYS A 221 -31.13 13.15 -21.97
N THR A 222 -31.45 13.85 -20.88
CA THR A 222 -31.23 13.38 -19.53
C THR A 222 -32.48 12.63 -19.06
N VAL A 223 -32.32 11.36 -18.70
CA VAL A 223 -33.40 10.56 -18.10
C VAL A 223 -33.17 10.52 -16.60
N ASN A 224 -34.18 10.92 -15.84
CA ASN A 224 -34.13 10.87 -14.38
C ASN A 224 -34.76 9.58 -13.89
N ILE A 225 -34.16 9.00 -12.86
CA ILE A 225 -34.69 7.82 -12.19
C ILE A 225 -35.24 8.30 -10.86
N ARG A 226 -36.55 8.55 -10.82
CA ARG A 226 -37.22 9.10 -9.64
C ARG A 226 -38.56 8.42 -9.49
N PRO A 227 -38.55 7.14 -9.11
CA PRO A 227 -39.81 6.44 -8.84
C PRO A 227 -40.55 7.10 -7.71
N PRO A 228 -41.79 7.55 -7.94
CA PRO A 228 -42.50 8.34 -6.91
C PRO A 228 -42.58 7.66 -5.55
N ASP A 229 -42.88 6.35 -5.50
CA ASP A 229 -42.96 5.71 -4.20
C ASP A 229 -41.61 5.62 -3.50
N ASN A 230 -40.50 5.85 -4.21
CA ASN A 230 -39.20 5.76 -3.58
C ASN A 230 -38.59 7.13 -3.32
N VAL A 231 -39.40 8.17 -3.34
CA VAL A 231 -38.97 9.48 -2.88
C VAL A 231 -39.33 9.56 -1.41
N LEU A 232 -38.32 9.49 -0.55
CA LEU A 232 -38.53 9.33 0.88
C LEU A 232 -37.55 10.21 1.65
N THR A 233 -38.01 10.72 2.79
CA THR A 233 -37.09 11.34 3.72
C THR A 233 -36.35 10.25 4.49
N GLN A 234 -35.24 10.63 5.12
CA GLN A 234 -34.48 9.63 5.86
C GLN A 234 -35.32 9.05 6.98
N LEU A 235 -36.13 9.87 7.64
CA LEU A 235 -36.96 9.36 8.73
C LEU A 235 -38.04 8.41 8.22
N GLU A 236 -38.61 8.69 7.05
CA GLU A 236 -39.56 7.76 6.43
C GLU A 236 -38.90 6.44 6.12
N LEU A 237 -37.65 6.48 5.65
CA LEU A 237 -36.90 5.24 5.42
C LEU A 237 -36.73 4.47 6.73
N VAL A 238 -36.30 5.17 7.78
CA VAL A 238 -36.10 4.52 9.08
C VAL A 238 -37.42 3.93 9.59
N GLN A 239 -38.54 4.64 9.40
CA GLN A 239 -39.82 4.14 9.90
C GLN A 239 -40.27 2.89 9.13
N ILE A 240 -39.97 2.81 7.84
CA ILE A 240 -40.17 1.57 7.10
C ILE A 240 -39.50 0.42 7.84
N TRP A 241 -38.24 0.60 8.25
CA TRP A 241 -37.53 -0.50 8.89
C TRP A 241 -38.11 -0.80 10.27
N GLU A 242 -38.48 0.25 11.00
CA GLU A 242 -39.07 0.04 12.32
C GLU A 242 -40.39 -0.73 12.22
N LYS A 243 -41.17 -0.46 11.19
CA LYS A 243 -42.39 -1.24 10.98
C LYS A 243 -42.08 -2.67 10.60
N LEU A 244 -41.00 -2.91 9.83
CA LEU A 244 -40.65 -4.28 9.46
C LEU A 244 -40.19 -5.10 10.66
N THR A 245 -39.44 -4.48 11.56
CA THR A 245 -38.87 -5.19 12.70
C THR A 245 -39.76 -5.18 13.93
N GLY A 246 -40.66 -4.20 14.04
CA GLY A 246 -41.45 -4.03 15.24
C GLY A 246 -40.75 -3.31 16.37
N LYS A 247 -39.49 -2.95 16.19
CA LYS A 247 -38.71 -2.31 17.24
C LYS A 247 -38.36 -0.90 16.82
N GLU A 248 -38.50 0.03 17.75
CA GLU A 248 -38.18 1.42 17.49
C GLU A 248 -36.71 1.67 17.79
N LEU A 249 -36.06 2.44 16.92
CA LEU A 249 -34.64 2.74 17.07
C LEU A 249 -34.45 4.07 17.78
N GLU A 250 -33.49 4.11 18.71
CA GLU A 250 -33.17 5.34 19.42
C GLU A 250 -32.47 6.31 18.48
N LYS A 251 -33.05 7.49 18.29
CA LYS A 251 -32.62 8.41 17.26
C LYS A 251 -31.81 9.56 17.85
N THR A 252 -30.75 9.96 17.13
CA THR A 252 -29.92 11.10 17.50
C THR A 252 -29.87 12.03 16.30
N ASN A 253 -30.32 13.26 16.47
CA ASN A 253 -30.25 14.20 15.36
C ASN A 253 -28.85 14.80 15.28
N ILE A 254 -28.35 14.96 14.05
CA ILE A 254 -27.01 15.47 13.80
C ILE A 254 -27.14 16.69 12.90
N ALA A 255 -26.84 17.87 13.45
CA ALA A 255 -27.00 19.12 12.72
C ALA A 255 -25.91 19.28 11.66
N ALA A 256 -26.21 20.09 10.65
CA ALA A 256 -25.32 20.20 9.50
C ALA A 256 -23.90 20.54 9.93
N GLN A 257 -23.75 21.53 10.81
CA GLN A 257 -22.42 21.98 11.19
C GLN A 257 -21.63 20.86 11.87
N ASP A 258 -22.29 20.06 12.69
CA ASP A 258 -21.60 18.96 13.34
C ASP A 258 -21.29 17.83 12.36
N PHE A 259 -22.09 17.68 11.30
CA PHE A 259 -21.81 16.70 10.27
C PHE A 259 -20.53 17.05 9.51
N LEU A 260 -20.34 18.32 9.16
CA LEU A 260 -19.17 18.75 8.41
C LEU A 260 -17.97 19.10 9.28
N ALA A 261 -18.10 19.00 10.60
CA ALA A 261 -17.03 19.38 11.51
C ALA A 261 -15.74 18.62 11.20
N ASN A 262 -14.64 19.37 11.06
CA ASN A 262 -13.28 18.83 10.90
C ASN A 262 -13.15 18.00 9.64
N ILE A 263 -14.01 18.25 8.65
CA ILE A 263 -13.96 17.47 7.42
C ILE A 263 -12.57 17.51 6.81
N GLU A 264 -11.84 18.62 6.96
CA GLU A 264 -10.54 18.74 6.30
C GLU A 264 -9.49 17.81 6.90
N GLN A 265 -9.77 17.22 8.08
CA GLN A 265 -8.90 16.24 8.69
C GLN A 265 -9.19 14.80 8.30
N MET A 266 -10.28 14.53 7.55
CA MET A 266 -10.55 13.16 7.09
C MET A 266 -9.68 12.83 5.88
N GLU A 267 -9.57 11.54 5.60
CA GLU A 267 -8.97 11.12 4.34
C GLU A 267 -9.79 11.67 3.18
N ILE A 268 -9.11 11.94 2.05
CA ILE A 268 -9.79 12.61 0.93
C ILE A 268 -11.00 11.83 0.44
N PRO A 269 -10.93 10.51 0.21
CA PRO A 269 -12.14 9.81 -0.24
C PRO A 269 -13.31 9.95 0.72
N HIS A 270 -13.08 9.82 2.03
CA HIS A 270 -14.16 10.06 2.99
C HIS A 270 -14.66 11.50 2.93
N GLN A 271 -13.76 12.46 2.66
CA GLN A 271 -14.18 13.84 2.48
C GLN A 271 -15.15 13.98 1.31
N ALA A 272 -14.81 13.35 0.18
CA ALA A 272 -15.72 13.36 -0.97
C ALA A 272 -17.05 12.70 -0.61
N GLY A 273 -17.01 11.57 0.09
CA GLY A 273 -18.25 10.87 0.43
C GLY A 273 -19.13 11.66 1.37
N ILE A 274 -18.52 12.34 2.35
CA ILE A 274 -19.26 13.22 3.26
C ILE A 274 -19.89 14.39 2.50
N GLY A 275 -19.15 14.97 1.55
CA GLY A 275 -19.70 16.06 0.76
C GLY A 275 -20.91 15.63 -0.03
N HIS A 276 -20.81 14.49 -0.73
CA HIS A 276 -21.94 13.98 -1.51
C HIS A 276 -23.15 13.73 -0.61
N PHE A 277 -22.93 13.05 0.51
CA PHE A 277 -24.00 12.81 1.47
C PHE A 277 -24.68 14.12 1.88
N TYR A 278 -23.89 15.15 2.17
CA TYR A 278 -24.44 16.44 2.60
C TYR A 278 -25.37 17.02 1.54
N HIS A 279 -24.92 17.07 0.30
CA HIS A 279 -25.76 17.60 -0.76
C HIS A 279 -27.06 16.82 -0.88
N ILE A 280 -27.01 15.50 -0.67
CA ILE A 280 -28.17 14.65 -0.85
C ILE A 280 -29.12 14.77 0.33
N PHE A 281 -28.60 14.58 1.55
CA PHE A 281 -29.42 14.43 2.73
C PHE A 281 -29.66 15.72 3.52
N TYR A 282 -28.79 16.72 3.39
CA TYR A 282 -29.02 18.03 4.02
C TYR A 282 -29.60 19.04 3.04
N GLU A 283 -29.05 19.15 1.84
CA GLU A 283 -29.55 20.08 0.85
C GLU A 283 -30.66 19.51 -0.04
N GLY A 284 -30.80 18.19 -0.12
CA GLY A 284 -31.84 17.58 -0.95
C GLY A 284 -31.68 17.71 -2.44
N CYS A 285 -30.44 17.60 -2.96
CA CYS A 285 -30.19 17.89 -4.36
C CYS A 285 -30.92 16.95 -5.31
N LEU A 286 -31.34 15.78 -4.84
CA LEU A 286 -32.04 14.87 -5.74
C LEU A 286 -33.51 15.21 -5.88
N THR A 287 -34.05 16.06 -4.99
CA THR A 287 -35.47 16.41 -5.01
C THR A 287 -35.74 17.92 -5.04
N ASP A 288 -34.71 18.76 -5.08
CA ASP A 288 -34.91 20.20 -5.04
C ASP A 288 -35.35 20.77 -6.38
N HIS A 289 -35.79 19.93 -7.31
CA HIS A 289 -36.27 20.40 -8.60
C HIS A 289 -37.25 19.37 -9.16
N GLU A 290 -38.13 19.84 -10.05
CA GLU A 290 -39.16 18.99 -10.62
C GLU A 290 -38.74 18.50 -11.99
N VAL A 291 -39.23 17.32 -12.36
CA VAL A 291 -38.93 16.74 -13.67
C VAL A 291 -40.23 16.20 -14.25
N GLY A 292 -40.35 16.29 -15.57
CA GLY A 292 -41.57 15.89 -16.22
C GLY A 292 -41.64 14.40 -16.47
N GLU A 293 -42.87 13.89 -16.51
CA GLU A 293 -43.06 12.46 -16.74
C GLU A 293 -42.42 12.00 -18.04
N ASP A 294 -42.18 12.91 -18.99
CA ASP A 294 -41.55 12.59 -20.27
C ASP A 294 -40.04 12.46 -20.16
N GLU A 295 -39.47 12.72 -18.99
CA GLU A 295 -38.04 12.58 -18.78
C GLU A 295 -37.78 11.83 -17.47
N GLU A 296 -38.77 11.10 -16.98
CA GLU A 296 -38.63 10.31 -15.76
C GLU A 296 -38.86 8.85 -16.09
N ALA A 297 -37.95 8.00 -15.60
CA ALA A 297 -37.90 6.62 -16.06
C ALA A 297 -39.14 5.82 -15.63
N SER A 298 -39.64 6.01 -14.41
CA SER A 298 -40.76 5.17 -13.99
C SER A 298 -42.01 5.46 -14.79
N SER A 299 -42.17 6.68 -15.31
CA SER A 299 -43.32 6.98 -16.17
C SER A 299 -43.06 6.55 -17.60
N LEU A 300 -41.83 6.78 -18.09
CA LEU A 300 -41.45 6.33 -19.43
C LEU A 300 -41.60 4.83 -19.59
N TYR A 301 -41.35 4.06 -18.52
CA TYR A 301 -41.31 2.60 -18.57
C TYR A 301 -42.17 2.07 -17.45
N PRO A 302 -43.50 2.19 -17.58
CA PRO A 302 -44.40 1.84 -16.47
C PRO A 302 -44.49 0.35 -16.24
N ASP A 303 -44.10 -0.47 -17.21
CA ASP A 303 -44.11 -1.91 -17.02
C ASP A 303 -43.02 -2.38 -16.06
N VAL A 304 -42.02 -1.55 -15.76
CA VAL A 304 -41.02 -1.93 -14.77
C VAL A 304 -41.66 -1.78 -13.39
N LYS A 305 -41.96 -2.89 -12.74
CA LYS A 305 -42.54 -2.81 -11.40
C LYS A 305 -41.39 -2.65 -10.43
N TYR A 306 -40.96 -1.39 -10.28
CA TYR A 306 -39.77 -1.09 -9.48
C TYR A 306 -39.97 -1.52 -8.03
N LYS A 307 -38.88 -1.95 -7.41
CA LYS A 307 -38.91 -2.43 -6.04
C LYS A 307 -38.99 -1.27 -5.07
N ARG A 308 -40.01 -1.29 -4.21
CA ARG A 308 -40.21 -0.30 -3.18
C ARG A 308 -39.25 -0.54 -2.02
N MET A 309 -39.02 0.51 -1.22
CA MET A 309 -38.02 0.37 -0.19
C MET A 309 -38.48 -0.53 0.94
N ASP A 310 -39.79 -0.78 1.06
CA ASP A 310 -40.20 -1.75 2.08
C ASP A 310 -39.96 -3.18 1.61
N ASP A 311 -40.09 -3.44 0.31
CA ASP A 311 -39.67 -4.76 -0.18
C ASP A 311 -38.16 -4.89 -0.21
N TYR A 312 -37.44 -3.79 -0.48
CA TYR A 312 -35.98 -3.86 -0.49
C TYR A 312 -35.45 -4.23 0.89
N LEU A 313 -35.93 -3.57 1.93
CA LEU A 313 -35.39 -3.80 3.27
C LEU A 313 -35.76 -5.15 3.86
N ARG A 314 -36.84 -5.79 3.38
CA ARG A 314 -37.20 -7.10 3.93
C ARG A 314 -36.05 -8.09 3.84
N MET A 315 -35.21 -7.98 2.80
CA MET A 315 -34.19 -9.00 2.65
C MET A 315 -33.15 -8.94 3.76
N PHE A 316 -33.12 -7.85 4.54
CA PHE A 316 -32.19 -7.73 5.65
C PHE A 316 -32.76 -8.28 6.95
N LEU A 317 -34.01 -8.70 6.97
CA LEU A 317 -34.60 -9.27 8.18
C LEU A 317 -34.00 -10.65 8.42
N GLU B 8 -33.68 -33.70 11.69
CA GLU B 8 -32.79 -34.79 11.34
C GLU B 8 -31.91 -34.45 10.12
N LYS B 9 -32.08 -33.25 9.57
CA LYS B 9 -31.09 -32.73 8.62
C LYS B 9 -29.76 -32.52 9.35
N THR B 10 -28.67 -32.69 8.61
CA THR B 10 -27.38 -32.34 9.19
C THR B 10 -27.24 -30.82 9.23
N ARG B 11 -26.87 -30.29 10.40
CA ARG B 11 -26.67 -28.87 10.57
C ARG B 11 -25.21 -28.55 10.27
N VAL B 12 -24.97 -27.75 9.23
CA VAL B 12 -23.62 -27.43 8.79
C VAL B 12 -23.39 -25.93 8.92
N LEU B 13 -22.28 -25.56 9.56
CA LEU B 13 -21.79 -24.19 9.63
C LEU B 13 -20.59 -24.05 8.71
N VAL B 14 -20.59 -23.01 7.87
CA VAL B 14 -19.47 -22.77 6.96
C VAL B 14 -18.77 -21.49 7.40
N VAL B 15 -17.46 -21.59 7.65
CA VAL B 15 -16.62 -20.47 8.04
C VAL B 15 -15.69 -20.16 6.88
N GLY B 16 -15.77 -18.92 6.36
CA GLY B 16 -15.14 -18.57 5.10
C GLY B 16 -16.17 -18.64 3.99
N ALA B 17 -17.41 -18.24 4.29
CA ALA B 17 -18.53 -18.56 3.44
C ALA B 17 -18.52 -17.74 2.15
N THR B 18 -17.84 -16.61 2.12
CA THR B 18 -17.77 -15.84 0.90
C THR B 18 -16.46 -16.07 0.16
N GLY B 19 -15.69 -17.09 0.57
CA GLY B 19 -14.43 -17.40 -0.04
C GLY B 19 -14.61 -17.98 -1.43
N TYR B 20 -13.47 -18.19 -2.12
CA TYR B 20 -13.53 -18.75 -3.47
C TYR B 20 -14.15 -20.15 -3.45
N ILE B 21 -13.54 -21.09 -2.73
CA ILE B 21 -14.20 -22.40 -2.63
C ILE B 21 -15.32 -22.36 -1.59
N GLY B 22 -15.21 -21.51 -0.56
CA GLY B 22 -16.21 -21.48 0.50
C GLY B 22 -17.62 -21.19 0.00
N LYS B 23 -17.77 -20.18 -0.86
CA LYS B 23 -19.12 -19.86 -1.33
C LYS B 23 -19.71 -20.99 -2.15
N ARG B 24 -18.87 -21.71 -2.89
CA ARG B 24 -19.34 -22.90 -3.60
C ARG B 24 -19.75 -23.98 -2.63
N ILE B 25 -19.02 -24.09 -1.51
CA ILE B 25 -19.38 -25.06 -0.48
C ILE B 25 -20.76 -24.74 0.09
N VAL B 26 -20.99 -23.47 0.44
CA VAL B 26 -22.31 -23.05 0.94
C VAL B 26 -23.41 -23.52 -0.01
N ARG B 27 -23.26 -23.22 -1.30
CA ARG B 27 -24.31 -23.55 -2.25
C ARG B 27 -24.48 -25.05 -2.40
N ALA B 28 -23.38 -25.80 -2.40
CA ALA B 28 -23.49 -27.27 -2.48
C ALA B 28 -24.17 -27.84 -1.25
N CYS B 29 -23.88 -27.30 -0.06
CA CYS B 29 -24.55 -27.75 1.15
C CYS B 29 -26.05 -27.49 1.09
N LEU B 30 -26.46 -26.31 0.62
CA LEU B 30 -27.89 -26.04 0.45
C LEU B 30 -28.53 -26.99 -0.54
N ALA B 31 -27.91 -27.16 -1.72
CA ALA B 31 -28.45 -28.07 -2.73
C ALA B 31 -28.48 -29.51 -2.22
N GLU B 32 -27.56 -29.89 -1.36
CA GLU B 32 -27.58 -31.24 -0.80
C GLU B 32 -28.74 -31.43 0.16
N GLY B 33 -29.28 -30.35 0.72
CA GLY B 33 -30.34 -30.43 1.70
C GLY B 33 -29.90 -30.24 3.14
N HIS B 34 -28.64 -29.97 3.40
CA HIS B 34 -28.25 -29.70 4.78
C HIS B 34 -28.89 -28.41 5.26
N GLU B 35 -29.04 -28.31 6.58
CA GLU B 35 -29.41 -27.06 7.23
C GLU B 35 -28.13 -26.24 7.36
N THR B 36 -27.98 -25.24 6.49
CA THR B 36 -26.70 -24.57 6.25
C THR B 36 -26.65 -23.24 6.98
N TYR B 37 -25.69 -23.10 7.89
CA TYR B 37 -25.38 -21.86 8.58
C TYR B 37 -24.10 -21.28 8.01
N VAL B 38 -24.04 -19.95 7.91
CA VAL B 38 -22.87 -19.25 7.40
C VAL B 38 -22.46 -18.18 8.40
N LEU B 39 -21.18 -18.15 8.76
CA LEU B 39 -20.64 -17.17 9.69
C LEU B 39 -20.44 -15.84 8.98
N GLN B 40 -21.23 -14.82 9.34
CA GLN B 40 -21.06 -13.47 8.81
C GLN B 40 -20.24 -12.67 9.81
N ARG B 41 -19.04 -12.29 9.43
CA ARG B 41 -18.19 -11.60 10.40
C ARG B 41 -18.41 -10.09 10.34
N PRO B 42 -18.39 -9.37 11.46
CA PRO B 42 -18.64 -7.91 11.41
C PRO B 42 -17.55 -7.17 10.68
N GLU B 43 -16.34 -7.72 10.61
CA GLU B 43 -15.25 -7.03 9.95
C GLU B 43 -15.52 -6.84 8.46
N ILE B 44 -16.51 -7.58 7.93
CA ILE B 44 -16.79 -7.66 6.51
C ILE B 44 -17.84 -6.64 6.06
N GLY B 45 -18.32 -5.80 6.98
CA GLY B 45 -19.57 -5.06 6.76
C GLY B 45 -19.50 -3.96 5.73
N LEU B 46 -18.32 -3.53 5.32
CA LEU B 46 -18.23 -2.52 4.25
C LEU B 46 -17.78 -3.09 2.93
N GLU B 47 -17.61 -4.41 2.83
CA GLU B 47 -17.29 -5.05 1.54
C GLU B 47 -18.59 -5.49 0.90
N ILE B 48 -19.05 -4.71 -0.07
CA ILE B 48 -20.39 -4.89 -0.61
C ILE B 48 -20.56 -6.29 -1.22
N GLU B 49 -19.51 -6.82 -1.87
CA GLU B 49 -19.68 -8.10 -2.56
C GLU B 49 -19.90 -9.22 -1.55
N LYS B 50 -19.24 -9.13 -0.40
CA LYS B 50 -19.48 -10.12 0.65
C LYS B 50 -20.85 -9.92 1.27
N VAL B 51 -21.19 -8.68 1.62
CA VAL B 51 -22.51 -8.42 2.19
C VAL B 51 -23.60 -8.98 1.30
N GLN B 52 -23.49 -8.77 -0.02
CA GLN B 52 -24.57 -9.21 -0.88
C GLN B 52 -24.55 -10.73 -1.12
N LEU B 53 -23.37 -11.36 -1.05
CA LEU B 53 -23.31 -12.82 -1.03
C LEU B 53 -24.13 -13.37 0.13
N PHE B 54 -23.89 -12.86 1.34
CA PHE B 54 -24.66 -13.32 2.49
C PHE B 54 -26.16 -13.14 2.24
N LEU B 55 -26.58 -12.02 1.64
CA LEU B 55 -27.99 -11.84 1.34
C LEU B 55 -28.47 -12.89 0.34
N SER B 56 -27.65 -13.20 -0.67
CA SER B 56 -28.06 -14.23 -1.62
C SER B 56 -28.13 -15.59 -0.94
N PHE B 57 -27.24 -15.83 0.02
CA PHE B 57 -27.30 -17.10 0.74
C PHE B 57 -28.60 -17.22 1.52
N LYS B 58 -28.98 -16.16 2.23
CA LYS B 58 -30.24 -16.15 2.97
C LYS B 58 -31.39 -16.52 2.07
N LYS B 59 -31.46 -15.90 0.90
CA LYS B 59 -32.58 -16.15 0.00
C LYS B 59 -32.65 -17.63 -0.42
N LEU B 60 -31.52 -18.31 -0.42
CA LEU B 60 -31.49 -19.75 -0.69
C LEU B 60 -31.78 -20.58 0.55
N GLY B 61 -31.97 -19.94 1.71
CA GLY B 61 -32.31 -20.65 2.92
C GLY B 61 -31.18 -20.79 3.91
N ALA B 62 -30.01 -20.22 3.64
CA ALA B 62 -28.95 -20.26 4.64
C ALA B 62 -29.33 -19.38 5.83
N ARG B 63 -28.79 -19.72 6.99
CA ARG B 63 -29.03 -18.97 8.21
C ARG B 63 -27.77 -18.22 8.57
N ILE B 64 -27.88 -16.89 8.64
CA ILE B 64 -26.76 -16.08 9.08
C ILE B 64 -26.47 -16.36 10.53
N VAL B 65 -25.19 -16.45 10.86
CA VAL B 65 -24.71 -16.58 12.22
C VAL B 65 -23.61 -15.54 12.36
N GLU B 66 -23.85 -14.51 13.16
CA GLU B 66 -22.84 -13.48 13.36
C GLU B 66 -21.75 -13.97 14.29
N GLY B 67 -20.51 -13.62 13.99
CA GLY B 67 -19.41 -14.01 14.85
C GLY B 67 -18.12 -13.39 14.34
N SER B 68 -17.16 -13.28 15.26
CA SER B 68 -15.85 -12.73 14.94
C SER B 68 -14.75 -13.59 15.54
N PHE B 69 -13.70 -13.83 14.76
CA PHE B 69 -12.55 -14.58 15.25
C PHE B 69 -11.88 -13.93 16.45
N SER B 70 -12.06 -12.63 16.64
CA SER B 70 -11.51 -11.93 17.79
C SER B 70 -12.44 -11.95 19.01
N ASP B 71 -13.63 -12.55 18.89
CA ASP B 71 -14.56 -12.78 20.00
C ASP B 71 -14.72 -14.29 20.18
N HIS B 72 -14.00 -14.85 21.17
CA HIS B 72 -13.93 -16.31 21.27
C HIS B 72 -15.30 -16.93 21.52
N GLN B 73 -16.12 -16.29 22.35
CA GLN B 73 -17.40 -16.91 22.69
C GLN B 73 -18.43 -16.76 21.58
N SER B 74 -18.28 -15.79 20.69
CA SER B 74 -19.11 -15.78 19.49
C SER B 74 -18.85 -17.03 18.65
N LEU B 75 -17.58 -17.45 18.57
CA LEU B 75 -17.25 -18.67 17.85
C LEU B 75 -17.82 -19.89 18.56
N VAL B 76 -17.71 -19.93 19.89
CA VAL B 76 -18.33 -21.00 20.66
C VAL B 76 -19.82 -21.07 20.36
N SER B 77 -20.51 -19.93 20.42
CA SER B 77 -21.95 -19.93 20.18
C SER B 77 -22.27 -20.44 18.79
N ALA B 78 -21.56 -19.92 17.78
CA ALA B 78 -21.78 -20.36 16.41
C ALA B 78 -21.65 -21.88 16.30
N VAL B 79 -20.55 -22.45 16.80
CA VAL B 79 -20.35 -23.88 16.57
C VAL B 79 -21.31 -24.73 17.40
N LYS B 80 -21.88 -24.19 18.48
CA LYS B 80 -22.90 -24.95 19.23
C LYS B 80 -24.14 -25.22 18.41
N LEU B 81 -24.38 -24.41 17.38
CA LEU B 81 -25.64 -24.51 16.66
C LEU B 81 -25.70 -25.68 15.70
N VAL B 82 -24.60 -26.38 15.46
CA VAL B 82 -24.50 -27.26 14.29
C VAL B 82 -23.85 -28.59 14.64
N ASP B 83 -24.05 -29.57 13.74
CA ASP B 83 -23.40 -30.88 13.84
C ASP B 83 -22.05 -30.92 13.13
N VAL B 84 -21.89 -30.22 12.00
CA VAL B 84 -20.67 -30.26 11.21
C VAL B 84 -20.20 -28.84 10.93
N VAL B 85 -18.89 -28.62 11.05
CA VAL B 85 -18.26 -27.34 10.74
C VAL B 85 -17.34 -27.54 9.54
N VAL B 86 -17.46 -26.67 8.54
CA VAL B 86 -16.53 -26.66 7.39
C VAL B 86 -15.81 -25.32 7.35
N SER B 87 -14.48 -25.35 7.45
CA SER B 87 -13.68 -24.15 7.29
C SER B 87 -13.15 -24.09 5.86
N ALA B 88 -13.35 -22.93 5.21
CA ALA B 88 -12.78 -22.64 3.90
C ALA B 88 -11.82 -21.45 4.01
N MET B 89 -11.16 -21.34 5.16
CA MET B 89 -10.18 -20.29 5.42
C MET B 89 -9.17 -20.16 4.29
N SER B 90 -8.76 -18.91 4.04
CA SER B 90 -7.84 -18.62 2.94
C SER B 90 -6.47 -19.23 3.20
N GLY B 91 -5.79 -19.56 2.10
CA GLY B 91 -4.38 -19.88 2.18
C GLY B 91 -3.45 -18.94 1.45
N VAL B 92 -3.85 -17.69 1.15
CA VAL B 92 -2.95 -16.83 0.37
C VAL B 92 -1.95 -16.09 1.27
N HIS B 93 -2.37 -15.60 2.44
CA HIS B 93 -1.48 -14.78 3.28
C HIS B 93 -0.81 -15.67 4.33
N PHE B 94 0.09 -16.54 3.83
CA PHE B 94 0.79 -17.46 4.72
C PHE B 94 1.84 -16.74 5.57
N ARG B 95 2.36 -15.60 5.12
CA ARG B 95 3.26 -14.81 5.96
C ARG B 95 2.54 -14.14 7.13
N SER B 96 1.23 -13.95 7.03
CA SER B 96 0.39 -13.48 8.14
C SER B 96 -0.34 -14.63 8.82
N HIS B 97 -0.06 -15.87 8.41
CA HIS B 97 -0.52 -17.08 9.11
C HIS B 97 -2.05 -17.20 9.12
N ASN B 98 -2.71 -16.78 8.03
CA ASN B 98 -4.18 -16.84 8.07
C ASN B 98 -4.71 -18.27 8.13
N ILE B 99 -3.97 -19.26 7.61
CA ILE B 99 -4.39 -20.66 7.81
C ILE B 99 -4.46 -20.98 9.31
N LEU B 100 -3.54 -20.41 10.09
CA LEU B 100 -3.49 -20.69 11.52
C LEU B 100 -4.61 -19.99 12.27
N VAL B 101 -5.23 -18.96 11.68
CA VAL B 101 -6.41 -18.37 12.29
C VAL B 101 -7.45 -19.44 12.62
N GLN B 102 -7.43 -20.56 11.87
CA GLN B 102 -8.35 -21.65 12.15
C GLN B 102 -8.16 -22.24 13.56
N LEU B 103 -7.02 -21.99 14.21
CA LEU B 103 -6.76 -22.58 15.53
C LEU B 103 -7.73 -22.05 16.57
N LYS B 104 -8.10 -20.77 16.46
CA LYS B 104 -9.14 -20.24 17.34
C LYS B 104 -10.47 -20.94 17.09
N LEU B 105 -10.79 -21.25 15.84
CA LEU B 105 -12.01 -22.01 15.57
C LEU B 105 -11.93 -23.40 16.16
N VAL B 106 -10.73 -24.00 16.18
CA VAL B 106 -10.60 -25.33 16.78
C VAL B 106 -10.79 -25.26 18.29
N GLU B 107 -10.20 -24.25 18.94
CA GLU B 107 -10.46 -24.06 20.37
C GLU B 107 -11.95 -23.94 20.64
N ALA B 108 -12.65 -23.14 19.83
CA ALA B 108 -14.08 -22.93 20.05
C ALA B 108 -14.87 -24.22 19.90
N ILE B 109 -14.46 -25.07 18.94
CA ILE B 109 -15.12 -26.36 18.77
C ILE B 109 -14.83 -27.27 19.96
N LYS B 110 -13.60 -27.20 20.49
CA LYS B 110 -13.23 -28.03 21.63
C LYS B 110 -14.04 -27.64 22.86
N GLU B 111 -14.04 -26.35 23.21
CA GLU B 111 -14.91 -25.88 24.28
C GLU B 111 -16.36 -26.29 24.06
N ALA B 112 -16.86 -26.16 22.83
CA ALA B 112 -18.28 -26.36 22.60
C ALA B 112 -18.69 -27.81 22.78
N GLY B 113 -17.83 -28.75 22.37
CA GLY B 113 -18.00 -30.16 22.65
C GLY B 113 -19.04 -30.89 21.83
N ASN B 114 -19.90 -30.19 21.10
CA ASN B 114 -21.03 -30.83 20.42
C ASN B 114 -20.78 -31.21 18.96
N VAL B 115 -19.63 -30.88 18.39
CA VAL B 115 -19.45 -30.96 16.95
C VAL B 115 -19.15 -32.41 16.55
N LYS B 116 -20.01 -32.96 15.69
CA LYS B 116 -19.84 -34.33 15.21
C LYS B 116 -18.61 -34.47 14.30
N ARG B 117 -18.33 -33.47 13.45
CA ARG B 117 -17.24 -33.58 12.49
C ARG B 117 -16.80 -32.18 12.05
N PHE B 118 -15.49 -32.01 11.89
CA PHE B 118 -14.87 -30.76 11.45
C PHE B 118 -14.11 -31.01 10.14
N LEU B 119 -14.43 -30.24 9.11
CA LEU B 119 -13.60 -30.25 7.89
C LEU B 119 -12.76 -28.97 7.84
N PRO B 120 -11.46 -29.04 8.16
CA PRO B 120 -10.62 -27.84 8.10
C PRO B 120 -10.27 -27.44 6.65
N SER B 121 -9.58 -26.31 6.48
CA SER B 121 -9.37 -25.77 5.13
C SER B 121 -8.22 -26.50 4.45
N GLU B 122 -8.56 -27.58 3.74
CA GLU B 122 -7.56 -28.43 3.11
C GLU B 122 -7.66 -28.21 1.61
N PHE B 123 -8.39 -29.02 0.86
CA PHE B 123 -8.77 -28.79 -0.53
C PHE B 123 -7.57 -28.59 -1.47
N GLY B 124 -6.41 -29.12 -1.14
CA GLY B 124 -5.26 -29.02 -2.01
C GLY B 124 -4.37 -30.20 -1.90
N MET B 125 -3.07 -29.95 -1.96
CA MET B 125 -2.09 -31.01 -1.79
C MET B 125 -2.22 -31.60 -0.40
N ASP B 126 -1.95 -32.90 -0.30
CA ASP B 126 -2.05 -33.67 0.93
C ASP B 126 -0.88 -33.35 1.85
N PRO B 127 -1.12 -32.56 2.90
CA PRO B 127 -0.03 -31.86 3.63
C PRO B 127 0.99 -32.79 4.24
N PRO B 128 0.59 -33.90 4.86
CA PRO B 128 1.59 -34.84 5.43
C PRO B 128 2.44 -35.49 4.35
N ARG B 129 2.07 -35.36 3.08
CA ARG B 129 2.91 -35.83 1.99
C ARG B 129 3.90 -34.77 1.50
N MET B 130 3.87 -33.56 2.05
CA MET B 130 4.66 -32.44 1.55
C MET B 130 5.80 -32.04 2.49
N GLY B 131 6.26 -32.96 3.34
CA GLY B 131 7.34 -32.65 4.25
C GLY B 131 8.61 -32.12 3.59
N HIS B 132 8.79 -32.39 2.29
CA HIS B 132 10.00 -32.02 1.55
C HIS B 132 9.79 -30.85 0.59
N ALA B 133 8.70 -30.11 0.75
CA ALA B 133 8.38 -29.04 -0.18
C ALA B 133 9.39 -27.91 -0.09
N LEU B 134 9.57 -27.22 -1.23
CA LEU B 134 10.42 -26.03 -1.29
C LEU B 134 9.86 -24.92 -0.42
N PRO B 135 10.69 -24.26 0.40
CA PRO B 135 10.23 -22.99 0.99
C PRO B 135 10.24 -21.88 -0.07
N PRO B 136 9.43 -20.81 0.13
CA PRO B 136 8.50 -20.60 1.23
C PRO B 136 7.19 -21.35 1.02
N GLY B 137 7.06 -21.96 -0.17
CA GLY B 137 5.86 -22.70 -0.47
C GLY B 137 5.47 -23.73 0.57
N ARG B 138 6.46 -24.30 1.28
CA ARG B 138 6.11 -25.33 2.25
C ARG B 138 5.35 -24.77 3.45
N GLU B 139 5.46 -23.48 3.74
CA GLU B 139 4.78 -22.89 4.90
C GLU B 139 3.29 -23.18 4.90
N THR B 140 2.68 -23.27 3.72
CA THR B 140 1.26 -23.60 3.62
C THR B 140 0.98 -24.97 4.25
N PHE B 141 1.79 -25.97 3.89
CA PHE B 141 1.52 -27.32 4.37
C PHE B 141 1.89 -27.46 5.85
N ASP B 142 2.97 -26.80 6.27
CA ASP B 142 3.29 -26.72 7.70
C ASP B 142 2.09 -26.22 8.51
N GLN B 143 1.49 -25.09 8.09
CA GLN B 143 0.38 -24.54 8.85
C GLN B 143 -0.84 -25.46 8.83
N LYS B 144 -1.15 -26.06 7.68
CA LYS B 144 -2.23 -27.02 7.64
C LYS B 144 -1.94 -28.24 8.53
N MET B 145 -0.67 -28.62 8.68
CA MET B 145 -0.33 -29.72 9.59
C MET B 145 -0.58 -29.32 11.05
N GLU B 146 -0.19 -28.10 11.42
CA GLU B 146 -0.42 -27.63 12.78
C GLU B 146 -1.91 -27.63 13.12
N VAL B 147 -2.74 -27.23 12.17
CA VAL B 147 -4.19 -27.33 12.37
C VAL B 147 -4.61 -28.78 12.55
N ARG B 148 -4.08 -29.69 11.73
CA ARG B 148 -4.42 -31.08 11.89
C ARG B 148 -4.06 -31.57 13.29
N GLN B 149 -2.91 -31.14 13.81
CA GLN B 149 -2.49 -31.49 15.15
C GLN B 149 -3.54 -31.09 16.18
N ALA B 150 -3.95 -29.81 16.16
CA ALA B 150 -4.90 -29.30 17.15
C ALA B 150 -6.22 -30.05 17.08
N ILE B 151 -6.70 -30.33 15.86
CA ILE B 151 -7.90 -31.14 15.71
C ILE B 151 -7.74 -32.47 16.43
N GLU B 152 -6.62 -33.15 16.17
CA GLU B 152 -6.40 -34.49 16.70
C GLU B 152 -6.10 -34.43 18.19
N ALA B 153 -5.26 -33.50 18.61
CA ALA B 153 -4.95 -33.32 20.03
C ALA B 153 -6.20 -33.02 20.85
N ALA B 154 -7.22 -32.42 20.23
CA ALA B 154 -8.48 -32.14 20.93
C ALA B 154 -9.53 -33.23 20.72
N GLY B 155 -9.20 -34.30 19.98
CA GLY B 155 -10.15 -35.38 19.76
C GLY B 155 -11.33 -35.05 18.87
N ILE B 156 -11.25 -33.97 18.11
CA ILE B 156 -12.37 -33.55 17.26
C ILE B 156 -12.46 -34.48 16.05
N PRO B 157 -13.62 -35.04 15.72
CA PRO B 157 -13.73 -35.88 14.52
C PRO B 157 -13.66 -35.05 13.25
N TYR B 158 -13.06 -35.63 12.20
CA TYR B 158 -12.61 -34.85 11.05
C TYR B 158 -12.82 -35.61 9.74
N THR B 159 -12.78 -34.84 8.64
CA THR B 159 -12.58 -35.38 7.30
C THR B 159 -11.65 -34.41 6.59
N TYR B 160 -10.63 -34.94 5.92
CA TYR B 160 -9.65 -34.11 5.23
C TYR B 160 -9.86 -34.32 3.74
N VAL B 161 -10.22 -33.24 3.04
CA VAL B 161 -10.55 -33.31 1.63
C VAL B 161 -9.37 -32.76 0.85
N VAL B 162 -8.75 -33.60 0.02
CA VAL B 162 -7.48 -33.25 -0.63
C VAL B 162 -7.44 -33.81 -2.04
N GLY B 163 -6.43 -33.38 -2.81
CA GLY B 163 -5.94 -34.14 -3.94
C GLY B 163 -6.15 -33.59 -5.34
N ALA B 164 -6.85 -32.45 -5.52
CA ALA B 164 -7.10 -31.98 -6.87
C ALA B 164 -6.70 -30.52 -7.05
N CYS B 165 -6.26 -30.17 -8.27
CA CYS B 165 -6.03 -28.78 -8.66
C CYS B 165 -7.36 -28.09 -8.96
N PHE B 166 -7.56 -26.89 -8.40
CA PHE B 166 -8.70 -26.08 -8.79
C PHE B 166 -8.64 -25.79 -10.29
N ALA B 167 -9.72 -26.09 -11.01
CA ALA B 167 -9.66 -26.03 -12.48
C ALA B 167 -9.38 -24.63 -12.99
N ALA B 168 -9.93 -23.61 -12.32
CA ALA B 168 -9.79 -22.24 -12.82
C ALA B 168 -8.33 -21.80 -12.80
N TYR B 169 -7.56 -22.26 -11.82
CA TYR B 169 -6.19 -21.78 -11.65
C TYR B 169 -5.17 -22.60 -12.43
N PHE B 170 -5.51 -23.82 -12.86
CA PHE B 170 -4.53 -24.70 -13.49
C PHE B 170 -5.01 -25.39 -14.77
N ALA B 171 -6.32 -25.50 -15.01
CA ALA B 171 -6.83 -26.08 -16.26
C ALA B 171 -7.27 -25.00 -17.24
N GLY B 172 -8.04 -24.02 -16.76
CA GLY B 172 -8.57 -22.98 -17.65
C GLY B 172 -7.51 -22.18 -18.35
N ASN B 173 -6.31 -22.10 -17.77
CA ASN B 173 -5.19 -21.39 -18.38
C ASN B 173 -4.17 -22.32 -19.02
N LEU B 174 -4.50 -23.60 -19.19
CA LEU B 174 -3.54 -24.60 -19.65
C LEU B 174 -2.28 -24.56 -18.81
N SER B 175 -2.45 -24.27 -17.52
CA SER B 175 -1.37 -24.30 -16.55
C SER B 175 -0.33 -23.20 -16.80
N GLN B 176 -0.69 -22.09 -17.46
CA GLN B 176 0.27 -21.08 -17.86
C GLN B 176 0.61 -20.04 -16.77
N MET B 177 -0.15 -19.98 -15.67
CA MET B 177 0.14 -19.18 -14.49
C MET B 177 -0.09 -17.67 -14.67
N VAL B 178 0.34 -17.11 -15.79
CA VAL B 178 0.32 -15.66 -15.96
C VAL B 178 -1.07 -15.10 -16.22
N THR B 179 -2.01 -15.95 -16.60
CA THR B 179 -3.37 -15.54 -16.94
C THR B 179 -4.29 -16.60 -16.37
N LEU B 180 -5.60 -16.30 -16.36
CA LEU B 180 -6.61 -17.29 -16.01
C LEU B 180 -7.39 -17.75 -17.24
N LEU B 181 -6.85 -17.54 -18.44
CA LEU B 181 -7.50 -17.84 -19.71
C LEU B 181 -6.53 -18.61 -20.60
N PRO B 182 -7.03 -19.41 -21.54
CA PRO B 182 -6.10 -20.18 -22.38
C PRO B 182 -5.19 -19.25 -23.15
N PRO B 183 -3.96 -19.69 -23.45
CA PRO B 183 -3.06 -18.87 -24.26
C PRO B 183 -3.46 -18.91 -25.71
N LYS B 184 -3.06 -17.87 -26.46
CA LYS B 184 -3.55 -17.69 -27.83
C LYS B 184 -2.76 -18.46 -28.88
N GLU B 185 -1.42 -18.43 -28.85
CA GLU B 185 -0.71 -19.04 -29.98
C GLU B 185 0.46 -19.90 -29.54
N LYS B 186 1.02 -19.57 -28.38
CA LYS B 186 2.17 -20.24 -27.81
C LYS B 186 1.81 -20.75 -26.42
N VAL B 187 2.36 -21.89 -26.04
CA VAL B 187 2.18 -22.39 -24.69
C VAL B 187 3.50 -22.96 -24.19
N ASN B 188 3.78 -22.73 -22.92
CA ASN B 188 4.92 -23.35 -22.27
C ASN B 188 4.54 -24.74 -21.79
N ILE B 189 5.36 -25.72 -22.10
CA ILE B 189 5.19 -27.07 -21.59
C ILE B 189 6.23 -27.27 -20.49
N TYR B 190 5.77 -27.63 -19.31
CA TYR B 190 6.62 -27.72 -18.13
C TYR B 190 7.26 -29.10 -18.04
N GLY B 191 8.60 -29.14 -18.11
CA GLY B 191 9.27 -30.44 -18.26
C GLY B 191 8.94 -30.98 -19.63
N ASP B 192 8.65 -32.28 -19.69
CA ASP B 192 8.21 -32.85 -20.95
C ASP B 192 6.70 -32.84 -21.10
N GLY B 193 5.97 -32.33 -20.11
CA GLY B 193 4.53 -32.33 -20.16
C GLY B 193 3.89 -33.70 -20.05
N ASN B 194 4.63 -34.68 -19.51
CA ASN B 194 4.16 -36.05 -19.39
C ASN B 194 3.89 -36.47 -17.95
N VAL B 195 3.72 -35.50 -17.05
CA VAL B 195 3.50 -35.81 -15.64
C VAL B 195 2.02 -35.65 -15.33
N LYS B 196 1.42 -36.68 -14.72
CA LYS B 196 -0.02 -36.70 -14.51
C LYS B 196 -0.43 -35.75 -13.39
N VAL B 197 -1.46 -34.96 -13.64
CA VAL B 197 -1.96 -33.99 -12.66
C VAL B 197 -3.45 -34.25 -12.49
N VAL B 198 -3.98 -33.92 -11.31
CA VAL B 198 -5.41 -34.08 -11.04
C VAL B 198 -6.08 -32.70 -11.11
N PHE B 199 -7.06 -32.57 -12.00
CA PHE B 199 -7.86 -31.37 -12.12
C PHE B 199 -9.32 -31.64 -11.71
N ALA B 200 -9.92 -30.67 -11.03
CA ALA B 200 -11.34 -30.77 -10.69
C ALA B 200 -12.00 -29.41 -10.74
N ASP B 201 -13.12 -29.32 -11.46
CA ASP B 201 -14.02 -28.19 -11.33
C ASP B 201 -14.36 -27.98 -9.86
N GLU B 202 -14.28 -26.73 -9.40
CA GLU B 202 -14.44 -26.43 -7.99
C GLU B 202 -15.90 -26.62 -7.51
N ASP B 203 -16.88 -26.53 -8.41
CA ASP B 203 -18.25 -26.88 -8.02
C ASP B 203 -18.37 -28.37 -7.70
N ASP B 204 -17.65 -29.22 -8.45
CA ASP B 204 -17.57 -30.63 -8.11
C ASP B 204 -16.89 -30.85 -6.78
N ILE B 205 -15.77 -30.13 -6.54
CA ILE B 205 -15.10 -30.19 -5.24
C ILE B 205 -16.07 -29.86 -4.12
N ALA B 206 -16.92 -28.84 -4.33
CA ALA B 206 -17.88 -28.49 -3.28
C ALA B 206 -18.95 -29.55 -3.12
N LYS B 207 -19.49 -30.05 -4.23
CA LYS B 207 -20.46 -31.16 -4.17
C LYS B 207 -19.88 -32.35 -3.40
N TYR B 208 -18.66 -32.77 -3.72
CA TYR B 208 -18.05 -33.88 -2.98
C TYR B 208 -17.92 -33.54 -1.50
N THR B 209 -17.53 -32.30 -1.19
CA THR B 209 -17.43 -31.87 0.22
C THR B 209 -18.78 -32.00 0.94
N ALA B 210 -19.86 -31.57 0.27
CA ALA B 210 -21.18 -31.60 0.88
C ALA B 210 -21.70 -33.03 1.05
N LYS B 211 -21.35 -33.93 0.13
CA LYS B 211 -21.79 -35.30 0.24
C LYS B 211 -20.94 -36.12 1.20
N THR B 212 -19.73 -35.67 1.51
CA THR B 212 -18.87 -36.44 2.37
C THR B 212 -18.94 -36.02 3.83
N LEU B 213 -19.50 -34.84 4.13
CA LEU B 213 -19.33 -34.31 5.48
C LEU B 213 -20.17 -35.08 6.51
N ASN B 214 -21.19 -35.80 6.07
CA ASN B 214 -21.93 -36.70 6.96
C ASN B 214 -21.90 -38.14 6.48
N ASP B 215 -20.88 -38.52 5.70
CA ASP B 215 -20.72 -39.90 5.24
C ASP B 215 -19.95 -40.69 6.28
N PRO B 216 -20.52 -41.77 6.84
CA PRO B 216 -19.77 -42.56 7.85
C PRO B 216 -18.48 -43.13 7.31
N ARG B 217 -18.44 -43.45 6.01
CA ARG B 217 -17.23 -44.02 5.42
C ARG B 217 -16.04 -43.09 5.55
N THR B 218 -16.26 -41.78 5.58
CA THR B 218 -15.15 -40.81 5.60
C THR B 218 -14.95 -40.17 6.97
N LEU B 219 -15.68 -40.61 8.00
CA LEU B 219 -15.41 -40.13 9.35
C LEU B 219 -13.99 -40.48 9.76
N ASN B 220 -13.22 -39.46 10.19
CA ASN B 220 -11.81 -39.61 10.58
C ASN B 220 -10.96 -40.19 9.46
N LYS B 221 -11.19 -39.73 8.22
CA LYS B 221 -10.47 -40.19 7.04
C LYS B 221 -10.03 -38.99 6.21
N THR B 222 -8.98 -39.21 5.42
CA THR B 222 -8.61 -38.32 4.31
C THR B 222 -9.33 -38.82 3.06
N VAL B 223 -10.13 -37.97 2.44
CA VAL B 223 -10.85 -38.34 1.24
C VAL B 223 -10.21 -37.62 0.05
N ASN B 224 -9.94 -38.37 -1.02
CA ASN B 224 -9.25 -37.86 -2.19
C ASN B 224 -10.21 -37.53 -3.32
N ILE B 225 -9.99 -36.38 -3.94
CA ILE B 225 -10.72 -35.99 -5.13
C ILE B 225 -9.81 -36.30 -6.31
N ARG B 226 -10.01 -37.47 -6.92
CA ARG B 226 -9.20 -37.91 -8.06
C ARG B 226 -10.09 -38.55 -9.11
N PRO B 227 -10.90 -37.75 -9.78
CA PRO B 227 -11.77 -38.29 -10.82
C PRO B 227 -10.95 -38.80 -11.99
N PRO B 228 -11.12 -40.08 -12.34
CA PRO B 228 -10.17 -40.74 -13.28
C PRO B 228 -10.04 -40.05 -14.63
N ASP B 229 -11.15 -39.64 -15.26
CA ASP B 229 -11.02 -38.95 -16.53
C ASP B 229 -10.30 -37.59 -16.39
N ASN B 230 -10.09 -37.11 -15.18
CA ASN B 230 -9.47 -35.79 -14.95
C ASN B 230 -8.03 -35.90 -14.49
N VAL B 231 -7.47 -37.11 -14.46
CA VAL B 231 -6.04 -37.30 -14.22
C VAL B 231 -5.38 -37.18 -15.59
N LEU B 232 -4.62 -36.11 -15.80
CA LEU B 232 -4.13 -35.74 -17.12
C LEU B 232 -2.73 -35.17 -16.99
N THR B 233 -1.90 -35.41 -18.02
CA THR B 233 -0.65 -34.66 -18.12
C THR B 233 -0.93 -33.29 -18.72
N GLN B 234 0.02 -32.37 -18.58
CA GLN B 234 -0.24 -31.03 -19.11
C GLN B 234 -0.34 -31.08 -20.63
N LEU B 235 0.47 -31.94 -21.24
CA LEU B 235 0.37 -32.12 -22.68
C LEU B 235 -1.01 -32.63 -23.09
N GLU B 236 -1.58 -33.60 -22.34
CA GLU B 236 -2.93 -34.06 -22.68
C GLU B 236 -3.96 -32.94 -22.51
N LEU B 237 -3.84 -32.16 -21.44
CA LEU B 237 -4.72 -31.01 -21.28
C LEU B 237 -4.63 -30.09 -22.49
N VAL B 238 -3.40 -29.74 -22.89
CA VAL B 238 -3.23 -28.85 -24.04
C VAL B 238 -3.86 -29.44 -25.30
N GLN B 239 -3.73 -30.75 -25.49
CA GLN B 239 -4.30 -31.37 -26.69
C GLN B 239 -5.82 -31.37 -26.66
N ILE B 240 -6.43 -31.42 -25.46
CA ILE B 240 -7.87 -31.24 -25.36
C ILE B 240 -8.28 -29.88 -25.88
N TRP B 241 -7.54 -28.84 -25.49
CA TRP B 241 -7.85 -27.50 -25.98
C TRP B 241 -7.66 -27.40 -27.50
N GLU B 242 -6.57 -27.97 -28.02
CA GLU B 242 -6.33 -27.89 -29.46
C GLU B 242 -7.46 -28.58 -30.23
N LYS B 243 -7.98 -29.69 -29.70
CA LYS B 243 -9.09 -30.36 -30.35
C LYS B 243 -10.37 -29.51 -30.35
N LEU B 244 -10.58 -28.70 -29.30
CA LEU B 244 -11.78 -27.87 -29.26
C LEU B 244 -11.67 -26.70 -30.22
N THR B 245 -10.48 -26.10 -30.31
CA THR B 245 -10.31 -24.89 -31.11
C THR B 245 -9.90 -25.18 -32.54
N GLY B 246 -9.41 -26.39 -32.81
CA GLY B 246 -8.83 -26.68 -34.10
C GLY B 246 -7.57 -25.90 -34.41
N LYS B 247 -6.86 -25.38 -33.41
CA LYS B 247 -5.60 -24.66 -33.61
C LYS B 247 -4.53 -25.31 -32.75
N GLU B 248 -3.48 -25.80 -33.40
CA GLU B 248 -2.33 -26.35 -32.69
C GLU B 248 -1.50 -25.22 -32.11
N LEU B 249 -1.14 -25.32 -30.82
CA LEU B 249 -0.33 -24.29 -30.21
C LEU B 249 1.15 -24.59 -30.39
N GLU B 250 1.96 -23.53 -30.48
CA GLU B 250 3.41 -23.70 -30.59
C GLU B 250 4.01 -23.89 -29.20
N LYS B 251 4.76 -24.97 -29.01
CA LYS B 251 5.13 -25.44 -27.70
C LYS B 251 6.61 -25.21 -27.40
N THR B 252 6.89 -24.73 -26.19
CA THR B 252 8.25 -24.57 -25.70
C THR B 252 8.36 -25.31 -24.38
N ASN B 253 9.32 -26.22 -24.27
CA ASN B 253 9.51 -26.98 -23.05
C ASN B 253 10.43 -26.22 -22.13
N ILE B 254 10.12 -26.25 -20.84
CA ILE B 254 10.87 -25.54 -19.82
C ILE B 254 11.40 -26.58 -18.85
N ALA B 255 12.73 -26.70 -18.78
CA ALA B 255 13.34 -27.69 -17.91
C ALA B 255 13.26 -27.24 -16.46
N ALA B 256 13.28 -28.23 -15.55
CA ALA B 256 13.11 -27.96 -14.13
C ALA B 256 14.05 -26.84 -13.64
N GLN B 257 15.34 -26.96 -13.95
CA GLN B 257 16.31 -25.99 -13.44
C GLN B 257 15.98 -24.58 -13.94
N ASP B 258 15.48 -24.46 -15.17
CA ASP B 258 15.17 -23.14 -15.69
C ASP B 258 13.86 -22.59 -15.14
N PHE B 259 12.89 -23.47 -14.89
CA PHE B 259 11.67 -23.05 -14.20
C PHE B 259 11.99 -22.40 -12.86
N LEU B 260 12.89 -23.00 -12.08
CA LEU B 260 13.20 -22.49 -10.76
C LEU B 260 14.30 -21.43 -10.73
N ALA B 261 14.86 -21.04 -11.88
CA ALA B 261 16.00 -20.11 -11.86
C ALA B 261 15.61 -18.78 -11.20
N ASN B 262 16.51 -18.28 -10.33
CA ASN B 262 16.38 -16.96 -9.70
C ASN B 262 15.14 -16.84 -8.83
N ILE B 263 14.59 -17.97 -8.39
CA ILE B 263 13.39 -17.92 -7.55
C ILE B 263 13.62 -16.99 -6.36
N GLU B 264 14.83 -16.96 -5.82
CA GLU B 264 15.04 -16.14 -4.61
C GLU B 264 14.92 -14.65 -4.89
N GLN B 265 14.97 -14.22 -6.14
CA GLN B 265 14.77 -12.80 -6.42
C GLN B 265 13.31 -12.44 -6.68
N MET B 266 12.40 -13.40 -6.65
CA MET B 266 11.01 -13.06 -6.89
C MET B 266 10.33 -12.68 -5.57
N GLU B 267 9.17 -12.03 -5.68
CA GLU B 267 8.36 -11.72 -4.51
C GLU B 267 7.93 -13.00 -3.82
N ILE B 268 7.84 -12.91 -2.49
CA ILE B 268 7.64 -14.11 -1.68
C ILE B 268 6.40 -14.88 -2.10
N PRO B 269 5.23 -14.26 -2.26
CA PRO B 269 4.04 -15.05 -2.65
C PRO B 269 4.23 -15.73 -4.00
N HIS B 270 4.90 -15.07 -4.94
CA HIS B 270 5.19 -15.73 -6.20
C HIS B 270 6.15 -16.91 -6.00
N GLN B 271 7.16 -16.77 -5.11
CA GLN B 271 8.04 -17.89 -4.81
C GLN B 271 7.26 -19.11 -4.36
N ALA B 272 6.31 -18.91 -3.45
CA ALA B 272 5.48 -20.03 -3.00
C ALA B 272 4.66 -20.60 -4.16
N GLY B 273 4.06 -19.73 -4.97
CA GLY B 273 3.31 -20.20 -6.11
C GLY B 273 4.12 -21.10 -7.01
N ILE B 274 5.37 -20.72 -7.28
CA ILE B 274 6.25 -21.52 -8.11
C ILE B 274 6.56 -22.86 -7.47
N GLY B 275 6.81 -22.86 -6.16
CA GLY B 275 7.14 -24.11 -5.48
C GLY B 275 6.00 -25.10 -5.55
N HIS B 276 4.79 -24.62 -5.31
CA HIS B 276 3.62 -25.47 -5.41
C HIS B 276 3.50 -26.03 -6.82
N PHE B 277 3.65 -25.16 -7.82
CA PHE B 277 3.56 -25.60 -9.21
C PHE B 277 4.60 -26.67 -9.52
N TYR B 278 5.80 -26.51 -8.99
CA TYR B 278 6.87 -27.47 -9.28
C TYR B 278 6.50 -28.86 -8.77
N HIS B 279 6.07 -28.96 -7.51
CA HIS B 279 5.70 -30.26 -6.96
C HIS B 279 4.61 -30.93 -7.77
N ILE B 280 3.63 -30.16 -8.25
CA ILE B 280 2.53 -30.77 -8.98
C ILE B 280 2.98 -31.19 -10.37
N PHE B 281 3.58 -30.26 -11.12
CA PHE B 281 3.77 -30.48 -12.55
C PHE B 281 5.09 -31.13 -12.89
N TYR B 282 6.15 -30.86 -12.13
CA TYR B 282 7.44 -31.51 -12.35
C TYR B 282 7.55 -32.79 -11.57
N GLU B 283 7.19 -32.77 -10.29
CA GLU B 283 7.33 -33.94 -9.44
C GLU B 283 6.11 -34.85 -9.44
N GLY B 284 5.00 -34.42 -10.03
CA GLY B 284 3.78 -35.23 -10.05
C GLY B 284 3.24 -35.60 -8.68
N CYS B 285 3.29 -34.68 -7.72
CA CYS B 285 2.96 -35.00 -6.33
C CYS B 285 1.52 -35.46 -6.17
N LEU B 286 0.61 -34.99 -7.03
CA LEU B 286 -0.80 -35.39 -6.95
C LEU B 286 -1.07 -36.80 -7.44
N THR B 287 -0.13 -37.48 -8.11
CA THR B 287 -0.43 -38.76 -8.74
C THR B 287 0.63 -39.81 -8.49
N ASP B 288 1.59 -39.55 -7.62
CA ASP B 288 2.71 -40.45 -7.42
C ASP B 288 2.39 -41.53 -6.38
N HIS B 289 1.11 -41.71 -6.04
CA HIS B 289 0.68 -42.73 -5.10
C HIS B 289 -0.72 -43.21 -5.46
N GLU B 290 -1.04 -44.42 -5.02
CA GLU B 290 -2.32 -45.04 -5.34
C GLU B 290 -3.28 -44.92 -4.16
N VAL B 291 -4.56 -44.67 -4.45
CA VAL B 291 -5.56 -44.56 -3.40
C VAL B 291 -6.73 -45.47 -3.76
N GLY B 292 -7.36 -46.04 -2.72
CA GLY B 292 -8.45 -46.96 -2.94
C GLY B 292 -9.73 -46.28 -3.38
N GLU B 293 -10.61 -47.06 -4.03
CA GLU B 293 -11.91 -46.52 -4.39
C GLU B 293 -12.74 -46.13 -3.17
N ASP B 294 -12.53 -46.81 -2.04
CA ASP B 294 -13.25 -46.46 -0.81
C ASP B 294 -12.75 -45.18 -0.14
N GLU B 295 -11.69 -44.54 -0.66
CA GLU B 295 -11.25 -43.23 -0.17
C GLU B 295 -11.10 -42.23 -1.29
N GLU B 296 -11.85 -42.40 -2.38
CA GLU B 296 -11.79 -41.52 -3.54
C GLU B 296 -13.19 -41.04 -3.87
N ALA B 297 -13.34 -39.71 -3.97
CA ALA B 297 -14.66 -39.11 -3.93
C ALA B 297 -15.53 -39.54 -5.11
N SER B 298 -14.95 -39.64 -6.33
CA SER B 298 -15.80 -39.94 -7.48
C SER B 298 -16.31 -41.39 -7.45
N SER B 299 -15.54 -42.31 -6.85
CA SER B 299 -16.06 -43.65 -6.55
C SER B 299 -17.07 -43.60 -5.41
N LEU B 300 -16.69 -42.97 -4.30
CA LEU B 300 -17.58 -42.90 -3.15
C LEU B 300 -18.94 -42.32 -3.54
N TYR B 301 -18.96 -41.34 -4.45
CA TYR B 301 -20.17 -40.59 -4.78
C TYR B 301 -20.37 -40.63 -6.28
N PRO B 302 -20.69 -41.81 -6.82
CA PRO B 302 -20.79 -41.98 -8.27
C PRO B 302 -21.99 -41.28 -8.88
N ASP B 303 -22.90 -40.75 -8.05
CA ASP B 303 -24.00 -39.94 -8.56
C ASP B 303 -23.53 -38.60 -9.08
N VAL B 304 -22.37 -38.11 -8.63
CA VAL B 304 -21.84 -36.83 -9.06
C VAL B 304 -21.22 -37.01 -10.45
N LYS B 305 -21.86 -36.48 -11.48
CA LYS B 305 -21.31 -36.58 -12.83
C LYS B 305 -20.31 -35.44 -13.01
N TYR B 306 -19.10 -35.67 -12.54
CA TYR B 306 -18.12 -34.60 -12.47
C TYR B 306 -17.80 -34.05 -13.87
N LYS B 307 -17.46 -32.76 -13.91
CA LYS B 307 -17.16 -32.12 -15.18
C LYS B 307 -15.79 -32.57 -15.69
N ARG B 308 -15.75 -33.08 -16.91
CA ARG B 308 -14.48 -33.41 -17.52
C ARG B 308 -13.82 -32.15 -18.07
N MET B 309 -12.51 -32.22 -18.26
CA MET B 309 -11.78 -31.00 -18.64
C MET B 309 -12.08 -30.58 -20.07
N ASP B 310 -12.61 -31.47 -20.91
CA ASP B 310 -13.06 -31.01 -22.22
C ASP B 310 -14.34 -30.17 -22.06
N ASP B 311 -15.24 -30.57 -21.16
CA ASP B 311 -16.43 -29.74 -20.92
C ASP B 311 -16.07 -28.46 -20.18
N TYR B 312 -15.14 -28.54 -19.22
CA TYR B 312 -14.68 -27.34 -18.54
C TYR B 312 -14.16 -26.32 -19.54
N LEU B 313 -13.21 -26.74 -20.39
CA LEU B 313 -12.59 -25.81 -21.32
C LEU B 313 -13.56 -25.26 -22.37
N ARG B 314 -14.66 -25.97 -22.66
CA ARG B 314 -15.61 -25.44 -23.65
C ARG B 314 -16.06 -24.04 -23.28
N MET B 315 -16.24 -23.77 -21.99
CA MET B 315 -16.77 -22.45 -21.69
C MET B 315 -15.81 -21.33 -22.05
N PHE B 316 -14.56 -21.65 -22.41
CA PHE B 316 -13.61 -20.62 -22.83
C PHE B 316 -13.65 -20.34 -24.32
N LEU B 317 -14.44 -21.10 -25.08
CA LEU B 317 -14.45 -20.95 -26.53
C LEU B 317 -15.19 -19.69 -26.95
N GLU C 8 29.54 38.78 -8.04
CA GLU C 8 30.20 37.88 -8.97
C GLU C 8 30.04 36.41 -8.54
N LYS C 9 29.37 36.18 -7.41
CA LYS C 9 28.99 34.83 -7.03
C LYS C 9 27.89 34.32 -7.97
N THR C 10 28.03 33.09 -8.46
CA THR C 10 26.94 32.52 -9.24
C THR C 10 25.78 32.18 -8.31
N ARG C 11 24.57 32.49 -8.77
CA ARG C 11 23.34 32.14 -8.04
C ARG C 11 22.80 30.83 -8.59
N VAL C 12 22.62 29.84 -7.71
CA VAL C 12 22.23 28.48 -8.10
C VAL C 12 20.99 28.08 -7.31
N LEU C 13 20.00 27.52 -8.00
CA LEU C 13 18.83 26.92 -7.35
C LEU C 13 18.91 25.40 -7.49
N VAL C 14 18.86 24.69 -6.37
CA VAL C 14 18.81 23.22 -6.39
C VAL C 14 17.37 22.79 -6.19
N VAL C 15 16.84 22.07 -7.17
CA VAL C 15 15.51 21.49 -7.11
C VAL C 15 15.71 19.99 -6.92
N GLY C 16 15.17 19.46 -5.83
CA GLY C 16 15.50 18.13 -5.34
C GLY C 16 16.57 18.20 -4.25
N ALA C 17 16.50 19.24 -3.42
CA ALA C 17 17.64 19.58 -2.58
C ALA C 17 17.82 18.62 -1.40
N THR C 18 16.79 17.88 -1.01
CA THR C 18 16.92 16.89 0.06
C THR C 18 17.11 15.48 -0.48
N GLY C 19 17.37 15.34 -1.78
CA GLY C 19 17.55 14.04 -2.37
C GLY C 19 18.92 13.45 -2.06
N TYR C 20 19.11 12.20 -2.49
CA TYR C 20 20.36 11.51 -2.20
C TYR C 20 21.54 12.23 -2.84
N ILE C 21 21.52 12.42 -4.17
CA ILE C 21 22.60 13.23 -4.73
C ILE C 21 22.31 14.72 -4.50
N GLY C 22 21.04 15.10 -4.42
CA GLY C 22 20.69 16.52 -4.34
C GLY C 22 21.26 17.20 -3.11
N LYS C 23 21.14 16.57 -1.93
CA LYS C 23 21.68 17.22 -0.74
C LYS C 23 23.19 17.35 -0.81
N ARG C 24 23.88 16.39 -1.43
CA ARG C 24 25.32 16.53 -1.61
C ARG C 24 25.62 17.68 -2.54
N ILE C 25 24.76 17.89 -3.55
CA ILE C 25 24.96 18.99 -4.49
C ILE C 25 24.78 20.33 -3.77
N VAL C 26 23.76 20.45 -2.93
CA VAL C 26 23.59 21.66 -2.14
C VAL C 26 24.86 21.97 -1.36
N ARG C 27 25.36 20.99 -0.62
CA ARG C 27 26.55 21.21 0.20
C ARG C 27 27.75 21.58 -0.66
N ALA C 28 27.91 20.92 -1.80
CA ALA C 28 29.06 21.23 -2.65
C ALA C 28 28.94 22.63 -3.25
N CYS C 29 27.74 23.04 -3.63
CA CYS C 29 27.60 24.39 -4.15
C CYS C 29 27.96 25.41 -3.09
N LEU C 30 27.54 25.17 -1.84
CA LEU C 30 27.92 26.08 -0.77
C LEU C 30 29.42 26.10 -0.58
N ALA C 31 30.07 24.93 -0.60
CA ALA C 31 31.50 24.93 -0.36
C ALA C 31 32.27 25.52 -1.52
N GLU C 32 31.69 25.48 -2.73
CA GLU C 32 32.36 26.08 -3.88
C GLU C 32 32.21 27.60 -3.89
N GLY C 33 31.31 28.15 -3.10
CA GLY C 33 31.13 29.58 -3.00
C GLY C 33 29.92 30.12 -3.73
N HIS C 34 29.12 29.27 -4.37
CA HIS C 34 27.92 29.76 -5.02
C HIS C 34 26.94 30.30 -3.98
N GLU C 35 26.23 31.37 -4.36
CA GLU C 35 25.06 31.79 -3.60
C GLU C 35 23.95 30.78 -3.88
N THR C 36 23.63 29.95 -2.89
CA THR C 36 22.93 28.69 -3.13
C THR C 36 21.52 28.78 -2.57
N TYR C 37 20.54 28.58 -3.44
CA TYR C 37 19.11 28.58 -3.16
C TYR C 37 18.62 27.16 -3.23
N VAL C 38 17.67 26.80 -2.37
CA VAL C 38 17.07 25.47 -2.39
C VAL C 38 15.56 25.59 -2.41
N LEU C 39 14.92 24.80 -3.27
CA LEU C 39 13.48 24.78 -3.36
C LEU C 39 12.89 23.94 -2.22
N GLN C 40 12.11 24.58 -1.35
CA GLN C 40 11.41 23.92 -0.27
C GLN C 40 9.95 23.79 -0.66
N ARG C 41 9.51 22.54 -0.94
CA ARG C 41 8.14 22.37 -1.39
C ARG C 41 7.18 22.17 -0.20
N PRO C 42 5.99 22.75 -0.26
CA PRO C 42 5.03 22.56 0.84
C PRO C 42 4.60 21.12 1.01
N GLU C 43 4.69 20.30 -0.04
CA GLU C 43 4.26 18.92 0.07
C GLU C 43 5.11 18.08 1.04
N ILE C 44 6.31 18.53 1.39
CA ILE C 44 7.17 17.77 2.30
C ILE C 44 7.14 18.32 3.72
N GLY C 45 6.11 19.10 4.07
CA GLY C 45 6.10 19.84 5.32
C GLY C 45 5.88 18.97 6.56
N LEU C 46 5.41 17.74 6.40
CA LEU C 46 5.33 16.77 7.49
C LEU C 46 6.45 15.72 7.45
N GLU C 47 7.44 15.87 6.58
CA GLU C 47 8.55 14.92 6.51
C GLU C 47 9.72 15.49 7.29
N ILE C 48 9.86 15.00 8.53
CA ILE C 48 10.75 15.64 9.48
C ILE C 48 12.18 15.68 8.96
N GLU C 49 12.67 14.59 8.38
CA GLU C 49 14.05 14.58 7.94
C GLU C 49 14.29 15.59 6.79
N LYS C 50 13.29 15.82 5.95
CA LYS C 50 13.43 16.85 4.93
C LYS C 50 13.42 18.24 5.56
N VAL C 51 12.44 18.49 6.42
CA VAL C 51 12.32 19.79 7.06
C VAL C 51 13.60 20.13 7.79
N GLN C 52 14.18 19.17 8.52
CA GLN C 52 15.40 19.46 9.25
C GLN C 52 16.62 19.57 8.34
N LEU C 53 16.66 18.87 7.21
CA LEU C 53 17.72 19.13 6.23
C LEU C 53 17.70 20.58 5.76
N PHE C 54 16.51 21.09 5.43
CA PHE C 54 16.38 22.49 5.01
C PHE C 54 16.88 23.44 6.09
N LEU C 55 16.54 23.18 7.36
CA LEU C 55 17.10 24.01 8.44
C LEU C 55 18.61 23.90 8.49
N SER C 56 19.18 22.70 8.26
CA SER C 56 20.64 22.61 8.29
C SER C 56 21.27 23.37 7.12
N PHE C 57 20.62 23.33 5.95
CA PHE C 57 21.08 24.10 4.80
C PHE C 57 21.10 25.61 5.12
N LYS C 58 20.01 26.10 5.74
CA LYS C 58 19.94 27.49 6.14
C LYS C 58 21.13 27.85 7.01
N LYS C 59 21.41 27.02 8.02
CA LYS C 59 22.51 27.30 8.91
C LYS C 59 23.82 27.45 8.15
N LEU C 60 23.99 26.69 7.07
CA LEU C 60 25.22 26.73 6.28
C LEU C 60 25.24 27.87 5.28
N GLY C 61 24.20 28.69 5.21
CA GLY C 61 24.17 29.81 4.27
C GLY C 61 23.24 29.65 3.10
N ALA C 62 22.54 28.53 2.94
CA ALA C 62 21.63 28.40 1.82
C ALA C 62 20.42 29.28 2.03
N ARG C 63 19.83 29.74 0.93
CA ARG C 63 18.62 30.54 0.97
C ARG C 63 17.42 29.68 0.58
N ILE C 64 16.38 29.71 1.41
CA ILE C 64 15.16 28.92 1.18
C ILE C 64 14.28 29.63 0.16
N VAL C 65 13.78 28.88 -0.82
CA VAL C 65 12.80 29.37 -1.80
C VAL C 65 11.60 28.44 -1.76
N GLU C 66 10.43 28.97 -1.44
CA GLU C 66 9.24 28.13 -1.39
C GLU C 66 8.62 28.01 -2.78
N GLY C 67 8.16 26.82 -3.11
CA GLY C 67 7.51 26.63 -4.39
C GLY C 67 7.04 25.21 -4.53
N SER C 68 6.10 25.02 -5.46
CA SER C 68 5.47 23.72 -5.69
C SER C 68 5.40 23.46 -7.18
N PHE C 69 5.64 22.19 -7.56
CA PHE C 69 5.46 21.80 -8.94
C PHE C 69 4.00 21.88 -9.37
N SER C 70 3.06 21.93 -8.43
CA SER C 70 1.66 22.17 -8.76
C SER C 70 1.35 23.64 -8.98
N ASP C 71 2.33 24.53 -8.87
CA ASP C 71 2.10 25.97 -8.88
C ASP C 71 3.13 26.55 -9.83
N HIS C 72 2.76 26.59 -11.12
CA HIS C 72 3.65 27.07 -12.16
C HIS C 72 4.30 28.40 -11.79
N GLN C 73 3.51 29.39 -11.35
CA GLN C 73 4.13 30.69 -11.09
C GLN C 73 5.12 30.65 -9.93
N SER C 74 4.94 29.74 -8.97
CA SER C 74 5.94 29.61 -7.91
C SER C 74 7.28 29.11 -8.49
N LEU C 75 7.23 28.19 -9.46
CA LEU C 75 8.46 27.75 -10.12
C LEU C 75 9.10 28.90 -10.87
N VAL C 76 8.29 29.64 -11.62
CA VAL C 76 8.80 30.78 -12.37
C VAL C 76 9.49 31.76 -11.43
N SER C 77 8.80 32.14 -10.35
CA SER C 77 9.40 33.08 -9.41
C SER C 77 10.70 32.53 -8.86
N ALA C 78 10.74 31.22 -8.60
CA ALA C 78 11.94 30.64 -8.01
C ALA C 78 13.12 30.72 -8.98
N VAL C 79 12.93 30.27 -10.23
CA VAL C 79 14.07 30.30 -11.15
C VAL C 79 14.45 31.72 -11.56
N LYS C 80 13.54 32.70 -11.43
CA LYS C 80 13.91 34.08 -11.69
C LYS C 80 15.01 34.58 -10.77
N LEU C 81 15.19 33.93 -9.62
CA LEU C 81 16.15 34.42 -8.64
C LEU C 81 17.60 34.07 -8.96
N VAL C 82 17.85 33.14 -9.87
CA VAL C 82 19.19 32.56 -9.99
C VAL C 82 19.68 32.61 -11.42
N ASP C 83 20.96 32.31 -11.58
CA ASP C 83 21.65 32.17 -12.86
C ASP C 83 21.62 30.72 -13.39
N VAL C 84 21.73 29.73 -12.49
CA VAL C 84 21.82 28.33 -12.87
C VAL C 84 20.83 27.53 -12.03
N VAL C 85 20.14 26.60 -12.67
CA VAL C 85 19.23 25.68 -12.00
C VAL C 85 19.79 24.26 -12.10
N VAL C 86 19.85 23.54 -10.96
CA VAL C 86 20.27 22.13 -10.94
C VAL C 86 19.10 21.30 -10.41
N SER C 87 18.68 20.32 -11.21
CA SER C 87 17.64 19.39 -10.81
C SER C 87 18.24 18.05 -10.41
N ALA C 88 17.83 17.55 -9.24
CA ALA C 88 18.23 16.21 -8.80
C ALA C 88 16.99 15.34 -8.59
N MET C 89 16.00 15.53 -9.47
CA MET C 89 14.76 14.76 -9.43
C MET C 89 15.04 13.27 -9.36
N SER C 90 14.22 12.57 -8.58
CA SER C 90 14.37 11.13 -8.42
C SER C 90 14.19 10.40 -9.75
N GLY C 91 14.89 9.27 -9.87
CA GLY C 91 14.61 8.31 -10.93
C GLY C 91 14.05 6.97 -10.46
N VAL C 92 13.58 6.85 -9.21
CA VAL C 92 13.15 5.52 -8.80
C VAL C 92 11.81 5.14 -9.43
N HIS C 93 10.83 6.05 -9.42
CA HIS C 93 9.45 5.69 -9.80
C HIS C 93 9.19 6.04 -11.26
N PHE C 94 9.86 5.27 -12.13
CA PHE C 94 9.74 5.50 -13.57
C PHE C 94 8.33 5.18 -14.09
N ARG C 95 7.62 4.22 -13.49
CA ARG C 95 6.25 3.96 -13.89
C ARG C 95 5.33 5.14 -13.56
N SER C 96 5.71 5.97 -12.57
CA SER C 96 5.06 7.22 -12.23
C SER C 96 5.66 8.43 -12.96
N HIS C 97 6.73 8.25 -13.73
CA HIS C 97 7.28 9.31 -14.57
C HIS C 97 7.85 10.50 -13.77
N ASN C 98 8.45 10.26 -12.59
CA ASN C 98 8.94 11.41 -11.83
C ASN C 98 10.06 12.16 -12.56
N ILE C 99 10.91 11.49 -13.34
CA ILE C 99 11.82 12.24 -14.21
C ILE C 99 11.03 13.23 -15.05
N LEU C 100 9.84 12.83 -15.51
CA LEU C 100 9.08 13.72 -16.37
C LEU C 100 8.47 14.89 -15.61
N VAL C 101 8.41 14.81 -14.28
CA VAL C 101 7.97 15.97 -13.52
C VAL C 101 8.84 17.18 -13.84
N GLN C 102 10.10 16.95 -14.20
CA GLN C 102 10.96 18.06 -14.57
C GLN C 102 10.44 18.86 -15.76
N LEU C 103 9.58 18.26 -16.59
CA LEU C 103 9.03 19.04 -17.70
C LEU C 103 8.40 20.33 -17.20
N LYS C 104 7.79 20.31 -16.00
CA LYS C 104 7.19 21.55 -15.51
C LYS C 104 8.27 22.57 -15.13
N LEU C 105 9.40 22.11 -14.61
CA LEU C 105 10.51 23.01 -14.34
C LEU C 105 11.06 23.61 -15.63
N VAL C 106 11.23 22.79 -16.68
CA VAL C 106 11.71 23.32 -17.95
C VAL C 106 10.77 24.41 -18.45
N GLU C 107 9.47 24.15 -18.39
CA GLU C 107 8.50 25.15 -18.83
C GLU C 107 8.61 26.44 -18.01
N ALA C 108 8.91 26.32 -16.71
CA ALA C 108 9.05 27.53 -15.89
C ALA C 108 10.30 28.31 -16.26
N ILE C 109 11.41 27.60 -16.48
CA ILE C 109 12.65 28.25 -16.91
C ILE C 109 12.44 28.94 -18.24
N LYS C 110 11.75 28.26 -19.16
CA LYS C 110 11.41 28.86 -20.45
C LYS C 110 10.75 30.22 -20.26
N GLU C 111 9.58 30.24 -19.61
CA GLU C 111 8.88 31.50 -19.35
C GLU C 111 9.77 32.50 -18.63
N ALA C 112 10.54 32.06 -17.62
CA ALA C 112 11.35 33.00 -16.86
C ALA C 112 12.35 33.75 -17.73
N GLY C 113 13.14 33.02 -18.53
CA GLY C 113 14.02 33.63 -19.53
C GLY C 113 15.41 34.03 -19.04
N ASN C 114 15.64 34.13 -17.73
CA ASN C 114 16.92 34.63 -17.24
C ASN C 114 17.97 33.55 -17.02
N VAL C 115 17.58 32.27 -17.09
CA VAL C 115 18.47 31.20 -16.63
C VAL C 115 19.61 31.03 -17.63
N LYS C 116 20.83 31.14 -17.14
CA LYS C 116 22.00 30.97 -17.98
C LYS C 116 22.35 29.52 -18.22
N ARG C 117 21.93 28.59 -17.35
CA ARG C 117 22.22 27.19 -17.60
C ARG C 117 21.34 26.29 -16.73
N PHE C 118 20.85 25.19 -17.31
CA PHE C 118 20.08 24.18 -16.59
C PHE C 118 20.81 22.84 -16.63
N LEU C 119 20.93 22.19 -15.48
CA LEU C 119 21.47 20.84 -15.42
C LEU C 119 20.35 19.92 -14.98
N PRO C 120 19.76 19.13 -15.89
CA PRO C 120 18.68 18.23 -15.50
C PRO C 120 19.22 17.05 -14.71
N SER C 121 18.29 16.24 -14.22
CA SER C 121 18.65 15.14 -13.31
C SER C 121 19.16 13.97 -14.17
N GLU C 122 20.49 13.97 -14.39
CA GLU C 122 21.15 12.96 -15.20
C GLU C 122 21.94 12.04 -14.28
N PHE C 123 23.24 12.27 -14.08
CA PHE C 123 24.02 11.64 -13.02
C PHE C 123 24.09 10.12 -13.15
N GLY C 124 23.94 9.60 -14.35
CA GLY C 124 23.88 8.15 -14.55
C GLY C 124 24.41 7.73 -15.91
N MET C 125 23.84 6.64 -16.44
CA MET C 125 24.18 6.23 -17.80
C MET C 125 23.78 7.33 -18.78
N ASP C 126 24.50 7.39 -19.88
CA ASP C 126 24.32 8.44 -20.87
C ASP C 126 23.11 8.11 -21.73
N PRO C 127 21.96 8.78 -21.53
CA PRO C 127 20.69 8.28 -22.09
C PRO C 127 20.73 8.04 -23.59
N PRO C 128 21.35 8.91 -24.39
CA PRO C 128 21.33 8.67 -25.85
C PRO C 128 22.07 7.42 -26.27
N ARG C 129 22.93 6.89 -25.42
CA ARG C 129 23.66 5.68 -25.75
C ARG C 129 22.89 4.41 -25.34
N MET C 130 21.71 4.57 -24.74
CA MET C 130 20.95 3.45 -24.21
C MET C 130 19.74 3.10 -25.09
N GLY C 131 19.79 3.43 -26.37
CA GLY C 131 18.63 3.22 -27.22
C GLY C 131 18.14 1.77 -27.27
N HIS C 132 19.03 0.82 -27.04
CA HIS C 132 18.70 -0.59 -27.14
C HIS C 132 18.47 -1.25 -25.79
N ALA C 133 18.32 -0.45 -24.73
CA ALA C 133 18.32 -0.99 -23.38
C ALA C 133 17.12 -1.93 -23.14
N LEU C 134 17.30 -2.83 -22.17
CA LEU C 134 16.25 -3.78 -21.81
C LEU C 134 15.09 -3.06 -21.13
N PRO C 135 13.84 -3.31 -21.54
CA PRO C 135 12.74 -2.82 -20.72
C PRO C 135 12.55 -3.71 -19.50
N PRO C 136 11.95 -3.19 -18.43
CA PRO C 136 11.45 -1.81 -18.27
C PRO C 136 12.55 -0.81 -17.92
N GLY C 137 13.79 -1.28 -17.79
CA GLY C 137 14.89 -0.39 -17.47
C GLY C 137 15.10 0.73 -18.47
N ARG C 138 14.73 0.49 -19.74
CA ARG C 138 14.91 1.53 -20.75
C ARG C 138 14.11 2.78 -20.44
N GLU C 139 13.03 2.66 -19.67
CA GLU C 139 12.11 3.77 -19.46
C GLU C 139 12.80 4.96 -18.83
N THR C 140 13.76 4.72 -17.93
CA THR C 140 14.52 5.82 -17.33
C THR C 140 15.18 6.67 -18.40
N PHE C 141 15.83 6.01 -19.36
CA PHE C 141 16.56 6.74 -20.39
C PHE C 141 15.61 7.38 -21.38
N ASP C 142 14.49 6.71 -21.69
CA ASP C 142 13.46 7.35 -22.53
C ASP C 142 13.01 8.67 -21.93
N GLN C 143 12.70 8.66 -20.63
CA GLN C 143 12.21 9.88 -19.99
C GLN C 143 13.28 10.95 -19.93
N LYS C 144 14.52 10.57 -19.59
CA LYS C 144 15.58 11.58 -19.54
C LYS C 144 15.81 12.17 -20.92
N MET C 145 15.64 11.37 -21.97
CA MET C 145 15.73 11.92 -23.32
C MET C 145 14.58 12.90 -23.58
N GLU C 146 13.37 12.57 -23.12
CA GLU C 146 12.28 13.49 -23.37
C GLU C 146 12.54 14.84 -22.68
N VAL C 147 13.21 14.82 -21.52
CA VAL C 147 13.61 16.06 -20.85
C VAL C 147 14.68 16.79 -21.65
N ARG C 148 15.66 16.05 -22.17
CA ARG C 148 16.68 16.68 -23.00
C ARG C 148 16.04 17.36 -24.22
N GLN C 149 15.04 16.72 -24.81
CA GLN C 149 14.40 17.31 -25.99
C GLN C 149 13.64 18.58 -25.65
N ALA C 150 12.98 18.62 -24.48
CA ALA C 150 12.26 19.83 -24.10
C ALA C 150 13.22 20.97 -23.80
N ILE C 151 14.35 20.67 -23.14
CA ILE C 151 15.38 21.67 -22.88
C ILE C 151 15.85 22.29 -24.20
N GLU C 152 16.14 21.43 -25.18
CA GLU C 152 16.68 21.92 -26.45
C GLU C 152 15.58 22.64 -27.26
N ALA C 153 14.36 22.12 -27.22
CA ALA C 153 13.20 22.77 -27.85
C ALA C 153 12.86 24.11 -27.24
N ALA C 154 13.30 24.39 -26.01
CA ALA C 154 13.10 25.67 -25.34
C ALA C 154 14.27 26.62 -25.53
N GLY C 155 15.36 26.14 -26.11
CA GLY C 155 16.57 26.94 -26.20
C GLY C 155 17.25 27.21 -24.88
N ILE C 156 17.04 26.36 -23.87
CA ILE C 156 17.71 26.50 -22.58
C ILE C 156 19.13 25.94 -22.67
N PRO C 157 20.17 26.71 -22.35
CA PRO C 157 21.53 26.16 -22.32
C PRO C 157 21.67 25.13 -21.22
N TYR C 158 22.57 24.17 -21.40
CA TYR C 158 22.56 23.00 -20.52
C TYR C 158 23.95 22.45 -20.28
N THR C 159 24.06 21.63 -19.22
CA THR C 159 25.14 20.67 -19.07
C THR C 159 24.57 19.34 -18.58
N TYR C 160 24.96 18.24 -19.22
CA TYR C 160 24.50 16.91 -18.83
C TYR C 160 25.67 16.20 -18.11
N VAL C 161 25.50 15.93 -16.82
CA VAL C 161 26.53 15.25 -16.03
C VAL C 161 26.21 13.76 -16.02
N VAL C 162 27.12 12.93 -16.55
CA VAL C 162 26.86 11.49 -16.74
C VAL C 162 28.12 10.70 -16.40
N GLY C 163 27.95 9.38 -16.29
CA GLY C 163 29.04 8.45 -16.57
C GLY C 163 29.53 7.57 -15.44
N ALA C 164 29.10 7.73 -14.18
CA ALA C 164 29.69 6.98 -13.07
C ALA C 164 28.63 6.31 -12.23
N CYS C 165 28.89 5.08 -11.76
CA CYS C 165 28.08 4.47 -10.70
C CYS C 165 28.28 5.19 -9.38
N PHE C 166 27.17 5.51 -8.70
CA PHE C 166 27.22 5.99 -7.33
C PHE C 166 27.91 4.93 -6.46
N ALA C 167 28.96 5.34 -5.75
CA ALA C 167 29.81 4.41 -5.01
C ALA C 167 29.02 3.59 -3.99
N ALA C 168 28.04 4.20 -3.32
CA ALA C 168 27.35 3.48 -2.25
C ALA C 168 26.49 2.32 -2.78
N TYR C 169 25.96 2.46 -3.98
CA TYR C 169 25.06 1.46 -4.55
C TYR C 169 25.77 0.37 -5.34
N PHE C 170 27.02 0.59 -5.73
CA PHE C 170 27.71 -0.35 -6.61
C PHE C 170 29.12 -0.73 -6.14
N ALA C 171 29.78 0.13 -5.35
CA ALA C 171 31.11 -0.17 -4.85
C ALA C 171 31.11 -0.63 -3.39
N GLY C 172 30.34 0.02 -2.50
CA GLY C 172 30.36 -0.38 -1.10
C GLY C 172 29.78 -1.76 -0.83
N ASN C 173 29.01 -2.30 -1.76
CA ASN C 173 28.47 -3.64 -1.62
C ASN C 173 29.18 -4.64 -2.54
N LEU C 174 30.32 -4.25 -3.11
CA LEU C 174 31.04 -5.09 -4.08
C LEU C 174 30.09 -5.53 -5.19
N SER C 175 29.11 -4.66 -5.52
CA SER C 175 28.18 -4.85 -6.63
C SER C 175 27.24 -6.05 -6.42
N GLN C 176 27.01 -6.45 -5.17
CA GLN C 176 26.16 -7.60 -4.84
C GLN C 176 24.66 -7.29 -4.87
N MET C 177 24.25 -6.02 -4.91
CA MET C 177 22.84 -5.65 -5.08
C MET C 177 21.94 -5.87 -3.86
N VAL C 178 21.99 -7.05 -3.24
CA VAL C 178 21.08 -7.38 -2.14
C VAL C 178 21.37 -6.62 -0.85
N THR C 179 22.52 -5.96 -0.77
CA THR C 179 22.90 -5.26 0.44
C THR C 179 23.58 -3.96 0.02
N LEU C 180 23.84 -3.10 1.01
CA LEU C 180 24.67 -1.92 0.78
C LEU C 180 25.99 -2.04 1.51
N LEU C 181 26.33 -3.26 1.97
CA LEU C 181 27.54 -3.57 2.71
C LEU C 181 28.32 -4.68 2.00
N PRO C 182 29.64 -4.74 2.14
CA PRO C 182 30.38 -5.84 1.53
C PRO C 182 29.89 -7.15 2.05
N PRO C 183 29.94 -8.21 1.25
CA PRO C 183 29.51 -9.53 1.72
C PRO C 183 30.54 -10.10 2.69
N LYS C 184 30.08 -10.99 3.58
CA LYS C 184 30.96 -11.51 4.65
C LYS C 184 31.95 -12.55 4.13
N GLU C 185 31.48 -13.52 3.35
CA GLU C 185 32.35 -14.64 3.01
C GLU C 185 32.28 -15.08 1.56
N LYS C 186 31.14 -14.93 0.90
CA LYS C 186 30.95 -15.34 -0.48
C LYS C 186 30.59 -14.12 -1.31
N VAL C 187 31.01 -14.12 -2.56
CA VAL C 187 30.72 -13.00 -3.45
C VAL C 187 30.40 -13.55 -4.84
N ASN C 188 29.38 -13.00 -5.45
CA ASN C 188 29.06 -13.29 -6.84
C ASN C 188 29.88 -12.41 -7.77
N ILE C 189 30.53 -13.02 -8.74
CA ILE C 189 31.23 -12.31 -9.81
C ILE C 189 30.36 -12.38 -11.05
N TYR C 190 30.08 -11.22 -11.66
CA TYR C 190 29.14 -11.15 -12.77
C TYR C 190 29.90 -11.32 -14.08
N GLY C 191 29.56 -12.36 -14.85
CA GLY C 191 30.39 -12.72 -15.98
C GLY C 191 31.75 -13.16 -15.49
N ASP C 192 32.79 -12.85 -16.25
CA ASP C 192 34.14 -13.10 -15.77
C ASP C 192 34.64 -12.04 -14.80
N GLY C 193 33.86 -10.98 -14.58
CA GLY C 193 34.29 -9.92 -13.69
C GLY C 193 35.46 -9.14 -14.23
N ASN C 194 35.61 -9.11 -15.55
CA ASN C 194 36.69 -8.41 -16.22
C ASN C 194 36.16 -7.28 -17.09
N VAL C 195 34.96 -6.79 -16.80
CA VAL C 195 34.35 -5.68 -17.53
C VAL C 195 34.53 -4.39 -16.72
N LYS C 196 35.12 -3.38 -17.34
CA LYS C 196 35.44 -2.15 -16.65
C LYS C 196 34.16 -1.37 -16.33
N VAL C 197 34.03 -0.96 -15.09
CA VAL C 197 32.94 -0.11 -14.61
C VAL C 197 33.55 1.18 -14.06
N VAL C 198 32.77 2.26 -14.10
CA VAL C 198 33.19 3.55 -13.53
C VAL C 198 32.52 3.73 -12.17
N PHE C 199 33.30 3.90 -11.12
CA PHE C 199 32.80 4.15 -9.78
C PHE C 199 33.21 5.55 -9.32
N ALA C 200 32.32 6.21 -8.57
CA ALA C 200 32.67 7.53 -8.04
C ALA C 200 31.93 7.80 -6.74
N ASP C 201 32.68 8.25 -5.74
CA ASP C 201 32.08 8.78 -4.53
C ASP C 201 31.10 9.90 -4.87
N GLU C 202 29.91 9.84 -4.29
CA GLU C 202 28.86 10.79 -4.67
C GLU C 202 29.19 12.21 -4.23
N ASP C 203 29.99 12.35 -3.16
CA ASP C 203 30.46 13.68 -2.78
C ASP C 203 31.36 14.28 -3.85
N ASP C 204 32.17 13.43 -4.51
CA ASP C 204 32.94 13.88 -5.68
C ASP C 204 32.05 14.26 -6.85
N ILE C 205 30.99 13.47 -7.10
CA ILE C 205 30.05 13.80 -8.16
C ILE C 205 29.45 15.16 -7.91
N ALA C 206 29.12 15.45 -6.65
CA ALA C 206 28.55 16.75 -6.30
C ALA C 206 29.58 17.89 -6.46
N LYS C 207 30.85 17.65 -6.11
CA LYS C 207 31.88 18.68 -6.29
C LYS C 207 32.11 18.99 -7.76
N TYR C 208 32.21 17.96 -8.61
CA TYR C 208 32.31 18.19 -10.05
C TYR C 208 31.11 18.95 -10.59
N THR C 209 29.91 18.60 -10.13
CA THR C 209 28.71 19.33 -10.54
C THR C 209 28.81 20.81 -10.15
N ALA C 210 29.21 21.09 -8.92
CA ALA C 210 29.34 22.46 -8.46
C ALA C 210 30.42 23.22 -9.25
N LYS C 211 31.49 22.52 -9.65
CA LYS C 211 32.56 23.19 -10.41
C LYS C 211 32.18 23.37 -11.88
N THR C 212 31.39 22.47 -12.46
CA THR C 212 31.13 22.58 -13.89
C THR C 212 29.97 23.50 -14.22
N LEU C 213 29.11 23.82 -13.25
CA LEU C 213 27.85 24.48 -13.61
C LEU C 213 28.05 25.95 -14.02
N ASN C 214 29.22 26.53 -13.81
CA ASN C 214 29.51 27.85 -14.36
C ASN C 214 30.79 27.82 -15.19
N ASP C 215 31.17 26.64 -15.70
CA ASP C 215 32.39 26.49 -16.47
C ASP C 215 32.09 26.76 -17.94
N PRO C 216 32.60 27.83 -18.54
CA PRO C 216 32.36 28.03 -19.98
C PRO C 216 32.71 26.82 -20.83
N ARG C 217 33.67 25.99 -20.40
CA ARG C 217 34.08 24.83 -21.19
C ARG C 217 32.94 23.80 -21.34
N THR C 218 32.02 23.75 -20.37
CA THR C 218 30.97 22.73 -20.40
C THR C 218 29.60 23.28 -20.81
N LEU C 219 29.56 24.51 -21.32
CA LEU C 219 28.30 25.09 -21.74
C LEU C 219 27.75 24.30 -22.92
N ASN C 220 26.52 23.80 -22.78
CA ASN C 220 25.88 23.00 -23.81
C ASN C 220 26.68 21.73 -24.13
N LYS C 221 27.27 21.12 -23.11
CA LYS C 221 28.02 19.87 -23.30
C LYS C 221 27.52 18.79 -22.35
N THR C 222 27.85 17.55 -22.70
CA THR C 222 27.85 16.43 -21.77
C THR C 222 29.20 16.39 -21.07
N VAL C 223 29.18 16.33 -19.74
CA VAL C 223 30.39 16.18 -18.93
C VAL C 223 30.40 14.76 -18.38
N ASN C 224 31.46 14.00 -18.70
CA ASN C 224 31.62 12.63 -18.22
C ASN C 224 32.38 12.62 -16.90
N ILE C 225 31.84 11.93 -15.91
CA ILE C 225 32.57 11.69 -14.66
C ILE C 225 33.26 10.33 -14.81
N ARG C 226 34.54 10.33 -15.17
CA ARG C 226 35.28 9.08 -15.40
C ARG C 226 36.67 9.20 -14.83
N PRO C 227 36.80 9.22 -13.51
CA PRO C 227 38.10 9.33 -12.88
C PRO C 227 38.93 8.09 -13.16
N PRO C 228 40.15 8.26 -13.70
CA PRO C 228 40.86 7.10 -14.29
C PRO C 228 41.15 6.00 -13.29
N ASP C 229 41.53 6.35 -12.06
CA ASP C 229 41.85 5.35 -11.06
C ASP C 229 40.62 4.62 -10.55
N ASN C 230 39.42 5.09 -10.92
CA ASN C 230 38.19 4.46 -10.47
C ASN C 230 37.51 3.71 -11.61
N VAL C 231 38.22 3.49 -12.71
CA VAL C 231 37.73 2.66 -13.80
C VAL C 231 38.27 1.27 -13.48
N LEU C 232 37.39 0.40 -13.00
CA LEU C 232 37.76 -0.84 -12.34
C LEU C 232 36.80 -1.93 -12.78
N THR C 233 37.32 -3.11 -13.04
CA THR C 233 36.45 -4.26 -13.19
C THR C 233 35.92 -4.66 -11.82
N GLN C 234 34.88 -5.50 -11.82
CA GLN C 234 34.32 -5.96 -10.55
C GLN C 234 35.34 -6.78 -9.76
N LEU C 235 36.10 -7.63 -10.45
CA LEU C 235 37.13 -8.42 -9.77
C LEU C 235 38.21 -7.52 -9.18
N GLU C 236 38.58 -6.46 -9.91
CA GLU C 236 39.51 -5.48 -9.36
C GLU C 236 38.94 -4.82 -8.11
N LEU C 237 37.65 -4.49 -8.12
CA LEU C 237 37.00 -3.94 -6.93
C LEU C 237 37.05 -4.92 -5.76
N VAL C 238 36.62 -6.17 -6.01
CA VAL C 238 36.65 -7.18 -4.96
C VAL C 238 38.07 -7.37 -4.44
N GLN C 239 39.07 -7.34 -5.33
CA GLN C 239 40.45 -7.54 -4.89
C GLN C 239 40.94 -6.38 -4.02
N ILE C 240 40.51 -5.14 -4.30
CA ILE C 240 40.80 -4.04 -3.37
C ILE C 240 40.29 -4.38 -1.98
N TRP C 241 39.04 -4.82 -1.88
CA TRP C 241 38.49 -5.20 -0.58
C TRP C 241 39.24 -6.40 0.01
N GLU C 242 39.65 -7.34 -0.82
CA GLU C 242 40.36 -8.47 -0.25
C GLU C 242 41.71 -8.04 0.30
N LYS C 243 42.34 -7.04 -0.31
CA LYS C 243 43.58 -6.47 0.21
C LYS C 243 43.36 -5.68 1.50
N LEU C 244 42.22 -4.99 1.62
CA LEU C 244 41.96 -4.24 2.84
C LEU C 244 41.69 -5.15 4.02
N THR C 245 41.01 -6.27 3.79
CA THR C 245 40.65 -7.16 4.88
C THR C 245 41.65 -8.29 5.10
N GLY C 246 42.52 -8.53 4.14
CA GLY C 246 43.38 -9.71 4.17
C GLY C 246 42.68 -11.04 4.07
N LYS C 247 41.39 -11.07 3.72
CA LYS C 247 40.66 -12.32 3.53
C LYS C 247 40.23 -12.44 2.07
N GLU C 248 40.52 -13.59 1.47
CA GLU C 248 39.99 -13.89 0.16
C GLU C 248 38.53 -14.32 0.30
N LEU C 249 37.69 -13.90 -0.64
CA LEU C 249 36.27 -14.21 -0.66
C LEU C 249 36.00 -15.37 -1.61
N GLU C 250 35.05 -16.24 -1.25
CA GLU C 250 34.72 -17.35 -2.14
C GLU C 250 33.92 -16.83 -3.31
N LYS C 251 34.43 -17.01 -4.53
CA LYS C 251 33.83 -16.43 -5.71
C LYS C 251 33.00 -17.46 -6.49
N THR C 252 31.79 -17.05 -6.86
CA THR C 252 30.94 -17.77 -7.81
C THR C 252 30.67 -16.88 -9.01
N ASN C 253 30.94 -17.39 -10.21
CA ASN C 253 30.67 -16.65 -11.44
C ASN C 253 29.24 -16.90 -11.87
N ILE C 254 28.62 -15.86 -12.44
CA ILE C 254 27.23 -15.94 -12.91
C ILE C 254 27.23 -15.49 -14.35
N ALA C 255 26.90 -16.40 -15.26
CA ALA C 255 26.80 -16.10 -16.68
C ALA C 255 25.62 -15.16 -16.99
N ALA C 256 25.72 -14.48 -18.15
CA ALA C 256 24.70 -13.53 -18.56
C ALA C 256 23.31 -14.17 -18.62
N GLN C 257 23.20 -15.34 -19.25
CA GLN C 257 21.90 -15.97 -19.40
C GLN C 257 21.30 -16.35 -18.05
N ASP C 258 22.14 -16.74 -17.10
CA ASP C 258 21.57 -17.06 -15.80
C ASP C 258 21.26 -15.80 -15.01
N PHE C 259 21.97 -14.70 -15.29
CA PHE C 259 21.70 -13.46 -14.59
C PHE C 259 20.33 -12.92 -14.95
N LEU C 260 19.94 -13.05 -16.23
CA LEU C 260 18.67 -12.54 -16.73
C LEU C 260 17.54 -13.57 -16.70
N ALA C 261 17.78 -14.79 -16.22
CA ALA C 261 16.74 -15.83 -16.22
C ALA C 261 15.51 -15.40 -15.42
N ASN C 262 14.33 -15.64 -16.01
CA ASN C 262 13.04 -15.43 -15.37
C ASN C 262 12.81 -13.96 -14.97
N ILE C 263 13.51 -13.02 -15.63
CA ILE C 263 13.37 -11.61 -15.29
C ILE C 263 11.90 -11.18 -15.37
N GLU C 264 11.19 -11.64 -16.41
CA GLU C 264 9.78 -11.28 -16.61
C GLU C 264 8.90 -11.58 -15.40
N GLN C 265 9.34 -12.46 -14.50
CA GLN C 265 8.56 -12.84 -13.33
C GLN C 265 8.87 -12.01 -12.09
N MET C 266 9.86 -11.13 -12.15
CA MET C 266 10.17 -10.35 -10.95
C MET C 266 9.36 -9.06 -10.97
N GLU C 267 9.31 -8.39 -9.81
CA GLU C 267 8.64 -7.09 -9.74
C GLU C 267 9.26 -6.12 -10.74
N ILE C 268 8.43 -5.21 -11.25
CA ILE C 268 8.89 -4.27 -12.27
C ILE C 268 10.10 -3.46 -11.81
N PRO C 269 10.12 -2.87 -10.60
CA PRO C 269 11.32 -2.12 -10.17
C PRO C 269 12.58 -2.95 -10.15
N HIS C 270 12.50 -4.21 -9.71
CA HIS C 270 13.67 -5.09 -9.74
C HIS C 270 14.08 -5.43 -11.17
N GLN C 271 13.10 -5.65 -12.05
CA GLN C 271 13.43 -5.83 -13.46
C GLN C 271 14.27 -4.67 -13.98
N ALA C 272 13.85 -3.43 -13.70
CA ALA C 272 14.61 -2.27 -14.16
C ALA C 272 16.02 -2.30 -13.64
N GLY C 273 16.19 -2.58 -12.34
CA GLY C 273 17.51 -2.56 -11.74
C GLY C 273 18.41 -3.64 -12.29
N ILE C 274 17.87 -4.83 -12.54
CA ILE C 274 18.61 -5.91 -13.19
C ILE C 274 19.06 -5.48 -14.58
N GLY C 275 18.15 -4.85 -15.34
CA GLY C 275 18.52 -4.36 -16.66
C GLY C 275 19.68 -3.37 -16.60
N HIS C 276 19.58 -2.37 -15.73
CA HIS C 276 20.65 -1.40 -15.61
C HIS C 276 21.96 -2.09 -15.23
N PHE C 277 21.92 -2.90 -14.16
CA PHE C 277 23.09 -3.68 -13.78
C PHE C 277 23.67 -4.44 -14.99
N TYR C 278 22.81 -5.07 -15.78
CA TYR C 278 23.30 -5.87 -16.89
C TYR C 278 24.07 -5.02 -17.90
N HIS C 279 23.54 -3.86 -18.27
CA HIS C 279 24.25 -3.02 -19.21
C HIS C 279 25.59 -2.57 -18.67
N ILE C 280 25.68 -2.33 -17.37
CA ILE C 280 26.93 -1.82 -16.81
C ILE C 280 27.94 -2.95 -16.70
N PHE C 281 27.56 -4.04 -16.04
CA PHE C 281 28.57 -5.02 -15.64
C PHE C 281 28.78 -6.13 -16.67
N TYR C 282 27.77 -6.42 -17.49
CA TYR C 282 27.92 -7.40 -18.57
C TYR C 282 28.27 -6.74 -19.90
N GLU C 283 27.59 -5.67 -20.27
CA GLU C 283 27.88 -5.04 -21.54
C GLU C 283 28.89 -3.89 -21.45
N GLY C 284 29.31 -3.49 -20.25
CA GLY C 284 30.33 -2.44 -20.14
C GLY C 284 29.93 -1.09 -20.70
N CYS C 285 28.66 -0.71 -20.57
CA CYS C 285 28.18 0.50 -21.23
C CYS C 285 28.85 1.78 -20.72
N LEU C 286 29.45 1.77 -19.52
CA LEU C 286 30.10 2.98 -19.03
C LEU C 286 31.52 3.13 -19.55
N THR C 287 32.09 2.08 -20.15
CA THR C 287 33.47 2.11 -20.60
C THR C 287 33.65 1.58 -22.03
N ASP C 288 32.57 1.35 -22.78
CA ASP C 288 32.68 0.82 -24.14
C ASP C 288 32.85 1.93 -25.19
N HIS C 289 33.19 3.14 -24.76
CA HIS C 289 33.47 4.26 -25.64
C HIS C 289 34.43 5.18 -24.90
N GLU C 290 35.20 5.96 -25.65
CA GLU C 290 36.17 6.84 -25.04
C GLU C 290 35.61 8.27 -24.97
N VAL C 291 36.20 9.07 -24.08
CA VAL C 291 35.80 10.46 -23.89
C VAL C 291 37.04 11.32 -23.77
N GLY C 292 36.98 12.53 -24.36
CA GLY C 292 38.12 13.41 -24.36
C GLY C 292 38.32 14.13 -23.03
N GLU C 293 39.54 14.61 -22.82
CA GLU C 293 39.84 15.29 -21.57
C GLU C 293 39.07 16.60 -21.42
N ASP C 294 38.62 17.19 -22.53
CA ASP C 294 37.81 18.41 -22.50
C ASP C 294 36.35 18.13 -22.16
N GLU C 295 35.99 16.87 -21.93
CA GLU C 295 34.61 16.53 -21.60
C GLU C 295 34.59 15.50 -20.47
N GLU C 296 35.67 15.40 -19.70
CA GLU C 296 35.72 14.49 -18.58
C GLU C 296 36.10 15.28 -17.34
N ALA C 297 35.33 15.06 -16.28
CA ALA C 297 35.38 15.93 -15.10
C ALA C 297 36.75 15.93 -14.43
N SER C 298 37.39 14.75 -14.27
CA SER C 298 38.61 14.75 -13.46
C SER C 298 39.76 15.44 -14.17
N SER C 299 39.74 15.51 -15.50
CA SER C 299 40.70 16.32 -16.26
C SER C 299 40.31 17.80 -16.28
N LEU C 300 39.02 18.08 -16.42
CA LEU C 300 38.57 19.47 -16.38
C LEU C 300 38.91 20.11 -15.04
N TYR C 301 38.77 19.36 -13.94
CA TYR C 301 38.85 19.88 -12.57
C TYR C 301 39.91 19.10 -11.80
N PRO C 302 41.19 19.28 -12.15
CA PRO C 302 42.23 18.42 -11.57
C PRO C 302 42.51 18.71 -10.12
N ASP C 303 42.06 19.86 -9.60
CA ASP C 303 42.23 20.17 -8.19
C ASP C 303 41.34 19.33 -7.30
N VAL C 304 40.29 18.70 -7.85
CA VAL C 304 39.45 17.77 -7.11
C VAL C 304 40.21 16.45 -6.99
N LYS C 305 40.63 16.13 -5.77
CA LYS C 305 41.39 14.92 -5.49
C LYS C 305 40.37 13.83 -5.17
N TYR C 306 39.86 13.18 -6.22
CA TYR C 306 38.72 12.29 -6.02
C TYR C 306 39.09 11.11 -5.13
N LYS C 307 38.11 10.57 -4.44
CA LYS C 307 38.34 9.45 -3.54
C LYS C 307 38.47 8.16 -4.36
N ARG C 308 39.63 7.50 -4.23
CA ARG C 308 39.83 6.19 -4.83
C ARG C 308 39.05 5.13 -4.04
N MET C 309 38.76 4.00 -4.71
CA MET C 309 37.88 3.01 -4.10
C MET C 309 38.52 2.28 -2.93
N ASP C 310 39.86 2.19 -2.86
CA ASP C 310 40.44 1.63 -1.64
C ASP C 310 40.18 2.57 -0.47
N ASP C 311 40.33 3.88 -0.69
CA ASP C 311 39.98 4.87 0.32
C ASP C 311 38.49 4.81 0.65
N TYR C 312 37.63 4.77 -0.38
CA TYR C 312 36.18 4.68 -0.14
C TYR C 312 35.82 3.48 0.71
N LEU C 313 36.39 2.30 0.41
CA LEU C 313 35.95 1.06 1.05
C LEU C 313 36.42 0.92 2.50
N ARG C 314 37.41 1.70 2.92
CA ARG C 314 37.89 1.58 4.30
C ARG C 314 36.82 1.89 5.32
N MET C 315 35.83 2.72 4.97
CA MET C 315 34.85 3.03 5.98
C MET C 315 33.95 1.83 6.30
N PHE C 316 34.01 0.76 5.51
CA PHE C 316 33.24 -0.44 5.81
C PHE C 316 34.01 -1.44 6.69
N LEU C 317 35.28 -1.20 6.98
CA LEU C 317 36.07 -2.10 7.82
C LEU C 317 35.64 -2.04 9.28
N GLU D 8 37.06 1.95 32.49
CA GLU D 8 36.19 2.59 33.47
C GLU D 8 35.07 3.40 32.81
N LYS D 9 35.02 3.36 31.48
CA LYS D 9 33.91 3.93 30.74
C LYS D 9 32.65 3.08 30.92
N THR D 10 31.52 3.75 31.17
CA THR D 10 30.25 3.06 31.01
C THR D 10 30.11 2.60 29.56
N ARG D 11 29.76 1.33 29.38
CA ARG D 11 29.51 0.79 28.04
C ARG D 11 28.01 0.77 27.83
N VAL D 12 27.56 1.39 26.73
CA VAL D 12 26.15 1.62 26.43
C VAL D 12 25.85 1.05 25.07
N LEU D 13 24.77 0.27 24.97
CA LEU D 13 24.21 -0.21 23.72
C LEU D 13 22.94 0.58 23.42
N VAL D 14 22.90 1.28 22.30
CA VAL D 14 21.69 1.97 21.85
C VAL D 14 20.98 1.09 20.86
N VAL D 15 19.73 0.76 21.14
CA VAL D 15 18.89 -0.05 20.27
C VAL D 15 17.82 0.87 19.66
N GLY D 16 17.84 1.01 18.33
CA GLY D 16 17.04 2.01 17.65
C GLY D 16 17.94 3.19 17.33
N ALA D 17 19.18 2.87 16.96
CA ALA D 17 20.24 3.87 16.89
C ALA D 17 20.05 4.86 15.73
N THR D 18 19.24 4.53 14.74
CA THR D 18 18.99 5.46 13.65
C THR D 18 17.60 6.10 13.74
N GLY D 19 16.93 5.99 14.89
CA GLY D 19 15.63 6.60 15.08
C GLY D 19 15.76 8.11 15.30
N TYR D 20 14.60 8.77 15.35
CA TYR D 20 14.58 10.23 15.47
C TYR D 20 15.28 10.66 16.77
N ILE D 21 14.80 10.16 17.92
CA ILE D 21 15.57 10.49 19.13
C ILE D 21 16.80 9.56 19.28
N GLY D 22 16.72 8.32 18.78
CA GLY D 22 17.84 7.38 18.92
C GLY D 22 19.17 7.90 18.40
N LYS D 23 19.18 8.47 17.18
CA LYS D 23 20.46 8.95 16.66
C LYS D 23 20.99 10.13 17.49
N ARG D 24 20.12 10.93 18.06
CA ARG D 24 20.62 12.02 18.92
C ARG D 24 21.20 11.44 20.21
N ILE D 25 20.59 10.39 20.73
CA ILE D 25 21.11 9.69 21.90
C ILE D 25 22.49 9.10 21.60
N VAL D 26 22.64 8.44 20.44
CA VAL D 26 23.95 7.91 20.05
C VAL D 26 24.99 9.00 20.13
N ARG D 27 24.73 10.12 19.46
CA ARG D 27 25.73 11.17 19.42
C ARG D 27 25.98 11.73 20.81
N ALA D 28 24.94 11.86 21.60
CA ALA D 28 25.11 12.42 22.94
C ALA D 28 25.96 11.49 23.81
N CYS D 29 25.77 10.17 23.66
CA CYS D 29 26.57 9.22 24.43
C CYS D 29 28.03 9.32 24.06
N LEU D 30 28.34 9.41 22.75
CA LEU D 30 29.71 9.59 22.33
C LEU D 30 30.31 10.86 22.93
N ALA D 31 29.54 11.97 22.90
CA ALA D 31 30.07 13.24 23.37
C ALA D 31 30.28 13.21 24.89
N GLU D 32 29.51 12.40 25.59
CA GLU D 32 29.61 12.26 27.04
C GLU D 32 30.82 11.43 27.46
N GLY D 33 31.33 10.58 26.57
CA GLY D 33 32.49 9.76 26.85
C GLY D 33 32.17 8.29 27.06
N HIS D 34 30.91 7.89 26.97
CA HIS D 34 30.58 6.48 27.05
C HIS D 34 31.20 5.75 25.88
N GLU D 35 31.67 4.53 26.14
CA GLU D 35 31.97 3.59 25.07
C GLU D 35 30.63 3.17 24.48
N THR D 36 30.37 3.58 23.24
CA THR D 36 29.01 3.56 22.69
C THR D 36 28.87 2.51 21.61
N TYR D 37 27.98 1.56 21.84
CA TYR D 37 27.64 0.47 20.94
C TYR D 37 26.28 0.72 20.32
N VAL D 38 26.13 0.37 19.05
CA VAL D 38 24.87 0.55 18.34
C VAL D 38 24.49 -0.74 17.63
N LEU D 39 23.22 -1.11 17.75
CA LEU D 39 22.68 -2.33 17.17
C LEU D 39 22.35 -2.07 15.70
N GLN D 40 23.10 -2.67 14.79
CA GLN D 40 22.79 -2.61 13.38
C GLN D 40 22.06 -3.89 12.98
N ARG D 41 20.73 -3.78 12.69
CA ARG D 41 19.93 -4.93 12.31
C ARG D 41 20.08 -5.24 10.82
N PRO D 42 20.11 -6.53 10.44
CA PRO D 42 20.22 -6.85 9.01
C PRO D 42 18.99 -6.45 8.20
N GLU D 43 17.81 -6.35 8.82
CA GLU D 43 16.62 -5.96 8.07
C GLU D 43 16.72 -4.55 7.49
N ILE D 44 17.80 -3.84 7.80
CA ILE D 44 17.97 -2.43 7.48
C ILE D 44 18.91 -2.23 6.30
N GLY D 45 19.38 -3.33 5.69
CA GLY D 45 20.57 -3.31 4.88
C GLY D 45 20.39 -2.63 3.54
N LEU D 46 19.15 -2.45 3.09
CA LEU D 46 18.90 -1.73 1.84
C LEU D 46 18.37 -0.33 2.07
N GLU D 47 18.35 0.14 3.31
CA GLU D 47 17.92 1.50 3.63
C GLU D 47 19.17 2.37 3.73
N ILE D 48 19.46 3.07 2.64
CA ILE D 48 20.75 3.72 2.49
C ILE D 48 20.96 4.78 3.58
N GLU D 49 19.90 5.48 3.99
CA GLU D 49 20.09 6.52 5.00
C GLU D 49 20.45 5.90 6.36
N LYS D 50 19.85 4.76 6.69
CA LYS D 50 20.24 4.04 7.91
C LYS D 50 21.66 3.50 7.82
N VAL D 51 22.01 2.86 6.70
CA VAL D 51 23.35 2.31 6.53
C VAL D 51 24.41 3.40 6.66
N GLN D 52 24.18 4.56 6.02
CA GLN D 52 25.19 5.62 6.10
C GLN D 52 25.20 6.29 7.47
N LEU D 53 24.08 6.30 8.19
CA LEU D 53 24.11 6.71 9.59
C LEU D 53 25.06 5.83 10.39
N PHE D 54 24.91 4.50 10.29
CA PHE D 54 25.80 3.61 11.01
C PHE D 54 27.26 3.88 10.64
N LEU D 55 27.53 4.12 9.36
CA LEU D 55 28.89 4.43 8.97
C LEU D 55 29.36 5.70 9.64
N SER D 56 28.47 6.70 9.74
CA SER D 56 28.86 7.96 10.36
C SER D 56 29.10 7.79 11.86
N PHE D 57 28.32 6.91 12.51
CA PHE D 57 28.56 6.57 13.91
C PHE D 57 29.93 5.92 14.08
N LYS D 58 30.29 5.01 13.18
CA LYS D 58 31.59 4.37 13.29
C LYS D 58 32.71 5.39 13.21
N LYS D 59 32.57 6.38 12.34
CA LYS D 59 33.59 7.40 12.22
C LYS D 59 33.77 8.19 13.52
N LEU D 60 32.72 8.28 14.33
CA LEU D 60 32.79 9.01 15.61
C LEU D 60 33.31 8.15 16.76
N GLY D 61 33.59 6.88 16.51
CA GLY D 61 34.06 5.99 17.57
C GLY D 61 33.00 5.05 18.10
N ALA D 62 31.80 5.01 17.53
CA ALA D 62 30.86 4.00 17.98
C ALA D 62 31.30 2.63 17.48
N ARG D 63 30.85 1.60 18.19
CA ARG D 63 31.10 0.22 17.82
C ARG D 63 29.81 -0.41 17.31
N ILE D 64 29.87 -1.01 16.12
CA ILE D 64 28.72 -1.66 15.53
C ILE D 64 28.53 -3.02 16.16
N VAL D 65 27.28 -3.36 16.46
CA VAL D 65 26.93 -4.67 16.97
C VAL D 65 25.80 -5.21 16.12
N GLU D 66 26.06 -6.31 15.41
CA GLU D 66 25.03 -6.89 14.55
C GLU D 66 24.09 -7.75 15.36
N GLY D 67 22.80 -7.65 15.04
CA GLY D 67 21.80 -8.43 15.74
C GLY D 67 20.46 -8.11 15.13
N SER D 68 19.50 -9.00 15.40
CA SER D 68 18.13 -8.90 14.89
C SER D 68 17.18 -9.31 15.98
N PHE D 69 15.99 -8.69 15.97
CA PHE D 69 14.95 -9.01 16.96
C PHE D 69 14.33 -10.38 16.72
N SER D 70 14.50 -10.96 15.55
CA SER D 70 14.04 -12.31 15.30
C SER D 70 15.10 -13.35 15.67
N ASP D 71 16.22 -12.92 16.26
CA ASP D 71 17.32 -13.82 16.61
C ASP D 71 17.64 -13.62 18.09
N HIS D 72 16.89 -14.31 18.97
CA HIS D 72 17.00 -14.03 20.39
C HIS D 72 18.45 -14.09 20.86
N GLN D 73 19.23 -15.04 20.36
CA GLN D 73 20.60 -15.17 20.84
C GLN D 73 21.50 -14.05 20.34
N SER D 74 21.18 -13.43 19.21
CA SER D 74 21.98 -12.27 18.84
C SER D 74 21.71 -11.11 19.79
N LEU D 75 20.47 -10.97 20.28
CA LEU D 75 20.14 -9.95 21.27
C LEU D 75 20.83 -10.22 22.59
N VAL D 76 20.82 -11.47 23.04
CA VAL D 76 21.57 -11.82 24.25
C VAL D 76 23.04 -11.45 24.10
N SER D 77 23.63 -11.79 22.94
CA SER D 77 25.06 -11.51 22.78
C SER D 77 25.33 -10.02 22.77
N ALA D 78 24.41 -9.23 22.22
CA ALA D 78 24.65 -7.79 22.17
C ALA D 78 24.62 -7.19 23.57
N VAL D 79 23.59 -7.50 24.35
CA VAL D 79 23.52 -6.84 25.64
C VAL D 79 24.61 -7.33 26.58
N LYS D 80 25.12 -8.55 26.39
CA LYS D 80 26.26 -8.98 27.21
C LYS D 80 27.46 -8.07 27.05
N LEU D 81 27.55 -7.31 25.96
CA LEU D 81 28.75 -6.50 25.77
C LEU D 81 28.78 -5.20 26.58
N VAL D 82 27.68 -4.79 27.22
CA VAL D 82 27.56 -3.42 27.72
C VAL D 82 27.11 -3.42 29.17
N ASP D 83 27.21 -2.25 29.81
CA ASP D 83 26.68 -2.03 31.14
C ASP D 83 25.25 -1.50 31.13
N VAL D 84 24.91 -0.66 30.16
CA VAL D 84 23.60 -0.03 30.07
C VAL D 84 23.07 -0.19 28.66
N VAL D 85 21.78 -0.49 28.55
CA VAL D 85 21.08 -0.58 27.26
C VAL D 85 20.05 0.54 27.23
N VAL D 86 20.06 1.33 26.14
CA VAL D 86 19.06 2.38 25.93
C VAL D 86 18.26 2.02 24.69
N SER D 87 16.94 1.94 24.84
CA SER D 87 16.05 1.64 23.73
C SER D 87 15.31 2.90 23.29
N ALA D 88 15.37 3.18 21.98
CA ALA D 88 14.69 4.29 21.34
C ALA D 88 13.66 3.78 20.34
N MET D 89 13.04 2.63 20.65
CA MET D 89 12.09 2.00 19.74
C MET D 89 10.98 2.96 19.33
N SER D 90 10.52 2.84 18.08
CA SER D 90 9.47 3.72 17.57
C SER D 90 8.17 3.57 18.37
N GLY D 91 7.41 4.65 18.43
CA GLY D 91 6.05 4.62 18.93
C GLY D 91 4.95 4.78 17.90
N VAL D 92 5.25 4.81 16.60
CA VAL D 92 4.19 5.26 15.67
C VAL D 92 3.21 4.13 15.34
N HIS D 93 3.68 2.90 15.09
CA HIS D 93 2.81 1.82 14.62
C HIS D 93 2.23 1.04 15.81
N PHE D 94 1.39 1.72 16.59
CA PHE D 94 0.84 1.12 17.80
C PHE D 94 -0.12 -0.03 17.50
N ARG D 95 -0.82 0.02 16.36
CA ARG D 95 -1.65 -1.11 15.93
C ARG D 95 -0.80 -2.32 15.59
N SER D 96 0.44 -2.10 15.16
CA SER D 96 1.44 -3.13 14.93
C SER D 96 2.27 -3.44 16.18
N HIS D 97 1.99 -2.76 17.29
CA HIS D 97 2.61 -3.06 18.59
C HIS D 97 4.14 -2.98 18.56
N ASN D 98 4.71 -1.95 17.91
CA ASN D 98 6.18 -1.92 17.87
C ASN D 98 6.79 -1.47 19.19
N ILE D 99 6.05 -0.80 20.08
CA ILE D 99 6.55 -0.63 21.45
C ILE D 99 6.81 -2.01 22.09
N LEU D 100 5.91 -2.97 21.85
CA LEU D 100 6.04 -4.28 22.46
C LEU D 100 7.20 -5.10 21.88
N VAL D 101 7.69 -4.75 20.70
CA VAL D 101 8.90 -5.41 20.21
C VAL D 101 10.00 -5.41 21.27
N GLN D 102 10.06 -4.35 22.08
CA GLN D 102 11.05 -4.28 23.15
C GLN D 102 10.96 -5.44 24.15
N LEU D 103 9.82 -6.14 24.20
CA LEU D 103 9.72 -7.28 25.11
C LEU D 103 10.81 -8.30 24.78
N LYS D 104 11.08 -8.52 23.50
CA LYS D 104 12.15 -9.44 23.13
C LYS D 104 13.51 -8.94 23.62
N LEU D 105 13.71 -7.62 23.65
CA LEU D 105 14.95 -7.08 24.20
C LEU D 105 15.01 -7.30 25.71
N VAL D 106 13.91 -7.08 26.40
CA VAL D 106 13.87 -7.28 27.86
C VAL D 106 14.19 -8.72 28.20
N GLU D 107 13.57 -9.68 27.50
CA GLU D 107 13.91 -11.09 27.68
C GLU D 107 15.42 -11.32 27.52
N ALA D 108 16.04 -10.73 26.51
CA ALA D 108 17.46 -10.96 26.27
C ALA D 108 18.30 -10.34 27.38
N ILE D 109 17.87 -9.19 27.90
CA ILE D 109 18.55 -8.61 29.06
C ILE D 109 18.40 -9.52 30.27
N LYS D 110 17.21 -10.07 30.47
CA LYS D 110 17.00 -10.93 31.62
C LYS D 110 17.95 -12.12 31.57
N GLU D 111 18.00 -12.80 30.42
CA GLU D 111 18.83 -13.98 30.27
C GLU D 111 20.31 -13.65 30.40
N ALA D 112 20.75 -12.51 29.86
CA ALA D 112 22.17 -12.15 29.93
C ALA D 112 22.61 -11.84 31.35
N GLY D 113 21.73 -11.18 32.12
CA GLY D 113 21.94 -10.92 33.55
C GLY D 113 22.99 -9.90 33.91
N ASN D 114 23.77 -9.37 32.96
CA ASN D 114 24.88 -8.46 33.25
C ASN D 114 24.53 -6.98 33.14
N VAL D 115 23.29 -6.64 32.82
CA VAL D 115 22.94 -5.26 32.49
C VAL D 115 22.71 -4.48 33.78
N LYS D 116 23.50 -3.43 34.00
CA LYS D 116 23.34 -2.59 35.19
C LYS D 116 22.08 -1.72 35.14
N ARG D 117 21.68 -1.26 33.95
CA ARG D 117 20.49 -0.40 33.88
C ARG D 117 19.89 -0.49 32.48
N PHE D 118 18.57 -0.41 32.40
CA PHE D 118 17.85 -0.39 31.13
C PHE D 118 16.95 0.82 31.06
N LEU D 119 17.09 1.59 29.97
CA LEU D 119 16.20 2.72 29.69
C LEU D 119 15.30 2.33 28.52
N PRO D 120 14.03 1.97 28.76
CA PRO D 120 13.11 1.66 27.66
C PRO D 120 12.70 2.92 26.91
N SER D 121 11.98 2.74 25.82
CA SER D 121 11.64 3.85 24.93
C SER D 121 10.47 4.61 25.54
N GLU D 122 10.79 5.61 26.36
CA GLU D 122 9.78 6.39 27.05
C GLU D 122 9.74 7.74 26.36
N PHE D 123 10.44 8.76 26.88
CA PHE D 123 10.67 10.02 26.19
C PHE D 123 9.36 10.75 25.86
N GLY D 124 8.27 10.44 26.55
CA GLY D 124 7.02 11.13 26.25
C GLY D 124 6.19 11.45 27.48
N MET D 125 4.87 11.42 27.34
CA MET D 125 4.02 11.51 28.52
C MET D 125 4.31 10.34 29.44
N ASP D 126 4.05 10.54 30.73
CA ASP D 126 4.27 9.55 31.79
C ASP D 126 3.17 8.49 31.72
N PRO D 127 3.47 7.28 31.25
CA PRO D 127 2.38 6.29 30.94
C PRO D 127 1.49 6.01 32.13
N PRO D 128 2.05 5.78 33.33
CA PRO D 128 1.17 5.44 34.49
C PRO D 128 0.22 6.56 34.84
N ARG D 129 0.48 7.78 34.38
CA ARG D 129 -0.44 8.89 34.59
C ARG D 129 -1.54 8.97 33.54
N MET D 130 -1.53 8.10 32.52
CA MET D 130 -2.45 8.22 31.38
C MET D 130 -3.53 7.15 31.38
N GLY D 131 -3.89 6.62 32.55
CA GLY D 131 -4.87 5.55 32.60
C GLY D 131 -6.20 5.88 31.98
N HIS D 132 -6.56 7.16 31.93
CA HIS D 132 -7.86 7.55 31.40
C HIS D 132 -7.77 8.20 30.02
N ALA D 133 -6.69 7.93 29.29
CA ALA D 133 -6.47 8.53 27.99
C ALA D 133 -7.52 8.06 26.98
N LEU D 134 -7.75 8.91 25.97
CA LEU D 134 -8.71 8.60 24.91
C LEU D 134 -8.19 7.48 24.00
N PRO D 135 -9.01 6.48 23.68
CA PRO D 135 -8.65 5.55 22.58
C PRO D 135 -8.71 6.26 21.23
N PRO D 136 -7.89 5.81 20.25
CA PRO D 136 -6.84 4.80 20.36
C PRO D 136 -5.51 5.33 20.89
N GLY D 137 -5.48 6.62 21.25
CA GLY D 137 -4.25 7.19 21.80
C GLY D 137 -3.75 6.47 23.02
N ARG D 138 -4.65 5.92 23.82
CA ARG D 138 -4.24 5.24 25.04
C ARG D 138 -3.34 4.03 24.78
N GLU D 139 -3.36 3.48 23.56
CA GLU D 139 -2.67 2.21 23.34
C GLU D 139 -1.17 2.36 23.51
N THR D 140 -0.62 3.51 23.12
CA THR D 140 0.79 3.78 23.35
C THR D 140 1.15 3.60 24.83
N PHE D 141 0.34 4.17 25.71
CA PHE D 141 0.67 4.13 27.13
C PHE D 141 0.48 2.73 27.70
N ASP D 142 -0.59 2.04 27.28
CA ASP D 142 -0.78 0.64 27.65
C ASP D 142 0.44 -0.19 27.31
N GLN D 143 0.98 -0.02 26.10
CA GLN D 143 2.10 -0.85 25.67
C GLN D 143 3.39 -0.49 26.40
N LYS D 144 3.63 0.80 26.65
CA LYS D 144 4.78 1.21 27.43
C LYS D 144 4.66 0.70 28.87
N MET D 145 3.45 0.72 29.43
CA MET D 145 3.25 0.16 30.77
C MET D 145 3.55 -1.34 30.78
N GLU D 146 3.14 -2.06 29.73
CA GLU D 146 3.44 -3.49 29.67
C GLU D 146 4.95 -3.73 29.65
N VAL D 147 5.69 -2.93 28.89
CA VAL D 147 7.14 -3.05 28.87
C VAL D 147 7.72 -2.76 30.24
N ARG D 148 7.19 -1.72 30.92
CA ARG D 148 7.62 -1.44 32.30
C ARG D 148 7.35 -2.65 33.21
N GLN D 149 6.16 -3.24 33.08
CA GLN D 149 5.84 -4.41 33.89
C GLN D 149 6.85 -5.54 33.65
N ALA D 150 7.24 -5.77 32.40
CA ALA D 150 8.18 -6.85 32.10
C ALA D 150 9.59 -6.54 32.62
N ILE D 151 9.96 -5.27 32.62
CA ILE D 151 11.24 -4.86 33.19
C ILE D 151 11.25 -5.14 34.69
N GLU D 152 10.21 -4.70 35.38
CA GLU D 152 10.19 -4.80 36.84
C GLU D 152 9.95 -6.25 37.29
N ALA D 153 9.17 -7.01 36.51
CA ALA D 153 9.02 -8.42 36.80
C ALA D 153 10.36 -9.16 36.70
N ALA D 154 11.25 -8.70 35.84
CA ALA D 154 12.52 -9.36 35.64
C ALA D 154 13.61 -8.88 36.59
N GLY D 155 13.33 -7.84 37.38
CA GLY D 155 14.33 -7.31 38.27
C GLY D 155 15.42 -6.52 37.60
N ILE D 156 15.19 -6.03 36.39
CA ILE D 156 16.15 -5.21 35.66
C ILE D 156 16.13 -3.79 36.21
N PRO D 157 17.25 -3.26 36.68
CA PRO D 157 17.26 -1.85 37.11
C PRO D 157 17.03 -0.95 35.90
N TYR D 158 16.38 0.20 36.14
CA TYR D 158 15.83 1.01 35.06
C TYR D 158 15.90 2.50 35.38
N THR D 159 15.82 3.32 34.32
CA THR D 159 15.48 4.73 34.45
C THR D 159 14.45 5.06 33.37
N TYR D 160 13.36 5.71 33.75
CA TYR D 160 12.31 6.12 32.82
C TYR D 160 12.46 7.61 32.56
N VAL D 161 12.78 7.99 31.32
CA VAL D 161 12.93 9.40 30.94
C VAL D 161 11.63 9.91 30.35
N VAL D 162 11.00 10.89 31.01
CA VAL D 162 9.67 11.36 30.59
C VAL D 162 9.57 12.87 30.71
N GLY D 163 8.51 13.41 30.11
CA GLY D 163 7.93 14.66 30.56
C GLY D 163 7.87 15.80 29.57
N ALA D 164 8.44 15.73 28.36
CA ALA D 164 8.52 16.92 27.50
C ALA D 164 8.12 16.63 26.06
N CYS D 165 7.41 17.58 25.43
CA CYS D 165 7.18 17.52 23.98
C CYS D 165 8.47 17.74 23.20
N PHE D 166 8.73 16.87 22.22
CA PHE D 166 9.79 17.13 21.24
C PHE D 166 9.56 18.47 20.56
N ALA D 167 10.58 19.33 20.58
CA ALA D 167 10.41 20.70 20.09
C ALA D 167 10.05 20.73 18.60
N ALA D 168 10.59 19.81 17.80
CA ALA D 168 10.27 19.87 16.36
C ALA D 168 8.79 19.64 16.09
N TYR D 169 8.13 18.78 16.87
CA TYR D 169 6.76 18.37 16.61
C TYR D 169 5.72 19.29 17.22
N PHE D 170 6.09 20.12 18.19
CA PHE D 170 5.10 20.90 18.92
C PHE D 170 5.47 22.35 19.14
N ALA D 171 6.75 22.72 19.08
CA ALA D 171 7.18 24.11 19.23
C ALA D 171 7.48 24.75 17.88
N GLY D 172 8.28 24.09 17.03
CA GLY D 172 8.66 24.70 15.77
C GLY D 172 7.48 25.01 14.86
N ASN D 173 6.35 24.36 15.07
CA ASN D 173 5.16 24.63 14.26
C ASN D 173 4.13 25.44 15.03
N LEU D 174 4.53 26.03 16.15
CA LEU D 174 3.56 26.70 17.02
C LEU D 174 2.42 25.76 17.38
N SER D 175 2.71 24.46 17.45
CA SER D 175 1.70 23.44 17.81
C SER D 175 0.51 23.34 16.82
N GLN D 176 0.70 23.69 15.53
CA GLN D 176 -0.40 23.64 14.56
C GLN D 176 -0.67 22.26 13.95
N MET D 177 0.24 21.30 14.09
CA MET D 177 -0.02 19.89 13.74
C MET D 177 0.12 19.61 12.24
N VAL D 178 -0.51 20.46 11.41
CA VAL D 178 -0.56 20.19 9.99
C VAL D 178 0.78 20.38 9.27
N THR D 179 1.72 21.11 9.85
CA THR D 179 3.05 21.29 9.27
C THR D 179 4.09 21.18 10.37
N LEU D 180 5.37 21.26 9.98
CA LEU D 180 6.49 21.28 10.91
C LEU D 180 7.21 22.63 10.91
N LEU D 181 6.56 23.67 10.39
CA LEU D 181 7.10 25.01 10.34
C LEU D 181 6.07 26.00 10.87
N PRO D 182 6.49 27.21 11.24
CA PRO D 182 5.54 28.18 11.77
C PRO D 182 4.51 28.56 10.71
N PRO D 183 3.28 28.85 11.11
CA PRO D 183 2.27 29.30 10.14
C PRO D 183 2.59 30.71 9.66
N LYS D 184 1.99 31.10 8.53
CA LYS D 184 2.37 32.37 7.90
C LYS D 184 1.61 33.59 8.45
N GLU D 185 0.30 33.50 8.55
CA GLU D 185 -0.50 34.68 8.90
C GLU D 185 -1.59 34.40 9.92
N LYS D 186 -2.08 33.19 10.02
CA LYS D 186 -3.14 32.83 10.94
C LYS D 186 -2.65 31.66 11.78
N VAL D 187 -3.19 31.54 12.99
CA VAL D 187 -2.76 30.49 13.90
C VAL D 187 -3.98 30.08 14.71
N ASN D 188 -4.14 28.76 14.87
CA ASN D 188 -5.15 28.20 15.75
C ASN D 188 -4.62 28.17 17.17
N ILE D 189 -5.39 28.74 18.10
CA ILE D 189 -5.09 28.68 19.53
C ILE D 189 -5.98 27.60 20.13
N TYR D 190 -5.38 26.67 20.86
CA TYR D 190 -6.12 25.50 21.33
C TYR D 190 -6.69 25.79 22.72
N GLY D 191 -8.02 25.84 22.79
CA GLY D 191 -8.66 26.28 24.03
C GLY D 191 -8.42 27.76 24.19
N ASP D 192 -8.09 28.18 25.40
CA ASP D 192 -7.69 29.58 25.54
C ASP D 192 -6.20 29.78 25.34
N GLY D 193 -5.45 28.72 25.09
CA GLY D 193 -4.01 28.89 24.93
C GLY D 193 -3.30 29.26 26.19
N ASN D 194 -3.92 28.98 27.35
CA ASN D 194 -3.38 29.31 28.66
C ASN D 194 -3.08 28.05 29.47
N VAL D 195 -2.85 26.92 28.80
CA VAL D 195 -2.50 25.68 29.46
C VAL D 195 -1.01 25.44 29.29
N LYS D 196 -0.32 25.24 30.41
CA LYS D 196 1.14 25.12 30.38
C LYS D 196 1.57 23.79 29.77
N VAL D 197 2.57 23.85 28.89
CA VAL D 197 3.09 22.68 28.19
C VAL D 197 4.60 22.69 28.35
N VAL D 198 5.22 21.52 28.31
CA VAL D 198 6.67 21.41 28.47
C VAL D 198 7.27 21.11 27.11
N PHE D 199 8.24 21.93 26.71
CA PHE D 199 8.91 21.78 25.42
C PHE D 199 10.40 21.57 25.66
N ALA D 200 11.03 20.72 24.85
CA ALA D 200 12.48 20.54 24.94
C ALA D 200 13.08 20.23 23.59
N ASP D 201 14.22 20.86 23.33
CA ASP D 201 15.03 20.50 22.18
C ASP D 201 15.49 19.06 22.30
N GLU D 202 15.23 18.28 21.26
CA GLU D 202 15.51 16.84 21.32
C GLU D 202 16.99 16.55 21.55
N ASP D 203 17.87 17.45 21.13
CA ASP D 203 19.30 17.26 21.41
C ASP D 203 19.59 17.40 22.90
N ASP D 204 18.87 18.32 23.59
CA ASP D 204 18.95 18.40 25.03
C ASP D 204 18.40 17.13 25.66
N ILE D 205 17.26 16.64 25.15
CA ILE D 205 16.71 15.39 25.66
C ILE D 205 17.75 14.29 25.58
N ALA D 206 18.47 14.23 24.46
CA ALA D 206 19.49 13.20 24.33
C ALA D 206 20.65 13.45 25.28
N LYS D 207 21.04 14.71 25.45
CA LYS D 207 22.12 15.01 26.37
C LYS D 207 21.75 14.59 27.79
N TYR D 208 20.52 14.90 28.23
CA TYR D 208 20.07 14.50 29.57
C TYR D 208 20.05 12.99 29.69
N THR D 209 19.64 12.29 28.62
CA THR D 209 19.63 10.84 28.63
C THR D 209 21.05 10.28 28.83
N ALA D 210 22.02 10.85 28.10
CA ALA D 210 23.39 10.39 28.22
C ALA D 210 23.99 10.71 29.60
N LYS D 211 23.54 11.80 30.23
CA LYS D 211 24.08 12.11 31.55
C LYS D 211 23.41 11.28 32.63
N THR D 212 22.15 10.91 32.46
CA THR D 212 21.43 10.26 33.55
C THR D 212 21.63 8.75 33.58
N LEU D 213 22.05 8.13 32.47
CA LEU D 213 21.97 6.68 32.36
C LEU D 213 22.97 5.94 33.27
N ASN D 214 23.98 6.64 33.80
CA ASN D 214 24.85 6.06 34.82
C ASN D 214 24.87 6.88 36.11
N ASP D 215 23.83 7.69 36.35
CA ASP D 215 23.76 8.53 37.53
C ASP D 215 23.14 7.72 38.68
N PRO D 216 23.84 7.51 39.80
CA PRO D 216 23.18 6.76 40.90
C PRO D 216 21.88 7.43 41.33
N ARG D 217 21.78 8.77 41.26
CA ARG D 217 20.56 9.44 41.73
C ARG D 217 19.30 8.97 41.00
N THR D 218 19.43 8.55 39.74
CA THR D 218 18.25 8.16 38.97
C THR D 218 18.10 6.65 38.79
N LEU D 219 18.97 5.85 39.41
CA LEU D 219 18.74 4.40 39.38
C LEU D 219 17.36 4.08 39.92
N ASN D 220 16.58 3.29 39.15
CA ASN D 220 15.22 2.84 39.47
C ASN D 220 14.27 4.00 39.71
N LYS D 221 14.42 5.07 38.91
CA LYS D 221 13.62 6.27 39.08
C LYS D 221 13.04 6.72 37.74
N THR D 222 11.95 7.47 37.81
CA THR D 222 11.49 8.28 36.70
C THR D 222 12.21 9.63 36.77
N VAL D 223 12.80 10.05 35.66
CA VAL D 223 13.45 11.36 35.56
C VAL D 223 12.62 12.21 34.61
N ASN D 224 12.19 13.39 35.09
CA ASN D 224 11.38 14.32 34.32
C ASN D 224 12.28 15.34 33.62
N ILE D 225 12.06 15.52 32.32
CA ILE D 225 12.65 16.63 31.60
C ILE D 225 11.63 17.76 31.66
N ARG D 226 11.84 18.73 32.54
CA ARG D 226 10.94 19.88 32.67
C ARG D 226 11.76 21.14 32.87
N PRO D 227 12.44 21.61 31.83
CA PRO D 227 13.28 22.80 31.99
C PRO D 227 12.42 24.02 32.23
N PRO D 228 12.65 24.72 33.34
CA PRO D 228 11.70 25.77 33.76
C PRO D 228 11.41 26.82 32.69
N ASP D 229 12.43 27.33 31.99
CA ASP D 229 12.16 28.37 30.99
C ASP D 229 11.35 27.86 29.80
N ASN D 230 11.14 26.55 29.67
CA ASN D 230 10.45 25.94 28.53
C ASN D 230 9.08 25.40 28.93
N VAL D 231 8.59 25.79 30.10
CA VAL D 231 7.22 25.55 30.52
C VAL D 231 6.42 26.77 30.08
N LEU D 232 5.71 26.64 28.97
CA LEU D 232 5.09 27.76 28.28
C LEU D 232 3.67 27.37 27.89
N THR D 233 2.74 28.32 27.95
CA THR D 233 1.45 28.05 27.33
C THR D 233 1.59 28.14 25.82
N GLN D 234 0.56 27.69 25.11
CA GLN D 234 0.65 27.81 23.65
C GLN D 234 0.65 29.27 23.24
N LEU D 235 -0.11 30.11 23.94
CA LEU D 235 -0.12 31.53 23.60
C LEU D 235 1.22 32.19 23.92
N GLU D 236 1.87 31.78 25.02
CA GLU D 236 3.23 32.26 25.27
C GLU D 236 4.17 31.87 24.14
N LEU D 237 4.03 30.64 23.64
CA LEU D 237 4.89 30.19 22.54
C LEU D 237 4.61 30.99 21.28
N VAL D 238 3.33 31.20 20.96
CA VAL D 238 2.98 32.00 19.79
C VAL D 238 3.53 33.42 19.92
N GLN D 239 3.44 34.00 21.12
CA GLN D 239 3.91 35.37 21.32
C GLN D 239 5.43 35.48 21.15
N ILE D 240 6.19 34.44 21.50
CA ILE D 240 7.61 34.45 21.20
C ILE D 240 7.83 34.64 19.70
N TRP D 241 7.13 33.85 18.89
CA TRP D 241 7.29 33.95 17.45
C TRP D 241 6.84 35.33 16.93
N GLU D 242 5.72 35.85 17.43
CA GLU D 242 5.27 37.18 17.01
C GLU D 242 6.35 38.22 17.27
N LYS D 243 6.95 38.19 18.47
CA LYS D 243 8.01 39.12 18.80
C LYS D 243 9.26 38.88 17.95
N LEU D 244 9.58 37.62 17.64
CA LEU D 244 10.79 37.37 16.86
C LEU D 244 10.64 37.90 15.44
N THR D 245 9.45 37.81 14.88
CA THR D 245 9.19 38.24 13.52
C THR D 245 8.63 39.65 13.44
N GLY D 246 8.19 40.22 14.56
CA GLY D 246 7.60 41.55 14.56
C GLY D 246 6.27 41.62 13.87
N LYS D 247 5.53 40.52 13.81
CA LYS D 247 4.23 40.48 13.18
C LYS D 247 3.26 39.69 14.04
N GLU D 248 2.08 40.27 14.27
CA GLU D 248 1.01 39.59 14.98
C GLU D 248 0.33 38.57 14.07
N LEU D 249 -0.04 37.43 14.64
CA LEU D 249 -0.76 36.40 13.90
C LEU D 249 -2.24 36.53 14.21
N GLU D 250 -3.07 36.33 13.21
CA GLU D 250 -4.52 36.34 13.41
C GLU D 250 -4.92 35.03 14.09
N LYS D 251 -5.48 35.12 15.30
CA LYS D 251 -5.72 33.96 16.14
C LYS D 251 -7.17 33.52 16.07
N THR D 252 -7.39 32.22 15.92
CA THR D 252 -8.70 31.61 16.05
C THR D 252 -8.63 30.61 17.18
N ASN D 253 -9.55 30.71 18.14
CA ASN D 253 -9.57 29.79 19.27
C ASN D 253 -10.41 28.57 18.89
N ILE D 254 -9.95 27.39 19.28
CA ILE D 254 -10.66 26.15 18.97
C ILE D 254 -11.04 25.51 20.28
N ALA D 255 -12.33 25.40 20.53
CA ALA D 255 -12.80 24.87 21.80
C ALA D 255 -12.67 23.35 21.83
N ALA D 256 -12.60 22.81 23.05
CA ALA D 256 -12.37 21.38 23.23
C ALA D 256 -13.35 20.53 22.43
N GLN D 257 -14.65 20.79 22.55
CA GLN D 257 -15.62 19.96 21.84
C GLN D 257 -15.38 19.99 20.33
N ASP D 258 -15.03 21.15 19.78
CA ASP D 258 -14.82 21.25 18.34
C ASP D 258 -13.51 20.59 17.92
N PHE D 259 -12.51 20.59 18.80
CA PHE D 259 -11.23 19.95 18.48
C PHE D 259 -11.40 18.44 18.33
N LEU D 260 -12.25 17.82 19.16
CA LEU D 260 -12.46 16.38 19.12
C LEU D 260 -13.62 15.96 18.22
N ALA D 261 -14.32 16.89 17.60
CA ALA D 261 -15.50 16.55 16.80
C ALA D 261 -15.16 15.59 15.66
N ASN D 262 -16.01 14.56 15.49
CA ASN D 262 -15.92 13.59 14.40
C ASN D 262 -14.64 12.77 14.43
N ILE D 263 -14.02 12.69 15.60
CA ILE D 263 -12.74 11.99 15.72
C ILE D 263 -12.87 10.57 15.19
N GLU D 264 -14.01 9.90 15.46
CA GLU D 264 -14.22 8.51 15.07
C GLU D 264 -14.16 8.31 13.55
N GLN D 265 -14.29 9.37 12.77
CA GLN D 265 -14.24 9.25 11.33
C GLN D 265 -12.86 9.50 10.75
N MET D 266 -11.87 9.80 11.59
CA MET D 266 -10.54 10.04 11.07
C MET D 266 -9.75 8.74 11.08
N GLU D 267 -8.70 8.70 10.27
CA GLU D 267 -7.81 7.55 10.28
C GLU D 267 -7.32 7.29 11.70
N ILE D 268 -7.07 6.01 12.02
CA ILE D 268 -6.70 5.64 13.39
C ILE D 268 -5.45 6.38 13.86
N PRO D 269 -4.35 6.43 13.09
CA PRO D 269 -3.17 7.16 13.55
C PRO D 269 -3.47 8.62 13.86
N HIS D 270 -4.21 9.30 13.01
CA HIS D 270 -4.60 10.68 13.31
C HIS D 270 -5.45 10.76 14.56
N GLN D 271 -6.34 9.77 14.78
CA GLN D 271 -7.12 9.74 16.03
C GLN D 271 -6.20 9.70 17.24
N ALA D 272 -5.12 8.92 17.16
CA ALA D 272 -4.24 8.78 18.32
C ALA D 272 -3.49 10.08 18.56
N GLY D 273 -3.02 10.75 17.50
CA GLY D 273 -2.27 11.98 17.68
C GLY D 273 -3.13 13.11 18.20
N ILE D 274 -4.37 13.21 17.70
CA ILE D 274 -5.32 14.17 18.23
C ILE D 274 -5.58 13.91 19.71
N GLY D 275 -5.71 12.64 20.09
CA GLY D 275 -5.89 12.32 21.49
C GLY D 275 -4.71 12.76 22.35
N HIS D 276 -3.49 12.43 21.92
CA HIS D 276 -2.33 12.88 22.66
C HIS D 276 -2.31 14.40 22.76
N PHE D 277 -2.46 15.08 21.63
CA PHE D 277 -2.48 16.54 21.64
C PHE D 277 -3.48 17.07 22.66
N TYR D 278 -4.66 16.44 22.73
CA TYR D 278 -5.69 16.92 23.64
C TYR D 278 -5.24 16.81 25.10
N HIS D 279 -4.62 15.70 25.46
CA HIS D 279 -4.17 15.59 26.84
C HIS D 279 -3.13 16.63 27.17
N ILE D 280 -2.26 16.96 26.20
CA ILE D 280 -1.18 17.91 26.48
C ILE D 280 -1.71 19.34 26.55
N PHE D 281 -2.50 19.75 25.55
CA PHE D 281 -2.82 21.16 25.34
C PHE D 281 -4.16 21.59 25.90
N TYR D 282 -5.12 20.67 26.09
CA TYR D 282 -6.35 21.02 26.76
C TYR D 282 -6.38 20.59 28.23
N GLU D 283 -5.88 19.41 28.57
CA GLU D 283 -5.89 18.97 29.95
C GLU D 283 -4.60 19.29 30.69
N GLY D 284 -3.55 19.70 30.00
CA GLY D 284 -2.30 20.08 30.66
C GLY D 284 -1.60 18.93 31.35
N CYS D 285 -1.60 17.74 30.74
CA CYS D 285 -1.08 16.58 31.45
C CYS D 285 0.42 16.68 31.72
N LEU D 286 1.14 17.54 31.00
CA LEU D 286 2.58 17.59 31.26
C LEU D 286 2.94 18.50 32.42
N THR D 287 2.01 19.35 32.88
CA THR D 287 2.29 20.28 33.97
C THR D 287 1.30 20.17 35.13
N ASP D 288 0.40 19.19 35.12
CA ASP D 288 -0.67 19.14 36.11
C ASP D 288 -0.24 18.45 37.39
N HIS D 289 1.07 18.30 37.60
CA HIS D 289 1.63 17.71 38.81
C HIS D 289 2.99 18.33 39.02
N GLU D 290 3.43 18.37 40.27
CA GLU D 290 4.75 18.89 40.55
C GLU D 290 5.74 17.74 40.60
N VAL D 291 7.01 18.07 40.39
CA VAL D 291 8.09 17.09 40.53
C VAL D 291 9.26 17.77 41.22
N GLY D 292 9.94 17.00 42.06
CA GLY D 292 11.02 17.54 42.85
C GLY D 292 12.28 17.76 42.05
N GLU D 293 13.11 18.67 42.56
CA GLU D 293 14.37 18.95 41.88
C GLU D 293 15.26 17.70 41.79
N ASP D 294 15.07 16.75 42.71
CA ASP D 294 15.88 15.53 42.64
C ASP D 294 15.39 14.53 41.62
N GLU D 295 14.30 14.84 40.91
CA GLU D 295 13.82 13.97 39.84
C GLU D 295 13.50 14.75 38.56
N GLU D 296 14.17 15.89 38.36
CA GLU D 296 14.00 16.72 37.18
C GLU D 296 15.36 17.00 36.57
N ALA D 297 15.48 16.76 35.25
CA ALA D 297 16.79 16.69 34.60
C ALA D 297 17.53 18.01 34.65
N SER D 298 16.84 19.15 34.50
CA SER D 298 17.60 20.39 34.42
C SER D 298 18.23 20.76 35.77
N SER D 299 17.56 20.42 36.88
CA SER D 299 18.18 20.54 38.21
C SER D 299 19.26 19.50 38.42
N LEU D 300 19.01 18.25 38.01
CA LEU D 300 20.01 17.20 38.18
C LEU D 300 21.28 17.49 37.40
N TYR D 301 21.17 18.11 36.22
CA TYR D 301 22.32 18.28 35.35
C TYR D 301 22.41 19.74 34.93
N PRO D 302 22.85 20.62 35.84
CA PRO D 302 22.75 22.06 35.56
C PRO D 302 23.80 22.55 34.60
N ASP D 303 24.79 21.72 34.25
CA ASP D 303 25.78 22.05 33.25
C ASP D 303 25.25 21.92 31.82
N VAL D 304 24.07 21.34 31.63
CA VAL D 304 23.40 21.35 30.33
C VAL D 304 22.72 22.70 30.18
N LYS D 305 23.20 23.53 29.25
CA LYS D 305 22.60 24.84 28.99
C LYS D 305 21.50 24.64 27.96
N TYR D 306 20.32 24.25 28.45
CA TYR D 306 19.33 23.77 27.52
C TYR D 306 18.83 24.89 26.62
N LYS D 307 18.36 24.52 25.44
CA LYS D 307 17.96 25.51 24.45
C LYS D 307 16.57 26.03 24.78
N ARG D 308 16.47 27.33 25.01
CA ARG D 308 15.15 27.91 25.22
C ARG D 308 14.37 27.96 23.91
N MET D 309 13.07 28.19 24.01
CA MET D 309 12.23 28.09 22.82
C MET D 309 12.34 29.31 21.93
N ASP D 310 12.76 30.47 22.47
CA ASP D 310 13.08 31.58 21.57
C ASP D 310 14.27 31.23 20.69
N ASP D 311 15.37 30.78 21.29
CA ASP D 311 16.49 30.32 20.46
C ASP D 311 16.07 29.18 19.54
N TYR D 312 15.25 28.26 20.02
CA TYR D 312 14.79 27.19 19.13
C TYR D 312 14.08 27.76 17.91
N LEU D 313 13.15 28.70 18.13
CA LEU D 313 12.36 29.26 17.04
C LEU D 313 13.19 30.13 16.12
N ARG D 314 14.25 30.74 16.64
CA ARG D 314 15.10 31.58 15.81
C ARG D 314 15.62 30.86 14.57
N MET D 315 15.82 29.54 14.64
CA MET D 315 16.35 28.89 13.44
C MET D 315 15.31 28.77 12.32
N PHE D 316 14.05 29.12 12.57
CA PHE D 316 13.05 29.16 11.50
C PHE D 316 12.94 30.52 10.84
N LEU D 317 13.66 31.51 11.32
CA LEU D 317 13.56 32.83 10.77
C LEU D 317 14.27 32.86 9.42
PA NDP E . -16.87 0.23 -9.99
O1A NDP E . -16.02 0.68 -8.84
O2A NDP E . -17.67 -0.99 -9.72
O5B NDP E . -15.97 0.03 -11.35
C5B NDP E . -16.69 -0.25 -12.49
C4B NDP E . -15.72 -0.50 -13.68
O4B NDP E . -14.88 0.48 -13.84
C3B NDP E . -14.76 -1.65 -13.38
O3B NDP E . -15.41 -2.88 -13.36
C2B NDP E . -13.75 -1.44 -14.52
O2B NDP E . -14.32 -2.07 -15.71
C1B NDP E . -13.75 -0.15 -14.74
N9A NDP E . -12.54 0.51 -14.29
C8A NDP E . -12.08 0.96 -13.10
N7A NDP E . -10.88 1.51 -13.31
C5A NDP E . -10.62 1.41 -14.62
C6A NDP E . -9.52 1.81 -15.33
N6A NDP E . -8.30 2.52 -14.88
N1A NDP E . -9.45 1.61 -16.64
C2A NDP E . -10.45 0.98 -17.30
N3A NDP E . -11.56 0.58 -16.60
C4A NDP E . -11.63 0.78 -15.24
O3 NDP E . -17.89 1.44 -10.39
PN NDP E . -19.40 1.68 -9.85
O1N NDP E . -20.35 0.68 -10.42
O2N NDP E . -19.43 1.78 -8.36
O5D NDP E . -19.70 3.20 -10.46
C5D NDP E . -20.11 3.34 -11.80
C4D NDP E . -20.95 4.65 -11.90
O4D NDP E . -21.92 4.63 -11.03
C3D NDP E . -20.07 5.86 -11.57
O3D NDP E . -20.31 6.91 -12.43
C2D NDP E . -20.47 6.17 -10.13
O2D NDP E . -20.16 7.59 -9.75
C1D NDP E . -21.76 5.93 -10.12
N1N NDP E . -22.25 5.57 -8.81
C2N NDP E . -23.47 6.10 -8.39
C3N NDP E . -23.98 5.80 -7.03
C7N NDP E . -25.38 6.29 -6.64
O7N NDP E . -26.13 6.79 -7.45
N7N NDP E . -25.72 6.07 -5.27
C4N NDP E . -23.19 5.00 -5.96
C5N NDP E . -21.94 4.29 -6.55
C6N NDP E . -21.52 4.66 -7.98
P2B NDP E . -14.06 -3.69 -16.02
O1X NDP E . -15.40 -4.40 -15.68
O2X NDP E . -13.75 -3.75 -17.49
O3X NDP E . -12.92 -4.24 -15.18
H51A NDP E . -17.27 0.49 -12.70
H52A NDP E . -17.23 -1.05 -12.34
H4B NDP E . -16.21 -0.67 -14.51
H3B NDP E . -14.32 -1.49 -12.53
HO3A NDP E . -15.81 -3.01 -14.09
H2B NDP E . -12.88 -1.77 -14.30
H1B NDP E . -13.92 0.03 -15.67
H8A NDP E . -12.51 0.90 -12.28
H61A NDP E . -7.61 2.07 -14.64
H62A NDP E . -8.29 3.38 -14.86
H2A NDP E . -10.40 0.85 -18.22
H51N NDP E . -20.64 2.57 -12.06
H52N NDP E . -19.32 3.40 -12.37
H4D NDP E . -21.32 4.74 -12.80
H3D NDP E . -19.13 5.61 -11.61
HO3N NDP E . -19.66 7.00 -12.97
H2D NDP E . -20.02 5.54 -9.51
HO2N NDP E . -20.37 8.10 -10.39
H1D NDP E . -22.25 6.67 -10.50
H2N NDP E . -23.99 6.57 -9.00
H71N NDP E . -26.49 6.33 -4.97
H72N NDP E . -25.15 5.71 -4.73
H41N NDP E . -23.78 4.34 -5.57
H42N NDP E . -22.90 5.62 -5.27
H5N NDP E . -21.34 3.88 -5.98
H6N NDP E . -20.74 4.28 -8.32
PA NDP F . -9.93 -17.08 -0.15
O1A NDP F . -8.76 -16.24 -0.56
O2A NDP F . -11.13 -17.03 -1.04
O5B NDP F . -10.37 -16.71 1.40
C5B NDP F . -11.45 -17.49 1.85
C4B NDP F . -12.01 -16.93 3.20
O4B NDP F . -11.06 -16.86 4.09
C3B NDP F . -12.42 -15.46 3.09
O3B NDP F . -13.62 -15.26 2.41
C2B NDP F . -12.51 -15.13 4.58
O2B NDP F . -13.79 -15.66 5.04
C1B NDP F . -11.59 -15.84 5.18
N9A NDP F . -10.43 -15.11 5.62
C8A NDP F . -9.32 -14.67 5.00
N7A NDP F . -8.54 -14.06 5.90
C5A NDP F . -9.16 -14.09 7.09
C6A NDP F . -8.74 -13.62 8.31
N6A NDP F . -7.55 -12.88 8.78
N1A NDP F . -9.50 -13.79 9.38
C2A NDP F . -10.69 -14.43 9.26
N3A NDP F . -11.09 -14.93 8.05
C4A NDP F . -10.32 -14.76 6.94
O3 NDP F . -9.53 -18.66 0.05
PN NDP F . -9.62 -19.89 -1.05
O1N NDP F . -11.02 -20.24 -1.45
O2N NDP F . -8.81 -19.40 -2.23
O5D NDP F . -8.79 -21.08 -0.24
C5D NDP F . -9.49 -21.92 0.65
C4D NDP F . -8.72 -23.28 0.72
O4D NDP F . -8.61 -23.73 -0.51
C3D NDP F . -7.30 -23.08 1.22
O3D NDP F . -6.91 -24.12 2.01
C2D NDP F . -6.46 -23.08 -0.06
O2D NDP F . -5.05 -23.46 0.23
C1D NDP F . -7.05 -24.00 -0.78
N1N NDP F . -6.77 -23.82 -2.19
C2N NDP F . -6.55 -24.95 -2.97
C3N NDP F . -6.21 -24.80 -4.42
C7N NDP F . -6.04 -26.06 -5.28
O7N NDP F . -6.20 -27.17 -4.86
N7N NDP F . -5.67 -25.79 -6.65
C4N NDP F . -6.10 -23.40 -5.09
C5N NDP F . -6.68 -22.25 -4.23
C6N NDP F . -6.72 -22.49 -2.73
P2B NDP F . -15.19 -14.75 5.02
O1X NDP F . -16.11 -15.25 3.91
O2X NDP F . -15.88 -14.89 6.38
O3X NDP F . -14.79 -13.30 4.80
H51A NDP F . -11.14 -18.39 1.99
H52A NDP F . -12.15 -17.48 1.18
H4B NDP F . -12.74 -17.46 3.52
H3B NDP F . -11.71 -14.95 2.68
HO3A NDP F . -14.21 -15.79 2.72
H2B NDP F . -12.41 -14.18 4.75
H1B NDP F . -11.99 -16.32 5.93
H8A NDP F . -9.12 -14.77 4.10
H61A NDP F . -7.54 -12.01 8.77
H62A NDP F . -6.84 -13.30 9.04
H2A NDP F . -11.23 -14.55 10.01
H51N NDP F . -10.39 -22.06 0.34
H52N NDP F . -9.51 -21.51 1.54
H4D NDP F . -9.20 -23.93 1.27
H3D NDP F . -7.22 -22.24 1.69
HO3N NDP F . -6.80 -23.85 2.81
H2D NDP F . -6.50 -22.22 -0.50
HO2N NDP F . -5.03 -24.03 0.86
H1D NDP F . -6.80 -24.88 -0.47
H2N NDP F . -6.74 -25.80 -2.62
H71N NDP F . -5.56 -26.44 -7.20
H72N NDP F . -5.57 -24.98 -6.91
H41N NDP F . -6.58 -23.43 -5.93
H42N NDP F . -5.17 -23.21 -5.26
H5N NDP F . -6.69 -21.38 -4.56
H6N NDP F . -6.71 -21.76 -2.15
PA NDP G . 15.90 10.62 -4.78
O1A NDP G . 15.16 9.35 -4.87
O2A NDP G . 16.81 10.84 -3.62
O5B NDP G . 14.81 11.84 -4.94
C5B NDP G . 15.40 13.08 -5.16
C4B NDP G . 14.35 14.22 -5.12
O4B NDP G . 13.46 14.10 -6.06
C3B NDP G . 13.52 14.16 -3.84
O3B NDP G . 14.26 14.54 -2.76
C2B NDP G . 12.39 15.14 -4.25
O2B NDP G . 12.91 16.49 -4.05
C1B NDP G . 12.25 14.98 -5.56
N9A NDP G . 11.08 14.25 -5.99
C8A NDP G . 10.74 12.94 -6.10
N7A NDP G . 9.51 12.87 -6.57
C5A NDP G . 9.04 14.11 -6.78
C6A NDP G . 7.84 14.57 -7.26
N6A NDP G . 6.61 13.88 -7.70
N1A NDP G . 7.59 15.85 -7.37
C2A NDP G . 8.53 16.74 -7.02
N3A NDP G . 9.76 16.31 -6.57
C4A NDP G . 10.02 14.99 -6.41
O3 NDP G . 16.82 10.80 -6.15
PN NDP G . 18.35 10.29 -6.42
O1N NDP G . 19.35 11.15 -5.72
O2N NDP G . 18.40 8.86 -6.00
O5D NDP G . 18.51 10.35 -8.08
C5D NDP G . 18.65 11.58 -8.71
C4D NDP G . 19.39 11.32 -10.07
O4D NDP G . 20.43 10.55 -9.90
C3D NDP G . 18.45 10.55 -11.02
O3D NDP G . 18.55 11.01 -12.32
C2D NDP G . 18.91 9.07 -10.83
O2D NDP G . 18.58 8.24 -12.04
C1D NDP G . 20.21 9.21 -10.74
N1N NDP G . 20.87 8.17 -10.01
C2N NDP G . 22.01 7.61 -10.58
C3N NDP G . 22.75 6.58 -9.83
C7N NDP G . 24.12 6.16 -10.40
O7N NDP G . 24.74 6.76 -11.24
N7N NDP G . 24.62 4.97 -9.83
C4N NDP G . 22.08 5.80 -8.68
C5N NDP G . 20.84 6.51 -8.08
C6N NDP G . 20.34 7.77 -8.77
P2B NDP G . 12.76 17.30 -2.63
O1X NDP G . 14.14 17.29 -1.95
O2X NDP G . 12.32 18.70 -3.00
O3X NDP G . 11.76 16.63 -1.71
H51A NDP G . 15.83 13.07 -6.03
H52A NDP G . 16.07 13.23 -4.48
H4B NDP G . 14.79 15.08 -5.19
H3B NDP G . 13.16 13.26 -3.72
HO3A NDP G . 14.59 15.31 -2.90
H2B NDP G . 11.56 14.97 -3.77
H1B NDP G . 12.28 15.86 -6.00
H8A NDP G . 11.28 12.22 -5.88
H61A NDP G . 5.99 13.70 -7.13
H62A NDP G . 6.52 13.66 -8.53
H2A NDP G . 8.37 17.66 -7.11
H51N NDP G . 19.18 12.18 -8.16
H52N NDP G . 17.78 11.96 -8.87
H4D NDP G . 19.66 12.16 -10.49
H3D NDP G . 17.53 10.65 -10.70
HO3N NDP G . 17.83 11.40 -12.53
H2D NDP G . 18.54 8.68 -10.03
HO2N NDP G . 18.62 8.73 -12.74
H1D NDP G . 20.60 9.31 -11.62
H2N NDP G . 22.20 7.77 -11.47
H71N NDP G . 25.38 4.66 -10.09
H72N NDP G . 24.17 4.55 -9.24
H41N NDP G . 22.73 5.68 -7.98
H42N NDP G . 21.81 4.93 -9.01
H5N NDP G . 20.59 6.33 -7.20
H6N NDP G . 19.68 8.28 -8.37
PA NDP H . 11.28 6.28 15.17
O1A NDP H . 9.96 6.26 14.48
O2A NDP H . 12.27 7.30 14.71
O5B NDP H . 11.95 4.77 15.17
C5B NDP H . 12.95 4.53 16.10
C4B NDP H . 13.63 3.15 15.80
O4B NDP H . 12.77 2.20 16.02
C3B NDP H . 13.91 2.85 14.33
O3B NDP H . 15.01 3.54 13.87
C2B NDP H . 14.13 1.32 14.38
O2B NDP H . 15.47 1.03 14.90
C1B NDP H . 13.35 0.91 15.34
N9A NDP H . 12.13 0.25 14.91
C8A NDP H . 10.92 0.66 14.51
N7A NDP H . 10.18 -0.42 14.30
C5A NDP H . 10.89 -1.52 14.60
C6A NDP H . 10.56 -2.85 14.53
N6A NDP H . 9.34 -3.61 14.16
N1A NDP H . 11.44 -3.76 14.87
C2A NDP H . 12.67 -3.40 15.28
N3A NDP H . 13.02 -2.07 15.33
C4A NDP H . 12.11 -1.12 14.99
O3 NDP H . 11.04 6.57 16.76
PN NDP H . 10.98 8.01 17.57
O1N NDP H . 12.34 8.57 17.77
O2N NDP H . 9.98 8.87 16.85
O5D NDP H . 10.30 7.59 19.01
C5D NDP H . 11.10 6.97 20.00
C4D NDP H . 10.39 7.25 21.37
O4D NDP H . 10.18 8.52 21.48
C3D NDP H . 9.03 6.57 21.45
O3D NDP H . 8.88 6.03 22.71
C2D NDP H . 8.07 7.74 21.14
O2D NDP H . 6.74 7.45 21.69
C1D NDP H . 8.62 8.75 21.76
N1N NDP H . 8.29 10.04 21.19
C2N NDP H . 8.00 11.11 22.05
C3N NDP H . 7.66 12.44 21.47
C7N NDP H . 7.45 13.65 22.39
O7N NDP H . 7.72 13.65 23.56
N7N NDP H . 6.90 14.83 21.77
C4N NDP H . 7.19 12.55 20.01
C5N NDP H . 7.77 11.45 19.09
C6N NDP H . 8.30 10.19 19.79
P2B NDP H . 16.78 1.01 13.93
O1X NDP H . 17.58 2.33 14.07
O2X NDP H . 17.68 -0.15 14.29
O3X NDP H . 16.28 0.79 12.53
H51A NDP H . 12.57 4.52 16.99
H52A NDP H . 13.62 5.24 16.05
H4B NDP H . 14.44 3.02 16.33
H3B NDP H . 13.13 3.05 13.79
HO3A NDP H . 15.64 3.46 14.42
H2B NDP H . 13.95 0.88 13.55
H1B NDP H . 13.84 0.37 15.98
H8A NDP H . 10.67 1.54 14.39
H61A NDP H . 9.22 -3.85 13.35
H62A NDP H . 8.76 -3.79 14.77
H2A NDP H . 13.30 -4.04 15.51
H51N NDP H . 11.98 7.35 20.00
H52N NDP H . 11.14 6.02 19.83
H4D NDP H . 10.96 6.94 22.09
H3D NDP H . 8.94 5.88 20.78
HO3N NDP H . 8.73 5.21 22.65
H2D NDP H . 8.03 7.91 20.19
HO2N NDP H . 6.82 7.09 22.46
H1D NDP H . 8.44 8.72 22.71
H2N NDP H . 8.15 11.02 22.96
H71N NDP H . 6.75 15.53 22.24
H72N NDP H . 6.71 14.82 20.93
H41N NDP H . 7.46 13.42 19.66
H42N NDP H . 6.22 12.49 19.99
H5N NDP H . 7.50 11.41 18.20
H6N NDP H . 8.66 9.50 19.27
#